data_9CK7
#
_entry.id   9CK7
#
_cell.length_a   1.00
_cell.length_b   1.00
_cell.length_c   1.00
_cell.angle_alpha   90.00
_cell.angle_beta   90.00
_cell.angle_gamma   90.00
#
_symmetry.space_group_name_H-M   'P 1'
#
loop_
_entity.id
_entity.type
_entity.pdbx_description
1 polymer 'Glycoprotein GP1'
2 polymer 'Rabbit polyclonal Fv heavy chain'
3 polymer 'Rabbit polyclonal Fv light chain'
4 polymer 'Glycoprotein G2'
5 branched 2-acetamido-2-deoxy-beta-D-glucopyranose-(1-4)-2-acetamido-2-deoxy-beta-D-glucopyranose
6 branched 2-acetamido-2-deoxy-beta-D-glucopyranose-(1-4)-[alpha-L-fucopyranose-(1-6)]2-acetamido-2-deoxy-beta-D-glucopyranose
7 branched alpha-D-mannopyranose-(1-6)-beta-D-mannopyranose-(1-4)-2-acetamido-2-deoxy-beta-D-glucopyranose-(1-4)-2-acetamido-2-deoxy-beta-D-glucopyranose
8 branched alpha-D-mannopyranose-(1-2)-alpha-D-mannopyranose-(1-3)-beta-D-mannopyranose-(1-4)-2-acetamido-2-deoxy-beta-D-glucopyranose-(1-4)-2-acetamido-2-deoxy-beta-D-glucopyranose
9 non-polymer 2-acetamido-2-deoxy-beta-D-glucopyranose
#
loop_
_entity_poly.entity_id
_entity_poly.type
_entity_poly.pdbx_seq_one_letter_code
_entity_poly.pdbx_strand_id
1 'polypeptide(L)'
;MGQIVTFFQEVPHVIEEVMNIVLIALSVLAVLKGLYNFATCGLVGLVTFLLLCGRSCTTSLYKGVYELQTLELNMETLNM
TMPLSCTKNNSHHYIMVGNETGLELTLTNTSIINHKFCNLSDAHKKNLYDHALMSIISTFHLSIPNFNQYEAMSCDFNGG
KISVQYNLSHSYAGDAANHCGTVANGVLQTFMRMAWGGSYIALDSGCGNWDCIMTSYQYLIIQNTTWEDHCQFSRPSPIG
YLGLLSQRTRDIYISRRLL
;
A,B,C
2 'polypeptide(L)'
;(UNK)(UNK)(UNK)(UNK)(UNK)(UNK)(UNK)(UNK)(UNK)(UNK)(UNK)(UNK)(UNK)(UNK)(UNK)(UNK)
(UNK)(UNK)(UNK)(UNK)(UNK)(UNK)(UNK)(UNK)(UNK)(UNK)(UNK)(UNK)(UNK)(UNK)(UNK)(UNK)
(UNK)(UNK)(UNK)(UNK)(UNK)(UNK)(UNK)(UNK)(UNK)(UNK)(UNK)(UNK)(UNK)(UNK)(UNK)(UNK)
(UNK)(UNK)(UNK)(UNK)(UNK)(UNK)(UNK)(UNK)(UNK)(UNK)(UNK)(UNK)(UNK)(UNK)(UNK)(UNK)
(UNK)(UNK)(UNK)(UNK)(UNK)(UNK)(UNK)(UNK)(UNK)(UNK)(UNK)(UNK)(UNK)(UNK)(UNK)(UNK)
(UNK)(UNK)(UNK)(UNK)(UNK)(UNK)(UNK)(UNK)(UNK)(UNK)(UNK)(UNK)(UNK)(UNK)(UNK)(UNK)
(UNK)(UNK)(UNK)(UNK)(UNK)(UNK)(UNK)(UNK)(UNK)(UNK)(UNK)(UNK)(UNK)(UNK)(UNK)(UNK)
(UNK)(UNK)(UNK)(UNK)(UNK)(UNK)(UNK)
;
H
3 'polypeptide(L)'
;(UNK)(UNK)(UNK)(UNK)(UNK)(UNK)(UNK)(UNK)(UNK)(UNK)(UNK)(UNK)(UNK)(UNK)(UNK)(UNK)
(UNK)(UNK)(UNK)(UNK)(UNK)(UNK)(UNK)(UNK)(UNK)(UNK)(UNK)(UNK)(UNK)(UNK)(UNK)(UNK)
(UNK)(UNK)(UNK)(UNK)(UNK)(UNK)(UNK)(UNK)(UNK)(UNK)(UNK)(UNK)(UNK)(UNK)(UNK)(UNK)
(UNK)(UNK)(UNK)(UNK)(UNK)(UNK)(UNK)(UNK)(UNK)(UNK)(UNK)(UNK)(UNK)(UNK)(UNK)(UNK)
(UNK)(UNK)(UNK)(UNK)(UNK)(UNK)(UNK)(UNK)(UNK)(UNK)(UNK)(UNK)(UNK)(UNK)(UNK)(UNK)
(UNK)(UNK)(UNK)(UNK)(UNK)(UNK)(UNK)(UNK)(UNK)(UNK)(UNK)(UNK)(UNK)(UNK)(UNK)(UNK)
(UNK)(UNK)(UNK)(UNK)(UNK)(UNK)(UNK)(UNK)(UNK)(UNK)(UNK)(UNK)(UNK)(UNK)(UNK)(UNK)
(UNK)(UNK)(UNK)
;
L
4 'polypeptide(L)'
;GTFTWTLSDSEGKDTPGGYCLTRWMLIEAELKCFGNTAVAKCNEKHDEEFCDMLRLFDFNKQAIQRLKAPAQMSIQLINK
AVNALINDQLIMKNHLRDIMCIPYCNYSKYWYLNHTTTGRTSLPKCWLVSNGSYLNETHFSDDIEQQADNMITEMLQKEY
MERQGGSGGSGGSGGSGGSEKAAKAEEAARKMEELFKKHKIVAVLRANSVEEAIEKAVAVFAGGVHLIEITFTVPDADTV
IKALSVLKEKGAIIGAGTVTSVEQCRKAVESGAEFIVSPHLDEEISQFCKEKGVFYMPGVMTPTELVKAMKLGHDILKLF
PGEVVGPEFVKAMKGPFPNVKFVPTGGVDLDNVCEWFDAGVLAVGVGDALVEGDPDEVREKAKEFVEKIRGCTEGSLEHH
HHHHGGLNDIFEAQKIEWHE
;
a,b,c
#
loop_
_chem_comp.id
_chem_comp.type
_chem_comp.name
_chem_comp.formula
BMA D-saccharide, beta linking beta-D-mannopyranose 'C6 H12 O6'
FUC L-saccharide, alpha linking alpha-L-fucopyranose 'C6 H12 O5'
MAN D-saccharide, alpha linking alpha-D-mannopyranose 'C6 H12 O6'
NAG D-saccharide, beta linking 2-acetamido-2-deoxy-beta-D-glucopyranose 'C8 H15 N O6'
#
# COMPACT_ATOMS: atom_id res chain seq x y z
N SER A 60 -26.02 28.67 -24.00
CA SER A 60 -25.33 28.70 -22.72
C SER A 60 -26.23 28.25 -21.58
N LEU A 61 -27.52 28.59 -21.68
CA LEU A 61 -28.48 28.20 -20.65
C LEU A 61 -28.73 26.70 -20.73
N TYR A 62 -28.63 26.03 -19.59
CA TYR A 62 -28.76 24.57 -19.48
C TYR A 62 -30.04 24.24 -18.73
N LYS A 63 -30.92 23.48 -19.38
CA LYS A 63 -32.20 23.03 -18.84
C LYS A 63 -33.16 24.17 -18.50
N GLY A 64 -32.88 25.38 -18.98
CA GLY A 64 -33.71 26.53 -18.66
C GLY A 64 -33.69 26.95 -17.20
N VAL A 65 -32.74 26.44 -16.40
CA VAL A 65 -32.69 26.67 -14.96
C VAL A 65 -31.33 27.18 -14.50
N TYR A 66 -30.23 26.65 -15.05
CA TYR A 66 -28.87 27.02 -14.62
C TYR A 66 -28.01 27.28 -15.85
N GLU A 67 -26.94 28.05 -15.63
CA GLU A 67 -26.03 28.48 -16.69
C GLU A 67 -24.59 28.18 -16.27
N LEU A 68 -23.73 27.96 -17.27
CA LEU A 68 -22.35 27.55 -17.04
C LEU A 68 -21.44 28.76 -16.90
N GLN A 69 -20.41 28.61 -16.06
CA GLN A 69 -19.45 29.67 -15.79
C GLN A 69 -18.06 29.04 -15.59
N THR A 70 -17.06 29.88 -15.35
CA THR A 70 -15.67 29.46 -15.22
C THR A 70 -15.00 30.17 -14.06
N LEU A 71 -13.89 29.61 -13.59
CA LEU A 71 -13.04 30.22 -12.56
C LEU A 71 -11.58 29.93 -12.93
N GLU A 72 -10.95 30.88 -13.62
CA GLU A 72 -9.52 30.78 -13.92
C GLU A 72 -8.74 31.28 -12.73
N LEU A 73 -8.25 30.35 -11.91
CA LEU A 73 -7.57 30.70 -10.67
C LEU A 73 -6.24 31.39 -10.93
N ASN A 74 -5.87 32.29 -10.02
CA ASN A 74 -4.58 32.98 -10.03
C ASN A 74 -3.68 32.29 -9.03
N MET A 75 -2.72 31.50 -9.54
CA MET A 75 -1.79 30.80 -8.65
C MET A 75 -0.67 31.70 -8.13
N GLU A 76 -0.42 32.84 -8.77
CA GLU A 76 0.68 33.70 -8.34
C GLU A 76 0.47 34.28 -6.96
N THR A 77 -0.77 34.30 -6.46
CA THR A 77 -1.02 34.73 -5.09
C THR A 77 -0.35 33.82 -4.07
N LEU A 78 -0.12 32.55 -4.42
CA LEU A 78 0.49 31.58 -3.54
C LEU A 78 2.03 31.60 -3.55
N ASN A 79 2.59 32.68 -4.09
CA ASN A 79 4.06 32.72 -4.26
C ASN A 79 4.75 32.56 -2.93
N MET A 80 4.35 33.34 -1.95
CA MET A 80 5.07 33.39 -0.69
C MET A 80 4.91 32.11 0.12
N THR A 81 3.77 31.45 0.01
CA THR A 81 3.51 30.31 0.89
C THR A 81 4.36 29.10 0.51
N MET A 82 4.42 28.78 -0.77
CA MET A 82 5.16 27.60 -1.23
C MET A 82 5.67 27.86 -2.64
N PRO A 83 6.57 27.00 -3.15
CA PRO A 83 7.11 27.22 -4.49
C PRO A 83 6.05 27.10 -5.57
N LEU A 84 6.27 27.83 -6.67
CA LEU A 84 5.41 27.79 -7.85
C LEU A 84 6.23 27.30 -9.03
N SER A 85 5.82 26.18 -9.62
CA SER A 85 6.52 25.56 -10.73
C SER A 85 5.85 25.94 -12.04
N CYS A 86 6.62 26.52 -12.95
CA CYS A 86 6.13 26.94 -14.26
C CYS A 86 7.12 26.51 -15.33
N THR A 87 6.74 26.74 -16.59
CA THR A 87 7.50 26.36 -17.76
C THR A 87 7.92 27.63 -18.49
N LYS A 88 8.94 27.49 -19.35
CA LYS A 88 9.27 28.51 -20.34
C LYS A 88 9.22 27.96 -21.76
N ASN A 89 9.90 26.84 -22.01
CA ASN A 89 9.79 26.12 -23.28
C ASN A 89 10.07 24.64 -22.98
N ASN A 90 10.39 23.87 -24.01
CA ASN A 90 10.63 22.44 -23.82
C ASN A 90 11.83 22.19 -22.92
N SER A 91 12.89 22.98 -23.06
CA SER A 91 14.10 22.78 -22.27
C SER A 91 13.95 23.40 -20.89
N HIS A 92 13.65 24.70 -20.83
CA HIS A 92 13.73 25.46 -19.59
C HIS A 92 12.41 25.40 -18.83
N HIS A 93 12.50 25.00 -17.56
CA HIS A 93 11.38 25.05 -16.62
C HIS A 93 11.92 25.65 -15.33
N TYR A 94 11.02 26.24 -14.54
CA TYR A 94 11.42 27.10 -13.42
C TYR A 94 10.58 26.79 -12.19
N ILE A 95 11.19 27.04 -11.03
CA ILE A 95 10.50 26.99 -9.74
C ILE A 95 10.80 28.31 -9.03
N MET A 96 9.76 28.99 -8.57
CA MET A 96 9.89 30.30 -7.93
C MET A 96 9.47 30.18 -6.48
N VAL A 97 10.40 30.49 -5.58
CA VAL A 97 10.21 30.42 -4.13
C VAL A 97 10.07 31.85 -3.63
N GLY A 98 8.85 32.22 -3.23
CA GLY A 98 8.59 33.58 -2.82
C GLY A 98 8.84 34.55 -3.96
N ASN A 99 9.90 35.34 -3.86
CA ASN A 99 10.31 36.20 -4.95
C ASN A 99 11.80 36.51 -4.78
N GLU A 100 12.42 36.95 -5.88
CA GLU A 100 13.85 37.25 -5.94
C GLU A 100 14.71 36.02 -5.70
N THR A 101 14.19 34.82 -6.00
CA THR A 101 14.96 33.60 -5.88
C THR A 101 14.17 32.46 -6.52
N GLY A 102 14.89 31.46 -7.02
CA GLY A 102 14.25 30.30 -7.60
C GLY A 102 15.25 29.45 -8.35
N LEU A 103 14.78 28.25 -8.68
CA LEU A 103 15.55 27.25 -9.42
C LEU A 103 15.19 27.29 -10.91
N GLU A 104 16.17 26.94 -11.73
CA GLU A 104 16.04 26.92 -13.19
C GLU A 104 16.47 25.54 -13.66
N LEU A 105 15.51 24.63 -13.80
CA LEU A 105 15.78 23.27 -14.25
C LEU A 105 15.71 23.23 -15.77
N THR A 106 16.83 22.91 -16.42
CA THR A 106 16.92 22.88 -17.87
C THR A 106 17.45 21.54 -18.33
N LEU A 107 16.99 21.14 -19.51
CA LEU A 107 17.51 19.96 -20.22
C LEU A 107 18.39 20.49 -21.35
N THR A 108 19.68 20.13 -21.31
CA THR A 108 20.64 20.64 -22.27
C THR A 108 21.69 19.58 -22.58
N ASN A 109 22.29 19.70 -23.77
CA ASN A 109 23.37 18.81 -24.17
C ASN A 109 24.75 19.31 -23.72
N THR A 110 24.88 20.57 -23.36
CA THR A 110 26.15 21.16 -22.97
C THR A 110 26.31 21.06 -21.46
N SER A 111 27.31 20.30 -21.02
CA SER A 111 27.57 20.13 -19.60
C SER A 111 28.26 21.35 -19.03
N ILE A 112 28.04 21.58 -17.73
CA ILE A 112 28.66 22.66 -16.98
C ILE A 112 29.59 22.14 -15.88
N ILE A 113 29.22 21.02 -15.24
CA ILE A 113 30.01 20.51 -14.11
C ILE A 113 31.25 19.78 -14.59
N ASN A 114 31.07 18.82 -15.51
CA ASN A 114 32.14 18.00 -16.12
C ASN A 114 33.12 17.44 -15.09
N HIS A 115 32.61 17.02 -13.93
CA HIS A 115 33.38 16.19 -13.01
C HIS A 115 32.41 15.35 -12.20
N LYS A 116 32.92 14.28 -11.60
CA LYS A 116 32.08 13.25 -10.99
C LYS A 116 31.85 13.44 -9.50
N PHE A 117 32.41 14.48 -8.88
CA PHE A 117 32.24 14.70 -7.46
C PHE A 117 30.92 15.42 -7.17
N CYS A 118 30.52 15.42 -5.91
CA CYS A 118 29.30 16.11 -5.49
C CYS A 118 29.48 16.48 -4.01
N ASN A 119 29.86 17.73 -3.76
CA ASN A 119 30.24 18.20 -2.43
C ASN A 119 28.98 18.48 -1.61
N LEU A 120 28.32 17.40 -1.17
CA LEU A 120 27.11 17.52 -0.36
C LEU A 120 27.44 17.72 1.11
N SER A 121 28.29 16.86 1.68
CA SER A 121 28.62 16.98 3.10
C SER A 121 29.38 18.27 3.39
N ASP A 122 30.31 18.63 2.50
CA ASP A 122 31.04 19.89 2.67
C ASP A 122 30.10 21.09 2.58
N ALA A 123 29.14 21.03 1.65
CA ALA A 123 28.17 22.11 1.53
C ALA A 123 27.30 22.24 2.77
N HIS A 124 26.88 21.10 3.34
CA HIS A 124 26.14 21.14 4.60
C HIS A 124 26.98 21.73 5.72
N LYS A 125 28.26 21.36 5.78
CA LYS A 125 29.13 21.87 6.84
C LYS A 125 29.31 23.37 6.72
N LYS A 126 29.55 23.86 5.51
CA LYS A 126 29.77 25.30 5.33
C LYS A 126 28.47 26.08 5.47
N ASN A 127 27.36 25.52 4.98
CA ASN A 127 26.03 26.09 5.19
C ASN A 127 25.88 27.47 4.56
N LEU A 128 26.50 27.65 3.40
CA LEU A 128 26.37 28.90 2.65
C LEU A 128 25.17 28.92 1.70
N TYR A 129 24.66 27.75 1.31
CA TYR A 129 23.53 27.68 0.38
C TYR A 129 22.27 28.26 1.03
N ASP A 130 21.21 28.35 0.22
CA ASP A 130 19.89 28.74 0.69
C ASP A 130 19.11 27.49 1.09
N HIS A 131 18.37 27.59 2.20
CA HIS A 131 17.74 26.41 2.77
C HIS A 131 16.57 25.93 1.91
N ALA A 132 15.75 26.85 1.39
CA ALA A 132 14.57 26.45 0.64
C ALA A 132 14.93 25.74 -0.66
N LEU A 133 15.92 26.26 -1.38
CA LEU A 133 16.34 25.63 -2.63
C LEU A 133 16.96 24.26 -2.37
N MET A 134 17.75 24.14 -1.30
CA MET A 134 18.30 22.84 -0.95
C MET A 134 17.20 21.86 -0.56
N SER A 135 16.16 22.34 0.12
CA SER A 135 15.03 21.47 0.43
C SER A 135 14.34 20.99 -0.84
N ILE A 136 14.17 21.89 -1.81
CA ILE A 136 13.54 21.51 -3.07
C ILE A 136 14.38 20.48 -3.81
N ILE A 137 15.71 20.68 -3.83
CA ILE A 137 16.58 19.75 -4.54
C ILE A 137 16.61 18.40 -3.81
N SER A 138 16.57 18.42 -2.48
CA SER A 138 16.49 17.16 -1.74
C SER A 138 15.20 16.42 -2.06
N THR A 139 14.08 17.14 -2.15
CA THR A 139 12.83 16.53 -2.54
C THR A 139 12.91 15.98 -3.95
N PHE A 140 13.60 16.69 -4.85
CA PHE A 140 13.78 16.20 -6.21
C PHE A 140 14.57 14.90 -6.24
N HIS A 141 15.73 14.89 -5.58
CA HIS A 141 16.61 13.71 -5.64
C HIS A 141 15.98 12.52 -4.95
N LEU A 142 15.35 12.73 -3.80
CA LEU A 142 14.72 11.62 -3.10
C LEU A 142 13.53 11.07 -3.90
N SER A 143 12.84 11.93 -4.64
CA SER A 143 11.64 11.55 -5.38
C SER A 143 11.94 10.68 -6.60
N ILE A 144 13.20 10.50 -6.97
CA ILE A 144 13.51 9.62 -8.11
C ILE A 144 13.13 8.19 -7.72
N PRO A 145 12.32 7.47 -8.52
CA PRO A 145 11.87 6.13 -8.05
C PRO A 145 12.98 5.14 -7.80
N ASN A 146 14.02 5.13 -8.63
CA ASN A 146 15.07 4.11 -8.54
C ASN A 146 16.38 4.78 -8.96
N PHE A 147 17.13 5.26 -7.97
CA PHE A 147 18.44 5.86 -8.16
C PHE A 147 19.50 4.94 -7.57
N ASN A 148 20.39 4.44 -8.41
CA ASN A 148 21.46 3.53 -8.02
C ASN A 148 22.82 3.97 -8.53
N GLN A 149 22.90 4.52 -9.74
CA GLN A 149 24.17 4.99 -10.29
C GLN A 149 24.49 6.35 -9.71
N TYR A 150 25.35 6.38 -8.69
CA TYR A 150 25.77 7.65 -8.12
C TYR A 150 26.67 8.44 -9.06
N GLU A 151 27.29 7.79 -10.05
CA GLU A 151 28.13 8.51 -10.99
C GLU A 151 27.33 9.47 -11.86
N ALA A 152 26.02 9.28 -12.00
CA ALA A 152 25.22 10.16 -12.82
C ALA A 152 25.15 11.56 -12.25
N MET A 153 24.81 11.67 -10.97
CA MET A 153 24.64 12.98 -10.35
C MET A 153 25.99 13.61 -10.04
N SER A 154 26.12 14.90 -10.34
CA SER A 154 27.32 15.67 -10.04
C SER A 154 26.91 17.10 -9.73
N CYS A 155 27.32 17.58 -8.56
CA CYS A 155 26.86 18.86 -8.04
C CYS A 155 28.03 19.69 -7.55
N ASP A 156 27.79 21.00 -7.41
CA ASP A 156 28.74 21.87 -6.74
C ASP A 156 27.98 23.00 -6.04
N PHE A 157 28.55 23.43 -4.91
CA PHE A 157 28.03 24.51 -4.08
C PHE A 157 29.15 25.41 -3.61
N ASN A 158 30.09 25.72 -4.50
CA ASN A 158 31.22 26.55 -4.10
C ASN A 158 30.77 27.96 -3.79
N GLY A 159 31.04 28.41 -2.57
CA GLY A 159 30.67 29.75 -2.15
C GLY A 159 29.18 29.99 -2.07
N GLY A 160 28.43 29.02 -1.56
CA GLY A 160 27.00 29.18 -1.44
C GLY A 160 26.21 29.01 -2.72
N LYS A 161 26.87 28.73 -3.83
CA LYS A 161 26.17 28.45 -5.08
C LYS A 161 25.35 27.17 -4.92
N ILE A 162 24.42 26.96 -5.83
CA ILE A 162 23.70 25.69 -5.94
C ILE A 162 23.66 25.30 -7.41
N SER A 163 24.24 24.15 -7.74
CA SER A 163 24.00 23.59 -9.05
C SER A 163 24.20 22.09 -9.02
N VAL A 164 23.34 21.38 -9.77
CA VAL A 164 23.34 19.92 -9.83
C VAL A 164 23.19 19.54 -11.31
N GLN A 165 23.70 18.37 -11.67
CA GLN A 165 23.66 17.87 -13.03
C GLN A 165 23.43 16.37 -12.99
N TYR A 166 22.29 15.94 -13.54
CA TYR A 166 21.95 14.52 -13.64
C TYR A 166 22.34 14.05 -15.04
N ASN A 167 23.47 13.35 -15.14
CA ASN A 167 23.92 12.85 -16.43
C ASN A 167 22.93 11.80 -16.94
N LEU A 168 22.67 11.83 -18.25
CA LEU A 168 21.73 10.94 -18.91
C LEU A 168 22.39 10.33 -20.14
N SER A 169 22.12 9.06 -20.38
CA SER A 169 22.66 8.37 -21.55
C SER A 169 21.96 7.04 -21.75
N HIS A 179 18.93 -0.40 -23.64
CA HIS A 179 17.77 0.00 -24.43
C HIS A 179 16.83 0.88 -23.60
N CYS A 180 16.54 0.45 -22.38
CA CYS A 180 15.64 1.17 -21.49
C CYS A 180 15.88 0.67 -20.07
N GLY A 181 15.00 1.09 -19.16
CA GLY A 181 15.13 0.70 -17.77
C GLY A 181 16.38 1.24 -17.10
N THR A 182 16.67 2.52 -17.33
CA THR A 182 17.85 3.20 -16.82
C THR A 182 17.43 4.32 -15.88
N VAL A 183 18.43 4.96 -15.27
CA VAL A 183 18.16 6.05 -14.33
C VAL A 183 17.55 7.25 -15.01
N ALA A 184 17.78 7.43 -16.32
CA ALA A 184 17.21 8.56 -17.03
C ALA A 184 15.69 8.53 -17.02
N ASN A 185 15.10 7.33 -16.99
CA ASN A 185 13.64 7.22 -16.87
C ASN A 185 13.16 7.84 -15.57
N GLY A 186 13.78 7.49 -14.46
CA GLY A 186 13.38 8.05 -13.18
C GLY A 186 13.63 9.55 -13.12
N VAL A 187 14.77 10.00 -13.65
CA VAL A 187 15.10 11.42 -13.63
C VAL A 187 14.07 12.21 -14.42
N LEU A 188 13.72 11.74 -15.62
CA LEU A 188 12.76 12.46 -16.44
C LEU A 188 11.35 12.36 -15.88
N GLN A 189 11.00 11.25 -15.21
CA GLN A 189 9.69 11.14 -14.60
C GLN A 189 9.55 12.15 -13.46
N THR A 190 10.56 12.24 -12.59
CA THR A 190 10.50 13.24 -11.53
C THR A 190 10.57 14.65 -12.11
N PHE A 191 11.25 14.83 -13.24
CA PHE A 191 11.26 16.13 -13.89
C PHE A 191 9.87 16.51 -14.37
N MET A 192 9.15 15.57 -14.99
CA MET A 192 7.77 15.84 -15.39
C MET A 192 6.90 16.15 -14.20
N ARG A 193 7.01 15.35 -13.13
CA ARG A 193 6.20 15.60 -11.95
C ARG A 193 6.55 16.92 -11.26
N MET A 194 7.76 17.44 -11.47
CA MET A 194 8.09 18.77 -10.96
C MET A 194 7.46 19.85 -11.83
N ALA A 195 7.88 19.93 -13.10
CA ALA A 195 7.28 20.82 -14.08
C ALA A 195 6.07 20.09 -14.67
N TRP A 196 4.97 20.13 -13.91
CA TRP A 196 3.84 19.25 -14.15
C TRP A 196 2.80 19.87 -15.07
N GLY A 197 2.82 21.18 -15.27
CA GLY A 197 1.96 21.86 -16.21
C GLY A 197 2.68 22.19 -17.50
N GLY A 198 2.19 21.62 -18.60
CA GLY A 198 2.65 22.01 -19.93
C GLY A 198 4.02 21.53 -20.34
N SER A 199 4.62 20.58 -19.62
CA SER A 199 5.93 20.04 -19.95
C SER A 199 5.86 18.84 -20.90
N TYR A 200 4.71 18.60 -21.54
CA TYR A 200 4.55 17.45 -22.42
C TYR A 200 5.45 17.51 -23.65
N ILE A 201 5.88 18.70 -24.06
CA ILE A 201 6.64 18.84 -25.31
C ILE A 201 8.09 18.36 -25.20
N ALA A 202 8.54 17.95 -24.01
CA ALA A 202 9.91 17.47 -23.87
C ALA A 202 10.16 16.20 -24.66
N LEU A 203 9.20 15.28 -24.65
CA LEU A 203 9.37 13.98 -25.29
C LEU A 203 9.17 14.06 -26.80
N ASP A 204 9.66 13.02 -27.48
CA ASP A 204 9.28 12.83 -28.88
C ASP A 204 7.84 12.36 -29.00
N SER A 205 7.38 11.56 -28.04
CA SER A 205 6.00 11.10 -27.96
C SER A 205 5.49 11.39 -26.55
N GLY A 206 4.47 12.23 -26.44
CA GLY A 206 3.93 12.63 -25.16
C GLY A 206 2.72 11.82 -24.71
N CYS A 207 2.54 10.63 -25.30
CA CYS A 207 1.40 9.79 -24.95
C CYS A 207 1.75 8.34 -25.22
N GLY A 208 1.06 7.45 -24.50
CA GLY A 208 1.24 6.02 -24.69
C GLY A 208 2.50 5.44 -24.10
N ASN A 209 3.22 6.19 -23.26
CA ASN A 209 4.46 5.69 -22.67
C ASN A 209 4.78 6.52 -21.45
N TRP A 210 4.89 5.85 -20.29
CA TRP A 210 5.29 6.48 -19.03
C TRP A 210 6.43 5.75 -18.36
N ASP A 211 6.48 4.41 -18.46
CA ASP A 211 7.52 3.65 -17.79
C ASP A 211 8.87 3.71 -18.50
N CYS A 212 8.89 4.12 -19.77
CA CYS A 212 10.12 4.12 -20.58
C CYS A 212 10.20 5.40 -21.40
N ILE A 213 9.93 6.54 -20.75
CA ILE A 213 10.05 7.82 -21.43
C ILE A 213 11.53 8.17 -21.62
N MET A 214 11.86 8.65 -22.82
CA MET A 214 13.21 9.06 -23.17
C MET A 214 13.17 10.42 -23.82
N THR A 215 14.24 11.19 -23.63
CA THR A 215 14.39 12.52 -24.19
C THR A 215 15.70 12.61 -24.96
N SER A 216 15.71 13.50 -25.95
CA SER A 216 16.90 13.70 -26.76
C SER A 216 18.01 14.46 -26.04
N TYR A 217 17.74 15.03 -24.86
CA TYR A 217 18.72 15.83 -24.15
C TYR A 217 19.60 14.94 -23.28
N GLN A 218 20.88 15.33 -23.17
CA GLN A 218 21.89 14.51 -22.50
C GLN A 218 22.03 14.81 -21.02
N TYR A 219 21.71 16.03 -20.58
CA TYR A 219 21.90 16.44 -19.19
C TYR A 219 20.69 17.21 -18.70
N LEU A 220 20.40 17.04 -17.41
CA LEU A 220 19.41 17.84 -16.69
C LEU A 220 20.19 18.63 -15.65
N ILE A 221 20.40 19.92 -15.92
CA ILE A 221 21.23 20.77 -15.06
C ILE A 221 20.28 21.69 -14.29
N ILE A 222 20.30 21.52 -12.96
CA ILE A 222 19.54 22.39 -12.06
C ILE A 222 20.44 23.52 -11.59
N GLN A 223 19.90 24.74 -11.58
CA GLN A 223 20.64 25.93 -11.22
C GLN A 223 19.74 26.86 -10.42
N ASN A 224 20.33 27.63 -9.50
CA ASN A 224 19.63 28.74 -8.88
C ASN A 224 19.67 29.95 -9.81
N THR A 225 18.63 30.78 -9.72
CA THR A 225 18.51 31.94 -10.58
C THR A 225 17.71 33.03 -9.88
N THR A 226 17.84 34.25 -10.40
CA THR A 226 17.05 35.37 -9.95
C THR A 226 15.64 35.27 -10.53
N TRP A 227 14.80 36.25 -10.18
CA TRP A 227 13.37 36.25 -10.53
C TRP A 227 13.10 37.30 -11.61
N GLU A 228 13.24 36.85 -12.86
CA GLU A 228 12.74 37.57 -14.02
C GLU A 228 11.44 36.92 -14.48
N ASP A 229 10.81 37.51 -15.51
CA ASP A 229 9.57 36.97 -16.04
C ASP A 229 9.86 35.74 -16.89
N HIS A 230 10.29 34.65 -16.26
CA HIS A 230 10.61 33.43 -16.99
C HIS A 230 9.36 32.66 -17.41
N CYS A 231 8.28 32.75 -16.65
CA CYS A 231 7.14 31.87 -16.89
C CYS A 231 6.46 32.19 -18.21
N GLN A 232 6.21 31.14 -18.99
CA GLN A 232 5.64 31.23 -20.33
C GLN A 232 5.11 29.84 -20.65
N PHE A 233 4.28 29.73 -21.68
CA PHE A 233 3.64 28.46 -22.03
C PHE A 233 2.71 28.14 -20.84
N SER A 234 3.03 27.17 -19.99
CA SER A 234 2.22 26.95 -18.80
C SER A 234 2.38 28.13 -17.85
N ARG A 235 1.35 28.33 -17.02
CA ARG A 235 1.33 29.39 -16.02
C ARG A 235 1.77 28.81 -14.68
N PRO A 236 2.07 29.67 -13.66
CA PRO A 236 2.50 29.12 -12.36
C PRO A 236 1.49 28.19 -11.73
N SER A 237 1.99 27.12 -11.13
CA SER A 237 1.15 26.05 -10.59
C SER A 237 1.91 25.32 -9.47
N PRO A 238 1.55 25.48 -8.19
CA PRO A 238 2.27 24.74 -7.14
C PRO A 238 1.89 23.28 -7.02
N ILE A 239 1.03 22.75 -7.91
CA ILE A 239 0.51 21.40 -7.74
C ILE A 239 1.62 20.36 -7.88
N GLY A 240 2.56 20.58 -8.81
CA GLY A 240 3.60 19.60 -9.04
C GLY A 240 4.52 19.42 -7.85
N TYR A 241 4.92 20.52 -7.22
CA TYR A 241 5.83 20.42 -6.07
C TYR A 241 5.17 19.70 -4.91
N LEU A 242 3.91 20.02 -4.61
CA LEU A 242 3.21 19.34 -3.53
C LEU A 242 2.94 17.88 -3.89
N GLY A 243 2.77 17.58 -5.17
CA GLY A 243 2.65 16.18 -5.57
C GLY A 243 3.91 15.39 -5.31
N LEU A 244 5.06 15.96 -5.66
CA LEU A 244 6.35 15.33 -5.33
C LEU A 244 6.56 15.25 -3.82
N LEU A 245 6.10 16.25 -3.07
CA LEU A 245 6.47 16.35 -1.66
C LEU A 245 5.93 15.20 -0.81
N SER A 246 4.93 14.46 -1.29
CA SER A 246 4.43 13.30 -0.56
C SER A 246 5.21 12.03 -0.88
N GLN A 247 5.80 11.93 -2.07
CA GLN A 247 6.48 10.74 -2.55
C GLN A 247 8.00 10.85 -2.42
N ARG A 248 8.46 11.46 -1.32
CA ARG A 248 9.89 11.69 -1.16
C ARG A 248 10.66 10.38 -1.03
N THR A 249 10.23 9.51 -0.10
CA THR A 249 10.94 8.28 0.25
C THR A 249 10.07 7.05 0.06
N ARG A 250 9.15 7.09 -0.91
CA ARG A 250 8.28 5.95 -1.16
C ARG A 250 8.99 4.81 -1.86
N ASP A 251 10.07 5.09 -2.60
CA ASP A 251 10.82 4.04 -3.30
C ASP A 251 12.27 4.51 -3.37
N ILE A 252 13.08 4.04 -2.42
CA ILE A 252 14.52 4.27 -2.40
C ILE A 252 15.20 2.92 -2.22
N TYR A 253 16.21 2.66 -3.05
CA TYR A 253 17.00 1.46 -2.90
C TYR A 253 17.91 1.61 -1.70
N ILE A 254 17.95 0.57 -0.85
CA ILE A 254 18.86 0.58 0.28
C ILE A 254 20.30 0.64 -0.23
N SER A 255 21.16 1.27 0.57
CA SER A 255 22.59 1.30 0.32
C SER A 255 23.42 0.81 1.49
N ARG A 256 22.86 0.74 2.70
CA ARG A 256 23.55 0.32 3.89
C ARG A 256 22.65 -0.63 4.67
N ARG A 257 23.24 -1.62 5.33
CA ARG A 257 22.46 -2.51 6.17
C ARG A 257 21.82 -1.75 7.32
N LEU A 258 22.58 -0.87 7.97
CA LEU A 258 22.08 0.00 9.03
C LEU A 258 21.69 1.33 8.43
N LEU A 259 20.43 1.72 8.61
CA LEU A 259 19.89 2.92 7.97
C LEU A 259 20.24 4.17 8.77
N SER B 60 -35.33 -19.49 2.87
CA SER B 60 -33.91 -19.36 3.16
C SER B 60 -33.45 -17.93 2.91
N LEU B 61 -34.28 -16.97 3.34
CA LEU B 61 -34.05 -15.54 3.11
C LEU B 61 -34.08 -14.79 4.42
N TYR B 62 -33.30 -13.72 4.48
CA TYR B 62 -33.24 -12.85 5.66
C TYR B 62 -34.27 -11.74 5.50
N LYS B 63 -35.17 -11.61 6.49
CA LYS B 63 -36.25 -10.63 6.47
C LYS B 63 -37.14 -10.80 5.24
N GLY B 64 -37.31 -12.04 4.78
CA GLY B 64 -38.30 -12.34 3.75
C GLY B 64 -37.85 -12.15 2.32
N VAL B 65 -37.23 -11.01 2.00
CA VAL B 65 -37.04 -10.57 0.62
C VAL B 65 -35.58 -10.25 0.31
N TYR B 66 -34.64 -10.97 0.96
CA TYR B 66 -33.21 -10.76 0.71
C TYR B 66 -32.51 -12.11 0.68
N GLU B 67 -31.84 -12.41 -0.44
CA GLU B 67 -30.96 -13.57 -0.56
C GLU B 67 -29.56 -13.16 -0.17
N LEU B 68 -28.88 -14.04 0.57
CA LEU B 68 -27.49 -13.83 0.99
C LEU B 68 -26.60 -14.58 -0.01
N GLN B 69 -26.22 -13.89 -1.08
CA GLN B 69 -25.39 -14.45 -2.13
C GLN B 69 -23.92 -14.10 -1.88
N THR B 70 -23.07 -15.12 -1.93
CA THR B 70 -21.66 -15.01 -1.59
C THR B 70 -20.85 -14.70 -2.84
N LEU B 71 -19.74 -14.00 -2.64
CA LEU B 71 -18.83 -13.59 -3.72
C LEU B 71 -17.41 -13.89 -3.29
N GLU B 72 -16.75 -14.78 -4.03
CA GLU B 72 -15.33 -15.08 -3.83
C GLU B 72 -14.54 -14.43 -4.96
N LEU B 73 -13.48 -13.71 -4.59
CA LEU B 73 -12.74 -12.86 -5.51
C LEU B 73 -11.38 -13.48 -5.81
N ASN B 74 -10.99 -13.42 -7.09
CA ASN B 74 -9.74 -14.02 -7.59
C ASN B 74 -8.69 -12.92 -7.71
N MET B 75 -7.67 -12.99 -6.86
CA MET B 75 -6.58 -12.02 -6.88
C MET B 75 -5.39 -12.46 -7.75
N GLU B 76 -5.45 -13.66 -8.36
CA GLU B 76 -4.45 -14.04 -9.34
C GLU B 76 -4.50 -13.18 -10.60
N THR B 77 -5.63 -12.53 -10.87
CA THR B 77 -5.73 -11.67 -12.05
C THR B 77 -4.78 -10.48 -11.97
N LEU B 78 -4.39 -10.05 -10.78
CA LEU B 78 -3.51 -8.90 -10.60
C LEU B 78 -2.02 -9.25 -10.75
N ASN B 79 -1.68 -10.39 -11.35
CA ASN B 79 -0.30 -10.83 -11.36
C ASN B 79 0.58 -9.93 -12.23
N MET B 80 0.02 -9.31 -13.27
CA MET B 80 0.86 -8.62 -14.25
C MET B 80 1.44 -7.33 -13.69
N THR B 81 0.58 -6.41 -13.25
CA THR B 81 1.01 -5.04 -12.95
C THR B 81 1.40 -4.82 -11.50
N MET B 82 1.42 -5.85 -10.65
CA MET B 82 1.77 -5.64 -9.25
C MET B 82 2.06 -6.99 -8.61
N PRO B 83 2.92 -7.05 -7.57
CA PRO B 83 3.34 -8.35 -7.05
C PRO B 83 2.22 -9.09 -6.34
N LEU B 84 2.39 -10.41 -6.24
CA LEU B 84 1.53 -11.27 -5.45
C LEU B 84 2.41 -12.12 -4.53
N SER B 85 1.81 -12.65 -3.47
CA SER B 85 2.54 -13.44 -2.47
C SER B 85 1.72 -14.67 -2.08
N CYS B 86 2.43 -15.76 -1.79
CA CYS B 86 1.77 -17.03 -1.48
C CYS B 86 2.74 -17.94 -0.74
N THR B 87 2.28 -19.17 -0.47
CA THR B 87 3.00 -20.13 0.36
C THR B 87 2.81 -21.53 -0.21
N LYS B 88 3.83 -22.39 -0.03
CA LYS B 88 3.71 -23.80 -0.42
C LYS B 88 4.37 -24.75 0.58
N ASN B 89 4.64 -24.31 1.80
CA ASN B 89 5.38 -25.13 2.76
C ASN B 89 5.34 -24.38 4.10
N ASN B 90 5.89 -25.01 5.13
CA ASN B 90 6.20 -24.26 6.34
C ASN B 90 7.28 -23.23 6.05
N SER B 91 8.32 -23.63 5.34
CA SER B 91 9.31 -22.74 4.76
C SER B 91 8.86 -22.38 3.34
N HIS B 92 9.77 -21.82 2.54
CA HIS B 92 9.62 -21.71 1.08
C HIS B 92 8.35 -20.94 0.70
N HIS B 93 8.19 -19.76 1.31
CA HIS B 93 7.15 -18.84 0.89
C HIS B 93 7.63 -18.12 -0.36
N TYR B 94 6.71 -17.46 -1.07
CA TYR B 94 7.01 -16.98 -2.41
C TYR B 94 6.35 -15.63 -2.68
N ILE B 95 7.02 -14.85 -3.52
CA ILE B 95 6.50 -13.62 -4.09
C ILE B 95 6.74 -13.72 -5.58
N MET B 96 5.78 -13.25 -6.39
CA MET B 96 5.92 -13.20 -7.83
C MET B 96 5.70 -11.77 -8.29
N VAL B 97 6.60 -11.27 -9.12
CA VAL B 97 6.43 -9.93 -9.68
C VAL B 97 5.42 -9.98 -10.82
N GLY B 98 5.74 -10.74 -11.85
CA GLY B 98 4.81 -11.20 -12.86
C GLY B 98 4.92 -12.70 -12.98
N ASN B 99 4.69 -13.20 -14.19
CA ASN B 99 5.08 -14.56 -14.50
C ASN B 99 6.57 -14.61 -14.80
N GLU B 100 7.14 -15.83 -14.71
CA GLU B 100 8.57 -16.11 -14.93
C GLU B 100 9.51 -15.17 -14.17
N THR B 101 9.08 -14.62 -13.04
CA THR B 101 9.95 -13.77 -12.21
C THR B 101 9.39 -13.64 -10.81
N GLY B 102 10.20 -13.98 -9.80
CA GLY B 102 9.76 -13.77 -8.44
C GLY B 102 10.89 -13.97 -7.47
N LEU B 103 10.56 -13.75 -6.20
CA LEU B 103 11.44 -13.99 -5.06
C LEU B 103 10.92 -15.18 -4.27
N GLU B 104 11.83 -15.84 -3.57
CA GLU B 104 11.55 -17.01 -2.75
C GLU B 104 12.08 -16.72 -1.35
N LEU B 105 11.17 -16.64 -0.39
CA LEU B 105 11.50 -16.49 1.03
C LEU B 105 11.65 -17.89 1.60
N THR B 106 12.86 -18.43 1.48
CA THR B 106 13.19 -19.74 2.05
C THR B 106 13.59 -19.54 3.50
N LEU B 107 12.75 -19.96 4.42
CA LEU B 107 12.98 -19.82 5.85
C LEU B 107 13.47 -21.18 6.32
N THR B 108 14.79 -21.33 6.43
CA THR B 108 15.45 -22.63 6.60
C THR B 108 16.34 -22.62 7.84
N ASN B 109 17.01 -23.75 8.06
CA ASN B 109 17.91 -23.97 9.19
C ASN B 109 19.35 -24.20 8.78
N THR B 110 19.70 -23.96 7.51
CA THR B 110 21.07 -24.08 7.01
C THR B 110 21.40 -22.88 6.16
N SER B 111 22.60 -22.33 6.37
CA SER B 111 23.04 -21.13 5.68
C SER B 111 23.63 -21.47 4.32
N ILE B 112 23.65 -20.46 3.44
CA ILE B 112 24.29 -20.55 2.13
C ILE B 112 25.34 -19.45 1.96
N ILE B 113 25.17 -18.33 2.67
CA ILE B 113 26.11 -17.22 2.63
C ILE B 113 26.78 -17.09 3.98
N ASN B 114 27.93 -17.76 4.14
CA ASN B 114 28.75 -17.54 5.33
C ASN B 114 29.45 -16.20 5.30
N HIS B 115 29.57 -15.57 4.14
CA HIS B 115 30.25 -14.29 4.03
C HIS B 115 29.41 -13.20 4.67
N LYS B 116 29.94 -12.55 5.70
CA LYS B 116 29.21 -11.49 6.39
C LYS B 116 29.25 -10.15 5.65
N PHE B 117 29.91 -10.07 4.49
CA PHE B 117 30.06 -8.83 3.74
C PHE B 117 28.89 -8.73 2.76
N CYS B 118 28.10 -7.67 2.88
CA CYS B 118 26.95 -7.54 1.98
C CYS B 118 27.37 -7.04 0.59
N ASN B 119 28.21 -6.02 0.52
CA ASN B 119 28.72 -5.47 -0.75
C ASN B 119 27.58 -5.07 -1.69
N LEU B 120 26.73 -4.16 -1.20
CA LEU B 120 25.51 -3.82 -1.92
C LEU B 120 25.68 -2.58 -2.80
N SER B 121 26.56 -1.66 -2.40
CA SER B 121 26.82 -0.50 -3.24
C SER B 121 27.48 -0.91 -4.55
N ASP B 122 28.36 -1.92 -4.51
CA ASP B 122 28.96 -2.42 -5.74
C ASP B 122 27.91 -3.02 -6.67
N ALA B 123 26.83 -3.57 -6.10
CA ALA B 123 25.72 -4.03 -6.94
C ALA B 123 25.07 -2.86 -7.66
N HIS B 124 24.93 -1.72 -6.98
CA HIS B 124 24.41 -0.52 -7.65
C HIS B 124 25.38 -0.03 -8.72
N LYS B 125 26.68 -0.20 -8.49
CA LYS B 125 27.66 0.23 -9.50
C LYS B 125 27.49 -0.56 -10.80
N LYS B 126 27.41 -1.88 -10.71
CA LYS B 126 27.20 -2.75 -11.86
C LYS B 126 25.71 -3.08 -11.92
N ASN B 127 24.96 -2.26 -12.66
CA ASN B 127 23.51 -2.38 -12.69
C ASN B 127 23.09 -3.61 -13.49
N LEU B 128 22.93 -4.74 -12.79
CA LEU B 128 22.51 -6.00 -13.37
C LEU B 128 21.31 -6.61 -12.67
N TYR B 129 21.09 -6.32 -11.40
CA TYR B 129 19.95 -6.86 -10.67
C TYR B 129 18.64 -6.34 -11.28
N ASP B 130 17.61 -7.17 -11.20
CA ASP B 130 16.29 -6.74 -11.63
C ASP B 130 15.77 -5.64 -10.70
N HIS B 131 15.19 -4.60 -11.30
CA HIS B 131 14.78 -3.44 -10.50
C HIS B 131 13.60 -3.76 -9.61
N ALA B 132 12.64 -4.55 -10.09
CA ALA B 132 11.48 -4.90 -9.27
C ALA B 132 11.89 -5.76 -8.07
N LEU B 133 12.78 -6.73 -8.29
CA LEU B 133 13.22 -7.58 -7.19
C LEU B 133 13.99 -6.78 -6.16
N MET B 134 14.86 -5.87 -6.61
CA MET B 134 15.57 -5.01 -5.66
C MET B 134 14.61 -4.07 -4.94
N SER B 135 13.55 -3.63 -5.62
CA SER B 135 12.55 -2.80 -4.95
C SER B 135 11.85 -3.58 -3.84
N ILE B 136 11.53 -4.85 -4.10
CA ILE B 136 10.90 -5.66 -3.07
C ILE B 136 11.87 -5.93 -1.93
N ILE B 137 13.16 -6.12 -2.24
CA ILE B 137 14.17 -6.31 -1.21
C ILE B 137 14.27 -5.06 -0.34
N SER B 138 14.27 -3.89 -0.97
CA SER B 138 14.33 -2.64 -0.22
C SER B 138 13.09 -2.44 0.64
N THR B 139 11.92 -2.80 0.10
CA THR B 139 10.70 -2.72 0.88
C THR B 139 10.75 -3.63 2.09
N PHE B 140 11.29 -4.83 1.92
CA PHE B 140 11.39 -5.75 3.05
C PHE B 140 12.37 -5.24 4.09
N HIS B 141 13.59 -4.85 3.66
CA HIS B 141 14.61 -4.46 4.62
C HIS B 141 14.25 -3.16 5.32
N LEU B 142 13.77 -2.16 4.58
CA LEU B 142 13.35 -0.91 5.19
C LEU B 142 12.17 -1.09 6.14
N SER B 143 11.37 -2.14 5.96
CA SER B 143 10.20 -2.39 6.79
C SER B 143 10.51 -3.24 8.02
N ILE B 144 11.75 -3.64 8.24
CA ILE B 144 12.09 -4.42 9.43
C ILE B 144 12.04 -3.42 10.59
N PRO B 145 11.21 -3.63 11.63
CA PRO B 145 11.22 -2.68 12.75
C PRO B 145 12.53 -2.79 13.53
N ASN B 146 12.94 -1.65 14.12
CA ASN B 146 14.13 -1.45 14.99
C ASN B 146 15.31 -2.36 14.63
N PHE B 147 15.67 -2.38 13.35
CA PHE B 147 16.84 -3.15 12.92
C PHE B 147 18.10 -2.44 13.39
N ASN B 148 18.91 -3.13 14.20
CA ASN B 148 20.03 -2.52 14.91
C ASN B 148 21.33 -3.33 14.84
N GLN B 149 21.38 -4.41 14.08
CA GLN B 149 22.59 -5.23 13.94
C GLN B 149 22.83 -5.50 12.46
N TYR B 150 23.85 -4.84 11.89
CA TYR B 150 24.23 -5.12 10.51
C TYR B 150 24.92 -6.48 10.40
N GLU B 151 25.53 -6.98 11.47
CA GLU B 151 26.21 -8.27 11.41
C GLU B 151 25.22 -9.40 11.17
N ALA B 152 23.99 -9.28 11.68
CA ALA B 152 22.97 -10.31 11.50
C ALA B 152 22.23 -10.12 10.18
N MET B 153 23.02 -10.13 9.09
CA MET B 153 22.51 -10.01 7.74
C MET B 153 23.68 -10.24 6.79
N SER B 154 23.40 -10.88 5.66
CA SER B 154 24.40 -11.14 4.66
C SER B 154 23.74 -11.08 3.30
N CYS B 155 24.54 -10.88 2.26
CA CYS B 155 24.03 -10.65 0.92
C CYS B 155 24.89 -11.45 -0.03
N ASP B 156 24.46 -11.55 -1.29
CA ASP B 156 25.36 -12.04 -2.33
C ASP B 156 24.79 -11.58 -3.68
N PHE B 157 25.38 -10.52 -4.22
CA PHE B 157 25.02 -9.98 -5.53
C PHE B 157 26.15 -10.27 -6.48
N ASN B 158 25.85 -10.98 -7.57
CA ASN B 158 26.88 -11.38 -8.52
C ASN B 158 26.19 -11.63 -9.86
N GLY B 159 26.48 -10.79 -10.84
CA GLY B 159 25.84 -10.94 -12.15
C GLY B 159 24.34 -10.76 -12.11
N GLY B 160 23.86 -9.80 -11.31
CA GLY B 160 22.45 -9.58 -11.16
C GLY B 160 21.76 -10.52 -10.18
N LYS B 161 22.49 -11.45 -9.58
CA LYS B 161 21.91 -12.37 -8.61
C LYS B 161 21.45 -11.60 -7.38
N ILE B 162 20.41 -12.11 -6.73
CA ILE B 162 19.91 -11.58 -5.47
C ILE B 162 19.82 -12.74 -4.49
N SER B 163 20.58 -12.65 -3.39
CA SER B 163 20.55 -13.68 -2.36
C SER B 163 20.84 -12.96 -1.03
N VAL B 164 19.77 -12.58 -0.33
CA VAL B 164 19.85 -11.79 0.89
C VAL B 164 19.47 -12.69 2.06
N GLN B 165 20.40 -12.86 3.00
CA GLN B 165 20.21 -13.71 4.17
C GLN B 165 19.99 -12.84 5.39
N TYR B 166 19.08 -13.28 6.26
CA TYR B 166 18.85 -12.69 7.57
C TYR B 166 19.09 -13.77 8.61
N ASN B 167 20.14 -13.60 9.41
CA ASN B 167 20.38 -14.48 10.54
C ASN B 167 19.25 -14.34 11.55
N LEU B 168 18.90 -15.45 12.22
CA LEU B 168 17.86 -15.46 13.24
C LEU B 168 18.31 -16.18 14.51
N SER B 169 19.61 -16.38 14.69
CA SER B 169 20.12 -17.03 15.89
C SER B 169 20.31 -16.02 17.02
N HIS B 179 16.36 -13.81 23.44
CA HIS B 179 15.42 -13.20 24.37
C HIS B 179 14.35 -12.41 23.64
N CYS B 180 13.31 -12.02 24.36
CA CYS B 180 12.21 -11.27 23.77
C CYS B 180 12.68 -9.89 23.33
N GLY B 181 12.44 -9.56 22.06
CA GLY B 181 12.78 -8.24 21.53
C GLY B 181 14.15 -8.14 20.91
N THR B 182 14.44 -9.01 19.94
CA THR B 182 15.70 -9.04 19.21
C THR B 182 15.46 -8.72 17.74
N VAL B 183 16.52 -8.81 16.94
CA VAL B 183 16.42 -8.54 15.51
C VAL B 183 15.57 -9.60 14.83
N ALA B 184 15.66 -10.85 15.30
CA ALA B 184 14.87 -11.93 14.71
C ALA B 184 13.38 -11.67 14.83
N ASN B 185 12.95 -11.03 15.91
CA ASN B 185 11.53 -10.71 16.06
C ASN B 185 11.07 -9.76 14.97
N GLY B 186 11.85 -8.71 14.69
CA GLY B 186 11.48 -7.79 13.63
C GLY B 186 11.50 -8.45 12.27
N VAL B 187 12.52 -9.28 12.01
CA VAL B 187 12.60 -9.97 10.73
C VAL B 187 11.39 -10.87 10.53
N LEU B 188 11.03 -11.63 11.56
CA LEU B 188 9.89 -12.54 11.45
C LEU B 188 8.57 -11.79 11.36
N GLN B 189 8.45 -10.65 12.04
CA GLN B 189 7.24 -9.84 11.92
C GLN B 189 7.05 -9.36 10.49
N THR B 190 8.11 -8.79 9.89
CA THR B 190 7.99 -8.34 8.52
C THR B 190 7.81 -9.50 7.55
N PHE B 191 8.38 -10.67 7.87
CA PHE B 191 8.19 -11.84 7.01
C PHE B 191 6.73 -12.30 7.03
N MET B 192 6.13 -12.38 8.22
CA MET B 192 4.70 -12.71 8.31
C MET B 192 3.87 -11.68 7.57
N ARG B 193 4.21 -10.41 7.73
CA ARG B 193 3.37 -9.36 7.18
C ARG B 193 3.49 -9.27 5.66
N MET B 194 4.64 -9.67 5.10
CA MET B 194 4.76 -9.71 3.65
C MET B 194 3.97 -10.88 3.07
N ALA B 195 4.06 -12.04 3.69
CA ALA B 195 3.40 -13.27 3.23
C ALA B 195 2.16 -13.57 4.04
N TRP B 196 1.40 -12.54 4.40
CA TRP B 196 0.15 -12.71 5.14
C TRP B 196 -0.84 -13.51 4.31
N GLY B 197 -1.45 -14.52 4.95
CA GLY B 197 -2.38 -15.44 4.30
C GLY B 197 -1.98 -16.89 4.47
N GLY B 198 -0.68 -17.17 4.51
CA GLY B 198 -0.15 -18.52 4.71
C GLY B 198 1.09 -18.57 5.57
N SER B 199 1.34 -17.52 6.36
CA SER B 199 2.47 -17.47 7.28
C SER B 199 2.15 -17.98 8.67
N TYR B 200 0.89 -18.34 8.94
CA TYR B 200 0.51 -18.85 10.26
C TYR B 200 1.24 -20.15 10.57
N ILE B 201 1.36 -21.05 9.58
CA ILE B 201 2.02 -22.33 9.80
C ILE B 201 3.51 -22.15 10.06
N ALA B 202 4.12 -21.10 9.49
CA ALA B 202 5.58 -21.00 9.47
C ALA B 202 6.15 -20.78 10.86
N LEU B 203 5.53 -19.90 11.66
CA LEU B 203 6.10 -19.40 12.89
C LEU B 203 5.35 -19.99 14.08
N ASP B 204 6.11 -20.43 15.09
CA ASP B 204 5.54 -21.18 16.20
C ASP B 204 4.77 -20.32 17.19
N SER B 205 4.78 -18.99 17.05
CA SER B 205 4.11 -18.13 18.00
C SER B 205 2.60 -18.32 17.93
N GLY B 206 1.91 -17.87 18.99
CA GLY B 206 0.48 -18.05 19.13
C GLY B 206 -0.33 -16.88 18.63
N CYS B 207 -1.03 -16.22 19.57
CA CYS B 207 -1.96 -15.14 19.25
C CYS B 207 -1.66 -13.87 20.04
N GLY B 208 -1.09 -14.02 21.25
CA GLY B 208 -0.86 -12.91 22.14
C GLY B 208 0.59 -12.74 22.58
N ASN B 209 1.54 -13.00 21.67
CA ASN B 209 2.96 -12.79 21.92
C ASN B 209 3.59 -12.13 20.70
N TRP B 210 2.95 -11.08 20.20
CA TRP B 210 3.42 -10.42 19.00
C TRP B 210 4.67 -9.57 19.24
N ASP B 211 4.92 -9.18 20.49
CA ASP B 211 6.10 -8.35 20.80
C ASP B 211 7.39 -9.05 20.43
N CYS B 212 7.41 -10.38 20.48
CA CYS B 212 8.58 -11.14 20.07
C CYS B 212 8.15 -12.52 19.62
N ILE B 213 8.53 -12.88 18.40
CA ILE B 213 8.18 -14.15 17.77
C ILE B 213 9.37 -15.09 17.92
N MET B 214 9.13 -16.27 18.49
CA MET B 214 10.13 -17.33 18.59
C MET B 214 9.87 -18.36 17.51
N THR B 215 10.95 -18.84 16.89
CA THR B 215 10.86 -19.78 15.79
C THR B 215 12.03 -20.76 15.88
N SER B 216 11.72 -22.05 15.69
CA SER B 216 12.76 -23.07 15.79
C SER B 216 13.80 -22.91 14.68
N TYR B 217 13.39 -22.45 13.51
CA TYR B 217 14.33 -22.26 12.41
C TYR B 217 15.30 -21.13 12.74
N GLN B 218 16.41 -21.08 12.00
CA GLN B 218 17.55 -20.24 12.34
C GLN B 218 18.00 -19.29 11.25
N TYR B 219 17.43 -19.34 10.04
CA TYR B 219 17.85 -18.45 8.96
C TYR B 219 16.65 -18.14 8.07
N LEU B 220 16.63 -16.92 7.55
CA LEU B 220 15.73 -16.54 6.47
C LEU B 220 16.58 -16.17 5.26
N ILE B 221 16.09 -16.50 4.07
CA ILE B 221 16.83 -16.29 2.82
C ILE B 221 15.83 -15.77 1.80
N ILE B 222 16.25 -14.78 1.01
CA ILE B 222 15.44 -14.23 -0.07
C ILE B 222 16.26 -14.40 -1.35
N GLN B 223 15.74 -15.20 -2.28
CA GLN B 223 16.46 -15.56 -3.51
C GLN B 223 15.59 -15.35 -4.73
N ASN B 224 16.18 -14.85 -5.82
CA ASN B 224 15.45 -14.73 -7.07
C ASN B 224 15.21 -16.12 -7.66
N THR B 225 14.03 -16.31 -8.25
CA THR B 225 13.68 -17.57 -8.89
C THR B 225 12.68 -17.33 -10.02
N THR B 226 12.80 -18.15 -11.07
CA THR B 226 11.78 -18.20 -12.09
C THR B 226 10.51 -18.80 -11.51
N TRP B 227 9.36 -18.33 -11.99
CA TRP B 227 8.08 -18.74 -11.38
C TRP B 227 7.64 -20.14 -11.81
N GLU B 228 7.73 -21.12 -10.91
CA GLU B 228 7.23 -22.48 -11.21
C GLU B 228 5.78 -22.54 -10.71
N ASP B 229 5.24 -23.75 -10.56
CA ASP B 229 3.86 -23.91 -10.03
C ASP B 229 3.88 -23.85 -8.52
N HIS B 230 4.19 -22.68 -7.94
CA HIS B 230 4.17 -22.51 -6.46
C HIS B 230 2.77 -22.04 -6.02
N CYS B 231 2.63 -21.58 -4.78
CA CYS B 231 1.32 -21.10 -4.26
C CYS B 231 0.42 -22.30 -3.91
N GLN B 232 1.01 -23.47 -3.69
CA GLN B 232 0.23 -24.69 -3.40
C GLN B 232 -0.55 -24.60 -2.08
N PHE B 233 0.03 -24.07 -1.00
CA PHE B 233 -0.65 -24.11 0.32
C PHE B 233 -1.59 -22.91 0.52
N SER B 234 -1.17 -21.73 0.11
CA SER B 234 -1.96 -20.52 0.31
C SER B 234 -2.30 -19.88 -1.03
N ARG B 235 -3.46 -19.24 -1.08
CA ARG B 235 -3.87 -18.53 -2.28
C ARG B 235 -2.98 -17.30 -2.48
N PRO B 236 -2.79 -16.84 -3.72
CA PRO B 236 -2.09 -15.57 -3.92
C PRO B 236 -2.81 -14.41 -3.26
N SER B 237 -2.04 -13.49 -2.70
CA SER B 237 -2.56 -12.36 -1.94
C SER B 237 -1.58 -11.19 -1.99
N PRO B 238 -1.88 -10.07 -2.67
CA PRO B 238 -0.96 -8.94 -2.67
C PRO B 238 -1.06 -8.04 -1.45
N ILE B 239 -1.81 -8.44 -0.42
CA ILE B 239 -2.15 -7.52 0.66
C ILE B 239 -0.91 -7.17 1.49
N GLY B 240 -0.02 -8.14 1.70
CA GLY B 240 1.15 -7.90 2.52
C GLY B 240 2.10 -6.88 1.92
N TYR B 241 2.37 -6.98 0.62
CA TYR B 241 3.30 -6.06 -0.02
C TYR B 241 2.76 -4.64 -0.03
N LEU B 242 1.49 -4.48 -0.36
CA LEU B 242 0.87 -3.16 -0.32
C LEU B 242 0.84 -2.62 1.10
N GLY B 243 0.71 -3.50 2.09
CA GLY B 243 0.84 -3.05 3.48
C GLY B 243 2.23 -2.55 3.80
N LEU B 244 3.26 -3.28 3.34
CA LEU B 244 4.64 -2.86 3.59
C LEU B 244 5.02 -1.59 2.84
N LEU B 245 4.31 -1.24 1.78
CA LEU B 245 4.64 -0.01 1.06
C LEU B 245 4.49 1.22 1.96
N SER B 246 3.49 1.26 2.83
CA SER B 246 3.38 2.34 3.80
C SER B 246 4.38 2.20 4.93
N GLN B 247 4.92 1.01 5.16
CA GLN B 247 5.83 0.73 6.26
C GLN B 247 7.24 1.25 6.03
N ARG B 248 7.59 1.64 4.79
CA ARG B 248 8.96 1.99 4.46
C ARG B 248 9.40 3.23 5.23
N THR B 249 10.59 3.16 5.84
CA THR B 249 11.25 4.25 6.55
C THR B 249 10.42 4.82 7.68
N ARG B 250 9.45 4.07 8.22
CA ARG B 250 8.61 4.56 9.31
C ARG B 250 9.24 4.29 10.67
N ASP B 251 9.91 3.14 10.83
CA ASP B 251 10.54 2.74 12.08
C ASP B 251 11.99 2.33 11.76
N ILE B 252 12.89 3.31 11.80
CA ILE B 252 14.31 3.10 11.53
C ILE B 252 15.11 3.80 12.64
N TYR B 253 16.18 3.14 13.08
CA TYR B 253 17.08 3.72 14.06
C TYR B 253 18.10 4.60 13.37
N ILE B 254 18.29 5.81 13.90
CA ILE B 254 19.33 6.69 13.36
C ILE B 254 20.70 6.05 13.57
N SER B 255 21.55 6.14 12.55
CA SER B 255 22.94 5.71 12.62
C SER B 255 23.93 6.80 12.23
N ARG B 256 23.51 7.84 11.54
CA ARG B 256 24.34 8.99 11.20
C ARG B 256 23.56 10.25 11.50
N ARG B 257 24.28 11.30 11.91
CA ARG B 257 23.61 12.56 12.24
C ARG B 257 22.94 13.17 11.03
N LEU B 258 23.63 13.17 9.88
CA LEU B 258 23.12 13.80 8.66
C LEU B 258 22.20 12.90 7.84
N LEU B 259 22.09 11.62 8.18
CA LEU B 259 21.25 10.67 7.44
C LEU B 259 21.69 10.56 5.99
N SER C 60 -24.55 26.87 31.64
CA SER C 60 -25.96 27.22 31.71
C SER C 60 -26.79 26.35 30.76
N LEU C 61 -28.09 26.33 30.98
CA LEU C 61 -29.00 25.55 30.14
C LEU C 61 -29.30 26.33 28.86
N TYR C 62 -29.16 25.67 27.72
CA TYR C 62 -29.43 26.24 26.41
C TYR C 62 -30.73 25.68 25.88
N LYS C 63 -31.63 26.58 25.44
CA LYS C 63 -32.96 26.23 24.97
C LYS C 63 -33.82 25.55 26.04
N GLY C 64 -33.48 25.73 27.31
CA GLY C 64 -34.29 25.25 28.41
C GLY C 64 -34.13 23.78 28.76
N VAL C 65 -33.58 22.96 27.85
CA VAL C 65 -33.51 21.51 28.04
C VAL C 65 -32.08 20.99 27.87
N TYR C 66 -31.26 21.69 27.08
CA TYR C 66 -29.91 21.23 26.74
C TYR C 66 -28.91 21.90 27.67
N GLU C 67 -28.30 21.12 28.55
CA GLU C 67 -27.33 21.59 29.52
C GLU C 67 -25.92 21.27 29.05
N LEU C 68 -24.98 22.12 29.44
CA LEU C 68 -23.57 21.96 29.09
C LEU C 68 -22.87 21.16 30.19
N GLN C 69 -22.48 19.93 29.86
CA GLN C 69 -21.76 19.05 30.77
C GLN C 69 -20.51 18.54 30.07
N THR C 70 -19.38 18.63 30.76
CA THR C 70 -18.07 18.37 30.18
C THR C 70 -17.45 17.11 30.78
N LEU C 71 -16.48 16.55 30.06
CA LEU C 71 -15.72 15.39 30.51
C LEU C 71 -14.25 15.62 30.19
N GLU C 72 -13.38 15.37 31.16
CA GLU C 72 -11.93 15.46 30.99
C GLU C 72 -11.37 14.05 30.93
N LEU C 73 -10.64 13.75 29.85
CA LEU C 73 -10.07 12.42 29.69
C LEU C 73 -8.88 12.21 30.63
N ASN C 74 -8.85 11.05 31.28
CA ASN C 74 -7.74 10.70 32.17
C ASN C 74 -6.67 10.07 31.30
N MET C 75 -5.89 10.94 30.66
CA MET C 75 -4.94 10.52 29.64
C MET C 75 -3.80 9.69 30.20
N GLU C 76 -3.61 9.68 31.53
CA GLU C 76 -2.52 8.90 32.13
C GLU C 76 -2.72 7.40 31.97
N THR C 77 -3.95 6.93 31.71
CA THR C 77 -4.24 5.51 31.65
C THR C 77 -3.83 4.85 30.34
N LEU C 78 -3.00 5.51 29.51
CA LEU C 78 -2.42 4.93 28.31
C LEU C 78 -0.94 4.60 28.51
N ASN C 79 -0.54 4.37 29.77
CA ASN C 79 0.87 4.42 30.12
C ASN C 79 1.67 3.17 29.74
N MET C 80 1.04 1.99 29.69
CA MET C 80 1.74 0.77 29.27
C MET C 80 1.54 0.45 27.79
N THR C 81 1.01 1.39 26.99
CA THR C 81 0.76 1.19 25.57
C THR C 81 1.58 2.09 24.66
N MET C 82 1.88 3.31 25.09
CA MET C 82 2.55 4.28 24.22
C MET C 82 3.12 5.42 25.04
N PRO C 83 4.04 6.22 24.50
CA PRO C 83 4.69 7.25 25.32
C PRO C 83 3.72 8.32 25.79
N LEU C 84 4.00 8.87 26.97
CA LEU C 84 3.25 9.97 27.57
C LEU C 84 4.20 11.13 27.82
N SER C 85 3.92 12.28 27.22
CA SER C 85 4.75 13.48 27.35
C SER C 85 4.07 14.47 28.29
N CYS C 86 4.85 14.98 29.24
CA CYS C 86 4.36 15.95 30.21
C CYS C 86 5.49 16.92 30.51
N THR C 87 5.19 17.92 31.35
CA THR C 87 6.11 18.99 31.68
C THR C 87 6.38 18.97 33.19
N LYS C 88 7.50 19.58 33.59
CA LYS C 88 7.81 19.88 34.98
C LYS C 88 7.94 21.38 35.22
N ASN C 89 8.70 22.07 34.38
CA ASN C 89 8.75 23.52 34.36
C ASN C 89 9.26 23.93 32.98
N ASN C 90 9.69 25.18 32.83
CA ASN C 90 10.13 25.67 31.52
C ASN C 90 11.32 24.90 30.96
N SER C 91 12.12 24.26 31.80
CA SER C 91 13.27 23.47 31.34
C SER C 91 12.93 21.99 31.19
N HIS C 92 12.53 21.33 32.28
CA HIS C 92 12.43 19.88 32.32
C HIS C 92 11.08 19.41 31.78
N HIS C 93 11.12 18.54 30.77
CA HIS C 93 9.94 17.97 30.15
C HIS C 93 10.14 16.46 30.06
N TYR C 94 9.22 15.70 30.63
CA TYR C 94 9.40 14.26 30.84
C TYR C 94 8.55 13.49 29.84
N ILE C 95 9.20 12.72 28.98
CA ILE C 95 8.54 11.68 28.19
C ILE C 95 8.68 10.39 28.97
N MET C 96 7.63 9.57 28.98
CA MET C 96 7.63 8.32 29.73
C MET C 96 7.12 7.20 28.85
N VAL C 97 7.95 6.18 28.64
CA VAL C 97 7.55 5.02 27.84
C VAL C 97 6.53 4.19 28.61
N GLY C 98 6.93 3.67 29.77
CA GLY C 98 6.10 2.88 30.65
C GLY C 98 6.02 3.52 32.03
N ASN C 99 5.86 2.67 33.04
CA ASN C 99 5.83 3.09 34.43
C ASN C 99 7.15 2.83 35.15
N GLU C 100 8.25 2.62 34.42
CA GLU C 100 9.57 2.41 35.01
C GLU C 100 10.66 3.27 34.40
N THR C 101 10.54 3.73 33.16
CA THR C 101 11.62 4.41 32.47
C THR C 101 11.05 5.41 31.48
N GLY C 102 11.90 6.34 31.07
CA GLY C 102 11.49 7.39 30.15
C GLY C 102 12.64 8.32 29.88
N LEU C 103 12.38 9.30 29.01
CA LEU C 103 13.34 10.32 28.64
C LEU C 103 13.03 11.64 29.34
N GLU C 104 14.07 12.45 29.50
CA GLU C 104 14.00 13.75 30.15
C GLU C 104 14.67 14.76 29.25
N LEU C 105 13.90 15.72 28.73
CA LEU C 105 14.38 16.78 27.85
C LEU C 105 14.54 18.05 28.67
N THR C 106 15.75 18.60 28.72
CA THR C 106 16.07 19.75 29.56
C THR C 106 16.87 20.75 28.76
N LEU C 107 16.39 21.99 28.70
CA LEU C 107 17.12 23.08 28.08
C LEU C 107 17.95 23.77 29.16
N THR C 108 19.28 23.76 28.99
CA THR C 108 20.18 24.27 30.00
C THR C 108 21.34 25.03 29.36
N ASN C 109 21.93 25.92 30.14
CA ASN C 109 23.18 26.58 29.76
C ASN C 109 24.42 25.79 30.17
N THR C 110 24.27 24.69 30.89
CA THR C 110 25.39 23.84 31.32
C THR C 110 25.34 22.54 30.54
N SER C 111 26.49 22.15 29.98
CA SER C 111 26.59 20.95 29.17
C SER C 111 26.90 19.73 30.03
N ILE C 112 26.58 18.56 29.49
CA ILE C 112 26.91 17.29 30.13
C ILE C 112 27.84 16.44 29.27
N ILE C 113 27.89 16.65 27.96
CA ILE C 113 28.81 15.98 27.05
C ILE C 113 29.75 17.04 26.51
N ASN C 114 31.05 16.88 26.78
CA ASN C 114 32.06 17.85 26.43
C ASN C 114 32.82 17.50 25.14
N HIS C 115 32.40 16.45 24.43
CA HIS C 115 33.06 16.01 23.20
C HIS C 115 32.06 16.01 22.06
N LYS C 116 32.58 16.15 20.84
CA LYS C 116 31.78 16.30 19.64
C LYS C 116 31.51 14.98 18.91
N PHE C 117 32.01 13.86 19.42
CA PHE C 117 31.75 12.57 18.80
C PHE C 117 30.34 12.10 19.13
N CYS C 118 29.88 11.11 18.37
CA CYS C 118 28.60 10.46 18.65
C CYS C 118 28.68 9.02 18.17
N ASN C 119 28.74 8.08 19.11
CA ASN C 119 28.99 6.68 18.82
C ASN C 119 27.70 5.93 18.52
N LEU C 120 27.01 6.36 17.46
CA LEU C 120 25.75 5.71 17.10
C LEU C 120 25.97 4.29 16.59
N SER C 121 26.91 4.12 15.66
CA SER C 121 27.14 2.80 15.08
C SER C 121 27.65 1.81 16.12
N ASP C 122 28.59 2.24 16.95
CA ASP C 122 29.08 1.36 18.01
C ASP C 122 27.99 1.07 19.03
N ALA C 123 27.12 2.04 19.31
CA ALA C 123 26.00 1.79 20.20
C ALA C 123 25.07 0.73 19.63
N HIS C 124 24.80 0.78 18.32
CA HIS C 124 23.98 -0.25 17.69
C HIS C 124 24.68 -1.60 17.73
N LYS C 125 25.98 -1.63 17.49
CA LYS C 125 26.71 -2.89 17.50
C LYS C 125 26.70 -3.53 18.88
N LYS C 126 26.98 -2.75 19.92
CA LYS C 126 26.98 -3.30 21.28
C LYS C 126 25.57 -3.62 21.73
N ASN C 127 24.65 -2.67 21.54
CA ASN C 127 23.21 -2.89 21.78
C ASN C 127 22.95 -3.21 23.25
N LEU C 128 23.30 -2.27 24.14
CA LEU C 128 22.93 -2.33 25.55
C LEU C 128 21.81 -1.35 25.91
N TYR C 129 21.46 -0.42 25.04
CA TYR C 129 20.43 0.57 25.34
C TYR C 129 19.04 -0.05 25.25
N ASP C 130 18.05 0.70 25.71
CA ASP C 130 16.64 0.30 25.59
C ASP C 130 16.11 0.67 24.22
N HIS C 131 15.37 -0.26 23.61
CA HIS C 131 14.92 -0.08 22.24
C HIS C 131 13.90 1.05 22.12
N ALA C 132 12.99 1.17 23.09
CA ALA C 132 11.95 2.20 23.00
C ALA C 132 12.54 3.60 23.12
N LEU C 133 13.50 3.79 24.03
CA LEU C 133 14.10 5.10 24.19
C LEU C 133 14.87 5.51 22.94
N MET C 134 15.63 4.57 22.37
CA MET C 134 16.32 4.87 21.12
C MET C 134 15.32 5.13 19.99
N SER C 135 14.18 4.46 20.00
CA SER C 135 13.16 4.72 18.99
C SER C 135 12.63 6.14 19.11
N ILE C 136 12.38 6.60 20.34
CA ILE C 136 11.89 7.96 20.52
C ILE C 136 12.96 8.97 20.11
N ILE C 137 14.22 8.71 20.46
CA ILE C 137 15.29 9.64 20.08
C ILE C 137 15.47 9.64 18.56
N SER C 138 15.33 8.49 17.92
CA SER C 138 15.40 8.44 16.47
C SER C 138 14.27 9.23 15.84
N THR C 139 13.06 9.13 16.40
CA THR C 139 11.94 9.91 15.91
C THR C 139 12.21 11.41 16.09
N PHE C 140 12.80 11.78 17.23
CA PHE C 140 13.16 13.18 17.47
C PHE C 140 14.16 13.68 16.43
N HIS C 141 15.24 12.92 16.22
CA HIS C 141 16.30 13.42 15.35
C HIS C 141 15.89 13.37 13.88
N LEU C 142 15.05 12.40 13.50
CA LEU C 142 14.58 12.35 12.12
C LEU C 142 13.55 13.44 11.85
N SER C 143 12.71 13.75 12.84
CA SER C 143 11.65 14.73 12.63
C SER C 143 12.17 16.16 12.50
N ILE C 144 13.42 16.42 12.89
CA ILE C 144 13.89 17.81 12.95
C ILE C 144 14.10 18.34 11.54
N PRO C 145 13.71 19.58 11.22
CA PRO C 145 13.84 20.05 9.83
C PRO C 145 15.20 20.67 9.56
N ASN C 146 15.70 20.47 8.34
CA ASN C 146 16.89 21.17 7.81
C ASN C 146 18.12 20.98 8.70
N PHE C 147 18.37 19.76 9.13
CA PHE C 147 19.56 19.50 9.95
C PHE C 147 20.77 19.35 9.03
N ASN C 148 21.69 20.30 9.12
CA ASN C 148 22.85 20.39 8.24
C ASN C 148 24.17 20.39 8.97
N GLN C 149 24.24 20.95 10.17
CA GLN C 149 25.47 21.01 10.95
C GLN C 149 25.54 19.76 11.83
N TYR C 150 26.30 18.77 11.38
CA TYR C 150 26.47 17.55 12.16
C TYR C 150 27.18 17.83 13.48
N GLU C 151 28.03 18.85 13.53
CA GLU C 151 28.79 19.15 14.73
C GLU C 151 27.90 19.59 15.90
N ALA C 152 26.66 19.99 15.65
CA ALA C 152 25.78 20.53 16.69
C ALA C 152 25.07 19.45 17.50
N MET C 153 25.53 18.20 17.46
CA MET C 153 24.96 17.12 18.27
C MET C 153 26.10 16.29 18.84
N SER C 154 25.87 15.77 20.05
CA SER C 154 26.80 14.85 20.69
C SER C 154 25.99 13.81 21.45
N CYS C 155 26.61 12.66 21.68
CA CYS C 155 25.94 11.57 22.38
C CYS C 155 26.99 10.64 22.95
N ASP C 156 26.62 9.90 24.00
CA ASP C 156 27.52 8.99 24.67
C ASP C 156 27.15 7.52 24.43
N PHE C 157 25.94 7.11 24.81
CA PHE C 157 25.52 5.71 24.75
C PHE C 157 26.55 4.78 25.40
N ASN C 158 27.11 5.22 26.52
CA ASN C 158 28.18 4.50 27.20
C ASN C 158 27.56 3.42 28.07
N GLY C 159 27.76 2.16 27.69
CA GLY C 159 27.23 1.04 28.48
C GLY C 159 25.72 1.02 28.53
N GLY C 160 25.07 1.27 27.41
CA GLY C 160 23.62 1.29 27.36
C GLY C 160 22.99 2.61 27.76
N LYS C 161 23.77 3.65 27.98
CA LYS C 161 23.20 4.96 28.32
C LYS C 161 22.43 5.51 27.12
N ILE C 162 21.78 6.66 27.33
CA ILE C 162 20.87 7.25 26.38
C ILE C 162 21.20 8.72 26.10
N SER C 163 22.18 9.29 26.79
CA SER C 163 22.36 10.74 26.83
C SER C 163 22.69 11.32 25.46
N VAL C 164 22.00 12.41 25.11
CA VAL C 164 22.22 13.16 23.88
C VAL C 164 22.24 14.63 24.25
N GLN C 165 22.95 15.44 23.46
CA GLN C 165 23.04 16.88 23.70
C GLN C 165 23.10 17.57 22.35
N TYR C 166 22.06 18.35 22.05
CA TYR C 166 22.04 19.21 20.86
C TYR C 166 22.61 20.55 21.26
N ASN C 167 23.78 20.89 20.72
CA ASN C 167 24.30 22.24 20.86
C ASN C 167 23.38 23.20 20.13
N LEU C 168 23.09 24.32 20.77
CA LEU C 168 22.01 25.21 20.37
C LEU C 168 22.45 26.66 20.16
N SER C 169 23.64 27.05 20.61
CA SER C 169 24.13 28.39 20.40
C SER C 169 24.51 28.61 18.95
N HIS C 179 18.06 35.32 15.99
CA HIS C 179 18.58 34.82 14.72
C HIS C 179 17.57 33.90 14.05
N CYS C 180 17.53 33.93 12.73
CA CYS C 180 16.60 33.16 11.92
C CYS C 180 17.38 32.25 10.97
N GLY C 181 16.71 31.18 10.54
CA GLY C 181 17.30 30.27 9.57
C GLY C 181 18.53 29.54 10.07
N THR C 182 18.44 28.99 11.29
CA THR C 182 19.51 28.22 11.91
C THR C 182 18.95 26.90 12.44
N VAL C 183 19.85 26.05 12.91
CA VAL C 183 19.45 24.74 13.43
C VAL C 183 18.63 24.88 14.70
N ALA C 184 18.82 25.97 15.44
CA ALA C 184 18.08 26.17 16.68
C ALA C 184 16.58 26.23 16.46
N ASN C 185 16.15 26.79 15.32
CA ASN C 185 14.73 26.81 15.00
C ASN C 185 14.18 25.41 14.89
N GLY C 186 14.90 24.52 14.20
CA GLY C 186 14.46 23.15 14.08
C GLY C 186 14.46 22.40 15.40
N VAL C 187 15.51 22.62 16.21
CA VAL C 187 15.61 21.94 17.50
C VAL C 187 14.43 22.33 18.39
N LEU C 188 14.15 23.63 18.49
CA LEU C 188 13.05 24.07 19.35
C LEU C 188 11.70 23.69 18.75
N GLN C 189 11.59 23.62 17.42
CA GLN C 189 10.34 23.18 16.82
C GLN C 189 10.04 21.74 17.18
N THR C 190 11.03 20.87 17.05
CA THR C 190 10.84 19.47 17.43
C THR C 190 10.54 19.37 18.92
N PHE C 191 11.22 20.20 19.73
CA PHE C 191 11.00 20.16 21.16
C PHE C 191 9.57 20.54 21.53
N MET C 192 9.02 21.59 20.91
CA MET C 192 7.67 22.00 21.28
C MET C 192 6.64 21.05 20.70
N ARG C 193 6.89 20.46 19.52
CA ARG C 193 5.95 19.46 19.02
C ARG C 193 5.94 18.21 19.89
N MET C 194 7.10 17.83 20.44
CA MET C 194 7.15 16.65 21.29
C MET C 194 6.43 16.92 22.61
N ALA C 195 6.91 17.90 23.38
CA ALA C 195 6.30 18.30 24.65
C ALA C 195 5.41 19.51 24.37
N TRP C 196 4.13 19.24 24.11
CA TRP C 196 3.22 20.28 23.66
C TRP C 196 2.78 21.21 24.79
N GLY C 197 2.57 20.67 25.98
CA GLY C 197 2.03 21.48 27.06
C GLY C 197 2.98 22.58 27.53
N GLY C 198 4.25 22.25 27.65
CA GLY C 198 5.23 23.19 28.15
C GLY C 198 5.75 24.20 27.16
N SER C 199 5.29 24.16 25.91
CA SER C 199 5.77 25.09 24.89
C SER C 199 5.45 26.54 25.24
N TYR C 200 4.39 26.77 26.03
CA TYR C 200 4.12 28.12 26.52
C TYR C 200 5.26 28.62 27.39
N ILE C 201 5.77 27.76 28.27
CA ILE C 201 6.73 28.20 29.29
C ILE C 201 8.17 27.99 28.85
N ALA C 202 8.44 26.99 28.01
CA ALA C 202 9.81 26.74 27.55
C ALA C 202 10.26 27.75 26.50
N LEU C 203 9.33 28.32 25.73
CA LEU C 203 9.65 29.19 24.61
C LEU C 203 9.60 30.65 25.04
N ASP C 204 10.61 31.42 24.64
CA ASP C 204 10.70 32.84 24.96
C ASP C 204 10.07 33.74 23.91
N SER C 205 9.65 33.20 22.76
CA SER C 205 9.12 34.02 21.68
C SER C 205 7.65 34.40 21.88
N GLY C 206 6.94 33.74 22.79
CA GLY C 206 5.53 34.04 23.01
C GLY C 206 4.62 33.30 22.04
N CYS C 207 4.00 34.04 21.13
CA CYS C 207 3.11 33.46 20.13
C CYS C 207 3.27 34.21 18.82
N GLY C 208 2.95 33.53 17.73
CA GLY C 208 3.03 34.10 16.40
C GLY C 208 4.38 33.99 15.73
N ASN C 209 5.41 33.52 16.44
CA ASN C 209 6.76 33.40 15.90
C ASN C 209 6.94 31.94 15.53
N TRP C 210 7.18 31.68 14.24
CA TRP C 210 7.37 30.34 13.71
C TRP C 210 8.75 30.13 13.10
N ASP C 211 9.14 30.99 12.15
CA ASP C 211 10.41 30.80 11.45
C ASP C 211 11.59 31.14 12.36
N CYS C 212 11.51 32.26 13.08
CA CYS C 212 12.62 32.77 13.88
C CYS C 212 12.54 32.33 15.33
N ILE C 213 11.97 31.16 15.60
CA ILE C 213 11.89 30.66 16.96
C ILE C 213 13.30 30.37 17.48
N MET C 214 13.61 30.89 18.65
CA MET C 214 14.92 30.69 19.25
C MET C 214 14.85 31.09 20.71
N THR C 215 15.26 30.17 21.59
CA THR C 215 15.22 30.38 23.03
C THR C 215 16.57 30.89 23.53
N SER C 216 16.59 31.32 24.80
CA SER C 216 17.81 31.84 25.40
C SER C 216 18.79 30.73 25.77
N TYR C 217 18.29 29.53 26.07
CA TYR C 217 19.15 28.44 26.53
C TYR C 217 20.15 28.03 25.44
N GLN C 218 21.28 27.49 25.88
CA GLN C 218 22.41 27.20 25.01
C GLN C 218 22.58 25.74 24.65
N TYR C 219 21.87 24.82 25.31
CA TYR C 219 21.94 23.40 24.98
C TYR C 219 20.59 22.75 25.25
N LEU C 220 20.25 21.75 24.42
CA LEU C 220 19.10 20.89 24.66
C LEU C 220 19.62 19.50 24.99
N ILE C 221 19.49 19.10 26.24
CA ILE C 221 19.98 17.82 26.73
C ILE C 221 18.82 16.84 26.75
N ILE C 222 19.10 15.58 26.41
CA ILE C 222 18.18 14.46 26.57
C ILE C 222 18.89 13.43 27.44
N GLN C 223 18.21 12.95 28.48
CA GLN C 223 18.72 11.88 29.33
C GLN C 223 17.63 10.83 29.48
N ASN C 224 17.96 9.75 30.18
CA ASN C 224 17.00 8.73 30.59
C ASN C 224 16.86 8.75 32.10
N THR C 225 15.61 8.66 32.57
CA THR C 225 15.28 8.67 33.99
C THR C 225 14.13 7.69 34.21
N THR C 226 13.74 7.54 35.48
CA THR C 226 12.62 6.71 35.88
C THR C 226 11.41 7.60 36.17
N TRP C 227 10.35 7.01 36.70
CA TRP C 227 9.09 7.70 36.99
C TRP C 227 9.10 8.09 38.48
N GLU C 228 9.43 9.35 38.76
CA GLU C 228 9.33 9.93 40.10
C GLU C 228 8.15 10.89 40.23
N ASP C 229 7.16 10.80 39.34
CA ASP C 229 5.95 11.63 39.38
C ASP C 229 6.32 13.12 39.27
N HIS C 230 6.98 13.45 38.15
CA HIS C 230 7.49 14.78 37.90
C HIS C 230 6.62 15.58 36.93
N CYS C 231 5.39 15.13 36.69
CA CYS C 231 4.49 15.80 35.75
C CYS C 231 3.75 16.92 36.48
N GLN C 232 4.16 18.16 36.23
CA GLN C 232 3.53 19.34 36.79
C GLN C 232 3.41 20.41 35.71
N PHE C 233 2.43 21.30 35.87
CA PHE C 233 2.07 22.35 34.92
C PHE C 233 1.48 21.82 33.61
N SER C 234 1.25 20.50 33.50
CA SER C 234 0.65 19.90 32.33
C SER C 234 0.37 18.44 32.65
N ARG C 235 -0.78 17.95 32.19
CA ARG C 235 -1.14 16.55 32.39
C ARG C 235 -0.40 15.69 31.38
N PRO C 236 -0.38 14.36 31.56
CA PRO C 236 0.17 13.49 30.52
C PRO C 236 -0.59 13.67 29.21
N SER C 237 0.16 13.63 28.11
CA SER C 237 -0.37 14.03 26.80
C SER C 237 0.43 13.31 25.72
N PRO C 238 -0.08 12.21 25.14
CA PRO C 238 0.63 11.58 24.03
C PRO C 238 0.41 12.24 22.68
N ILE C 239 -0.24 13.40 22.63
CA ILE C 239 -0.61 13.99 21.35
C ILE C 239 0.64 14.44 20.61
N GLY C 240 1.63 14.96 21.33
CA GLY C 240 2.84 15.44 20.67
C GLY C 240 3.59 14.34 19.95
N TYR C 241 3.89 13.24 20.65
CA TYR C 241 4.67 12.17 20.05
C TYR C 241 3.90 11.49 18.92
N LEU C 242 2.61 11.22 19.16
CA LEU C 242 1.78 10.56 18.15
C LEU C 242 1.66 11.42 16.90
N GLY C 243 1.47 12.74 17.08
CA GLY C 243 1.46 13.63 15.93
C GLY C 243 2.80 13.72 15.24
N LEU C 244 3.89 13.63 16.01
CA LEU C 244 5.23 13.79 15.46
C LEU C 244 5.73 12.55 14.74
N LEU C 245 5.09 11.39 14.96
CA LEU C 245 5.44 10.19 14.19
C LEU C 245 5.30 10.42 12.69
N SER C 246 4.21 11.07 12.26
CA SER C 246 4.03 11.31 10.82
C SER C 246 5.02 12.33 10.27
N GLN C 247 5.68 13.11 11.13
CA GLN C 247 6.68 14.09 10.70
C GLN C 247 8.09 13.50 10.64
N ARG C 248 8.22 12.17 10.64
CA ARG C 248 9.54 11.55 10.81
C ARG C 248 10.47 11.87 9.65
N THR C 249 9.99 11.75 8.41
CA THR C 249 10.82 11.89 7.21
C THR C 249 10.19 12.94 6.27
N ARG C 250 9.50 13.93 6.85
CA ARG C 250 8.90 14.96 6.01
C ARG C 250 9.95 15.88 5.41
N ASP C 251 11.03 16.16 6.14
CA ASP C 251 12.03 17.14 5.71
C ASP C 251 13.39 16.73 6.23
N ILE C 252 14.20 16.14 5.35
CA ILE C 252 15.60 15.85 5.62
C ILE C 252 16.39 16.16 4.35
N TYR C 253 17.56 16.78 4.52
CA TYR C 253 18.41 17.06 3.37
C TYR C 253 19.15 15.81 2.95
N ILE C 254 19.36 15.66 1.64
CA ILE C 254 20.22 14.61 1.15
C ILE C 254 21.63 14.84 1.64
N SER C 255 22.29 13.75 2.09
CA SER C 255 23.63 13.80 2.63
C SER C 255 24.69 13.20 1.71
N ARG C 256 24.29 12.38 0.73
CA ARG C 256 25.24 11.76 -0.18
C ARG C 256 24.52 11.42 -1.47
N ARG C 257 25.31 11.05 -2.49
CA ARG C 257 24.76 10.77 -3.81
C ARG C 257 23.83 9.56 -3.78
N LEU C 258 24.31 8.44 -3.23
CA LEU C 258 23.57 7.18 -3.24
C LEU C 258 22.77 7.08 -1.95
N LEU C 259 21.44 7.13 -2.07
CA LEU C 259 20.57 7.07 -0.90
C LEU C 259 20.69 5.74 -0.18
N UNK D 1 5.38 -25.94 -27.60
CA UNK D 1 4.10 -26.50 -28.01
C UNK D 1 4.28 -27.87 -28.64
N UNK D 2 5.34 -28.01 -29.44
CA UNK D 2 5.63 -29.24 -30.16
C UNK D 2 6.65 -30.06 -29.38
N UNK D 3 6.34 -31.36 -29.19
CA UNK D 3 7.22 -32.29 -28.50
C UNK D 3 7.48 -33.49 -29.41
N UNK D 4 8.51 -34.25 -29.06
CA UNK D 4 8.94 -35.42 -29.84
C UNK D 4 9.32 -36.52 -28.85
N UNK D 5 9.92 -37.58 -29.37
CA UNK D 5 10.36 -38.70 -28.55
C UNK D 5 11.35 -39.54 -29.34
N UNK D 6 12.42 -39.96 -28.66
CA UNK D 6 13.45 -40.80 -29.25
C UNK D 6 13.77 -41.94 -28.29
N UNK D 7 14.00 -43.13 -28.84
CA UNK D 7 14.22 -44.31 -28.03
C UNK D 7 15.04 -45.32 -28.83
N UNK D 8 15.59 -46.31 -28.13
CA UNK D 8 16.38 -47.35 -28.76
C UNK D 8 15.47 -48.27 -29.58
N UNK D 9 16.10 -49.08 -30.42
CA UNK D 9 15.41 -49.99 -31.35
C UNK D 9 15.68 -51.43 -30.93
N UNK D 10 14.61 -52.19 -30.71
CA UNK D 10 14.68 -53.62 -30.41
C UNK D 10 15.51 -53.87 -29.15
N UNK D 11 14.99 -53.37 -28.03
CA UNK D 11 15.66 -53.55 -26.75
C UNK D 11 15.74 -55.04 -26.40
N UNK D 12 16.90 -55.46 -25.93
CA UNK D 12 17.13 -56.88 -25.64
C UNK D 12 16.41 -57.29 -24.37
N UNK D 13 16.09 -58.58 -24.29
CA UNK D 13 15.43 -59.11 -23.11
C UNK D 13 16.35 -59.05 -21.89
N UNK D 14 15.75 -58.91 -20.72
CA UNK D 14 16.48 -58.82 -19.46
C UNK D 14 17.46 -57.65 -19.46
N UNK D 15 17.06 -56.55 -20.09
CA UNK D 15 17.88 -55.34 -20.17
C UNK D 15 16.95 -54.15 -20.36
N UNK D 16 17.52 -52.98 -20.57
CA UNK D 16 16.74 -51.76 -20.75
C UNK D 16 17.58 -50.72 -21.49
N UNK D 17 16.90 -49.72 -22.03
CA UNK D 17 17.54 -48.62 -22.72
C UNK D 17 16.72 -47.36 -22.50
N UNK D 18 17.42 -46.26 -22.24
CA UNK D 18 16.75 -45.00 -21.93
C UNK D 18 16.13 -44.39 -23.18
N UNK D 19 15.08 -43.60 -22.97
CA UNK D 19 14.38 -42.88 -24.04
C UNK D 19 14.42 -41.39 -23.75
N UNK D 20 14.87 -40.61 -24.73
CA UNK D 20 15.01 -39.16 -24.62
C UNK D 20 14.01 -38.47 -25.52
N UNK D 21 13.46 -37.35 -25.04
CA UNK D 21 12.47 -36.57 -25.75
C UNK D 21 12.88 -35.11 -25.74
N UNK D 22 12.99 -34.52 -26.93
CA UNK D 22 13.31 -33.11 -27.12
C UNK D 22 12.08 -32.38 -27.64
N UNK D 23 11.94 -31.12 -27.25
CA UNK D 23 10.75 -30.33 -27.57
C UNK D 23 11.15 -28.88 -27.76
N UNK D 24 10.30 -28.16 -28.50
CA UNK D 24 10.44 -26.72 -28.73
C UNK D 24 9.38 -26.02 -27.90
N UNK D 25 9.72 -25.73 -26.65
CA UNK D 25 8.79 -25.10 -25.72
C UNK D 25 9.58 -24.40 -24.63
N UNK D 26 8.89 -23.54 -23.89
CA UNK D 26 9.52 -22.80 -22.80
C UNK D 26 9.68 -23.72 -21.61
N UNK D 27 10.92 -24.12 -21.32
CA UNK D 27 11.23 -25.03 -20.23
C UNK D 27 11.48 -24.32 -18.91
N UNK D 28 11.38 -22.98 -18.87
CA UNK D 28 11.56 -22.26 -17.61
C UNK D 28 10.47 -22.62 -16.62
N UNK D 29 9.22 -22.54 -17.03
CA UNK D 29 8.12 -23.00 -16.19
C UNK D 29 8.18 -24.53 -16.08
N UNK D 30 7.79 -25.04 -14.91
CA UNK D 30 7.92 -26.47 -14.62
C UNK D 30 6.74 -27.24 -15.20
N UNK D 31 6.68 -27.27 -16.52
CA UNK D 31 5.74 -28.12 -17.24
C UNK D 31 6.32 -29.53 -17.28
N UNK D 32 5.77 -30.43 -16.48
CA UNK D 32 6.42 -31.71 -16.25
C UNK D 32 6.36 -32.60 -17.49
N UNK D 33 7.42 -33.39 -17.69
CA UNK D 33 7.48 -34.35 -18.77
C UNK D 33 6.99 -35.70 -18.24
N UNK D 34 5.85 -36.17 -18.76
CA UNK D 34 5.22 -37.40 -18.32
C UNK D 34 5.41 -38.47 -19.39
N UNK D 35 5.88 -39.66 -18.97
CA UNK D 35 6.15 -40.78 -19.85
C UNK D 35 4.98 -41.77 -19.77
N UNK D 36 4.15 -41.79 -20.80
CA UNK D 36 2.96 -42.64 -20.85
C UNK D 36 3.15 -43.76 -21.86
N UNK D 37 2.88 -44.99 -21.42
CA UNK D 37 3.02 -46.19 -22.25
C UNK D 37 1.65 -46.76 -22.58
N UNK D 38 1.41 -47.02 -23.86
CA UNK D 38 0.17 -47.61 -24.35
C UNK D 38 0.51 -48.96 -24.98
N UNK D 39 0.22 -50.04 -24.25
CA UNK D 39 0.50 -51.37 -24.76
C UNK D 39 -0.41 -51.70 -25.94
N UNK D 40 0.02 -52.68 -26.73
CA UNK D 40 -0.72 -53.04 -27.93
C UNK D 40 -2.11 -53.60 -27.59
N UNK D 41 -2.17 -54.50 -26.60
CA UNK D 41 -3.39 -55.22 -26.25
C UNK D 41 -4.02 -54.69 -24.96
N UNK D 42 -3.84 -53.41 -24.67
CA UNK D 42 -4.41 -52.82 -23.46
C UNK D 42 -4.46 -51.31 -23.62
N UNK D 43 -5.09 -50.65 -22.66
CA UNK D 43 -5.23 -49.21 -22.68
C UNK D 43 -3.97 -48.55 -22.12
N UNK D 44 -3.99 -47.22 -22.07
CA UNK D 44 -2.80 -46.47 -21.70
C UNK D 44 -2.56 -46.51 -20.19
N UNK D 45 -1.30 -46.24 -19.82
CA UNK D 45 -0.89 -46.06 -18.44
C UNK D 45 0.34 -45.17 -18.46
N UNK D 46 0.96 -44.95 -17.31
CA UNK D 46 2.16 -44.13 -17.26
C UNK D 46 2.98 -44.49 -16.04
N UNK D 47 4.31 -44.30 -16.16
CA UNK D 47 5.26 -44.71 -15.15
C UNK D 47 5.59 -43.58 -14.18
N UNK D 48 6.07 -42.45 -14.70
CA UNK D 48 6.54 -41.36 -13.86
C UNK D 48 6.43 -40.04 -14.62
N UNK D 49 6.51 -38.95 -13.86
CA UNK D 49 6.41 -37.59 -14.40
C UNK D 49 7.61 -36.79 -13.88
N UNK D 50 8.63 -36.66 -14.71
CA UNK D 50 9.83 -35.93 -14.33
C UNK D 50 9.58 -34.43 -14.34
N UNK D 51 10.34 -33.71 -13.52
CA UNK D 51 10.24 -32.26 -13.44
C UNK D 51 11.18 -31.62 -14.45
N UNK D 52 10.65 -30.66 -15.21
CA UNK D 52 11.39 -29.98 -16.27
C UNK D 52 11.89 -28.62 -15.84
N UNK D 53 12.30 -28.48 -14.57
CA UNK D 53 12.75 -27.21 -14.04
C UNK D 53 13.77 -27.47 -12.93
N UNK D 54 14.07 -26.44 -12.14
CA UNK D 54 15.10 -26.55 -11.11
C UNK D 54 14.74 -27.58 -10.05
N UNK D 55 13.46 -27.81 -9.81
CA UNK D 55 13.04 -28.80 -8.83
C UNK D 55 13.45 -30.20 -9.29
N UNK D 56 13.90 -31.01 -8.33
CA UNK D 56 14.32 -32.39 -8.58
C UNK D 56 13.21 -33.38 -8.25
N UNK D 57 11.96 -32.99 -8.45
CA UNK D 57 10.82 -33.82 -8.07
C UNK D 57 10.43 -34.77 -9.19
N UNK D 58 10.03 -35.98 -8.80
CA UNK D 58 9.46 -36.95 -9.71
C UNK D 58 8.43 -37.77 -8.94
N UNK D 59 7.43 -38.28 -9.67
CA UNK D 59 6.32 -39.04 -9.08
C UNK D 59 6.19 -40.36 -9.84
N UNK D 60 6.97 -41.35 -9.41
CA UNK D 60 6.88 -42.68 -9.98
C UNK D 60 5.77 -43.46 -9.29
N UNK D 61 4.86 -44.02 -10.08
CA UNK D 61 3.72 -44.72 -9.53
C UNK D 61 4.17 -46.01 -8.81
N UNK D 62 3.23 -46.61 -8.09
CA UNK D 62 3.54 -47.83 -7.35
C UNK D 62 3.89 -48.99 -8.27
N UNK D 63 3.36 -48.98 -9.49
CA UNK D 63 3.71 -50.02 -10.46
C UNK D 63 5.18 -49.96 -10.81
N UNK D 64 5.71 -48.75 -11.01
CA UNK D 64 7.11 -48.50 -11.39
C UNK D 64 7.90 -47.94 -10.23
N UNK D 65 7.62 -48.42 -9.01
CA UNK D 65 8.32 -47.95 -7.82
C UNK D 65 9.77 -48.38 -7.89
N UNK D 66 10.66 -47.44 -8.20
CA UNK D 66 12.09 -47.65 -8.38
C UNK D 66 12.43 -48.54 -9.57
N UNK D 67 11.48 -48.84 -10.44
CA UNK D 67 11.77 -49.64 -11.63
C UNK D 67 12.46 -48.81 -12.71
N UNK D 68 12.15 -47.53 -12.79
CA UNK D 68 12.71 -46.63 -13.79
C UNK D 68 13.04 -45.30 -13.14
N UNK D 69 13.93 -44.55 -13.79
CA UNK D 69 14.39 -43.26 -13.32
C UNK D 69 14.36 -42.26 -14.48
N UNK D 70 14.32 -40.97 -14.12
CA UNK D 70 14.26 -39.91 -15.11
C UNK D 70 14.99 -38.69 -14.57
N UNK D 71 15.39 -37.82 -15.49
CA UNK D 71 16.09 -36.58 -15.13
C UNK D 71 16.10 -35.68 -16.36
N UNK D 72 16.39 -34.40 -16.12
CA UNK D 72 16.48 -33.43 -17.21
C UNK D 72 17.77 -33.68 -17.98
N UNK D 73 17.65 -34.20 -19.20
CA UNK D 73 18.82 -34.47 -20.02
C UNK D 73 19.57 -33.20 -20.39
N UNK D 74 18.84 -32.14 -20.71
CA UNK D 74 19.43 -30.87 -21.11
C UNK D 74 18.41 -29.77 -20.85
N UNK D 75 18.72 -28.55 -21.30
CA UNK D 75 17.83 -27.42 -21.09
C UNK D 75 16.51 -27.60 -21.83
N UNK D 76 16.52 -28.28 -22.98
CA UNK D 76 15.35 -28.49 -23.81
C UNK D 76 15.25 -29.95 -24.22
N UNK D 77 15.45 -30.85 -23.25
CA UNK D 77 15.32 -32.28 -23.50
C UNK D 77 15.25 -33.05 -22.19
N UNK D 78 14.25 -33.91 -22.05
CA UNK D 78 14.04 -34.72 -20.86
C UNK D 78 14.10 -36.19 -21.23
N UNK D 79 14.73 -37.00 -20.38
CA UNK D 79 14.98 -38.41 -20.65
C UNK D 79 14.54 -39.26 -19.48
N UNK D 80 14.13 -40.49 -19.79
CA UNK D 80 13.72 -41.48 -18.81
C UNK D 80 14.52 -42.75 -19.05
N UNK D 81 15.24 -43.21 -18.03
CA UNK D 81 15.96 -44.46 -18.08
C UNK D 81 15.02 -45.57 -17.61
N UNK D 82 14.68 -46.50 -18.50
CA UNK D 82 13.73 -47.54 -18.15
C UNK D 82 14.28 -48.45 -17.05
N UNK D 83 15.49 -48.99 -17.25
CA UNK D 83 16.23 -49.73 -16.23
C UNK D 83 15.42 -50.88 -15.62
N UNK D 84 14.49 -51.45 -16.40
CA UNK D 84 13.49 -52.34 -15.87
C UNK D 84 13.80 -53.82 -16.06
N UNK D 85 14.76 -54.16 -16.91
CA UNK D 85 14.96 -55.55 -17.37
C UNK D 85 13.65 -56.07 -17.95
N UNK D 86 13.24 -55.44 -19.05
CA UNK D 86 11.89 -55.59 -19.57
C UNK D 86 11.58 -57.02 -19.98
N UNK D 87 10.40 -57.48 -19.59
CA UNK D 87 9.90 -58.80 -19.96
C UNK D 87 8.39 -58.69 -20.12
N UNK D 88 7.91 -58.78 -21.36
CA UNK D 88 6.50 -58.55 -21.68
C UNK D 88 6.04 -57.16 -21.24
N UNK D 89 6.94 -56.18 -21.36
CA UNK D 89 6.65 -54.78 -21.08
C UNK D 89 6.62 -53.93 -22.34
N UNK D 90 6.57 -54.55 -23.53
CA UNK D 90 6.57 -53.79 -24.77
C UNK D 90 5.31 -52.95 -24.88
N UNK D 91 5.48 -51.70 -25.29
CA UNK D 91 4.36 -50.77 -25.40
C UNK D 91 4.81 -49.56 -26.20
N UNK D 92 3.84 -48.80 -26.70
CA UNK D 92 4.12 -47.55 -27.39
C UNK D 92 4.39 -46.48 -26.35
N UNK D 93 5.65 -46.07 -26.24
CA UNK D 93 6.04 -45.03 -25.31
C UNK D 93 5.77 -43.65 -25.90
N UNK D 94 5.41 -42.71 -25.02
CA UNK D 94 5.05 -41.37 -25.43
C UNK D 94 5.44 -40.40 -24.33
N UNK D 95 5.74 -39.16 -24.73
CA UNK D 95 6.10 -38.09 -23.83
C UNK D 95 5.08 -36.97 -23.96
N UNK D 96 4.61 -36.47 -22.82
CA UNK D 96 3.58 -35.43 -22.77
C UNK D 96 4.01 -34.34 -21.81
N UNK D 97 3.45 -33.14 -22.03
CA UNK D 97 3.80 -31.93 -21.27
C UNK D 97 2.65 -31.57 -20.34
N UNK D 98 2.71 -32.09 -19.11
CA UNK D 98 1.75 -31.71 -18.08
C UNK D 98 1.94 -30.24 -17.74
N UNK D 99 0.98 -29.41 -18.14
CA UNK D 99 1.02 -27.98 -17.92
C UNK D 99 0.39 -27.64 -16.57
N UNK D 100 0.56 -26.38 -16.16
CA UNK D 100 0.08 -25.87 -14.89
C UNK D 100 -0.86 -24.70 -15.13
N UNK D 101 -1.95 -24.64 -14.37
CA UNK D 101 -2.86 -23.51 -14.41
C UNK D 101 -3.44 -23.32 -13.01
N UNK D 102 -4.05 -22.17 -12.79
CA UNK D 102 -4.60 -21.85 -11.48
C UNK D 102 -5.75 -20.86 -11.60
N UNK D 103 -6.90 -21.23 -11.04
CA UNK D 103 -8.03 -20.33 -10.83
C UNK D 103 -8.28 -20.12 -9.34
N UNK D 104 -8.46 -21.21 -8.59
CA UNK D 104 -8.47 -21.21 -7.14
C UNK D 104 -7.41 -22.13 -6.54
N UNK D 105 -6.99 -23.16 -7.27
CA UNK D 105 -5.88 -24.02 -6.87
C UNK D 105 -5.22 -24.55 -8.14
N UNK D 106 -4.13 -25.29 -7.97
CA UNK D 106 -3.37 -25.77 -9.11
C UNK D 106 -4.13 -26.86 -9.84
N UNK D 107 -4.29 -26.70 -11.15
CA UNK D 107 -4.91 -27.69 -12.03
C UNK D 107 -3.90 -28.06 -13.11
N UNK D 108 -3.76 -29.38 -13.35
CA UNK D 108 -2.75 -29.92 -14.25
C UNK D 108 -3.42 -30.84 -15.27
N UNK D 109 -2.97 -30.73 -16.52
CA UNK D 109 -3.43 -31.59 -17.59
C UNK D 109 -2.32 -31.72 -18.62
N UNK D 110 -2.35 -32.83 -19.36
CA UNK D 110 -1.35 -33.09 -20.40
C UNK D 110 -1.86 -32.50 -21.71
N UNK D 111 -1.29 -31.36 -22.12
CA UNK D 111 -1.75 -30.64 -23.30
C UNK D 111 -1.12 -31.19 -24.58
N UNK D 112 0.21 -31.16 -24.65
CA UNK D 112 0.95 -31.67 -25.80
C UNK D 112 1.40 -33.10 -25.55
N UNK D 113 1.50 -33.87 -26.62
CA UNK D 113 1.93 -35.27 -26.53
C UNK D 113 2.64 -35.67 -27.82
N UNK D 114 3.51 -36.67 -27.71
CA UNK D 114 4.25 -37.19 -28.85
C UNK D 114 4.56 -38.66 -28.60
N UNK D 115 4.23 -39.50 -29.57
CA UNK D 115 4.26 -40.94 -29.41
C UNK D 115 5.56 -41.55 -29.94
N UNK D 116 5.84 -42.77 -29.50
CA UNK D 116 7.00 -43.53 -29.94
C UNK D 116 6.70 -45.00 -29.68
N UNK D 117 7.66 -45.86 -30.05
CA UNK D 117 7.53 -47.31 -29.91
C UNK D 117 8.84 -47.89 -29.36
N UNK D 118 8.71 -49.03 -28.71
CA UNK D 118 9.87 -49.73 -28.14
C UNK D 118 9.49 -51.18 -27.89
N UNK D 119 10.17 -52.10 -28.57
CA UNK D 119 9.90 -53.52 -28.42
C UNK D 119 10.23 -53.99 -27.01
N UNK E 1 -0.59 -43.45 -6.55
CA UNK E 1 -1.29 -44.36 -7.51
C UNK E 1 -2.78 -44.42 -7.19
N UNK E 2 -3.60 -44.12 -8.21
CA UNK E 2 -5.06 -44.12 -8.09
C UNK E 2 -5.61 -45.34 -8.83
N UNK E 3 -6.59 -45.99 -8.21
CA UNK E 3 -7.22 -47.19 -8.73
C UNK E 3 -8.64 -46.90 -9.23
N UNK E 4 -8.81 -45.77 -9.90
CA UNK E 4 -10.12 -45.35 -10.39
C UNK E 4 -10.58 -46.34 -11.47
N UNK E 5 -11.51 -47.22 -11.10
CA UNK E 5 -12.05 -48.22 -12.01
C UNK E 5 -13.25 -47.65 -12.75
N UNK E 6 -13.22 -47.73 -14.07
CA UNK E 6 -14.27 -47.18 -14.92
C UNK E 6 -15.25 -48.29 -15.30
N UNK E 7 -16.54 -48.04 -15.03
CA UNK E 7 -17.55 -49.06 -15.30
C UNK E 7 -17.71 -49.29 -16.78
N UNK E 8 -17.84 -48.23 -17.57
CA UNK E 8 -18.05 -48.36 -19.01
C UNK E 8 -16.81 -48.92 -19.68
N UNK E 9 -17.02 -49.88 -20.58
CA UNK E 9 -15.96 -50.56 -21.32
C UNK E 9 -16.15 -50.50 -22.83
N UNK E 10 -17.39 -50.59 -23.31
CA UNK E 10 -17.66 -50.54 -24.74
C UNK E 10 -19.07 -50.02 -24.95
N UNK E 11 -19.21 -49.05 -25.85
CA UNK E 11 -20.48 -48.42 -26.15
C UNK E 11 -20.61 -48.20 -27.65
N UNK E 12 -21.86 -48.11 -28.10
CA UNK E 12 -22.16 -47.89 -29.51
C UNK E 12 -23.50 -47.18 -29.61
N UNK E 13 -23.59 -46.26 -30.58
CA UNK E 13 -24.82 -45.50 -30.80
C UNK E 13 -24.82 -44.99 -32.23
N UNK E 14 -25.97 -44.47 -32.65
CA UNK E 14 -26.09 -43.93 -33.99
C UNK E 14 -25.20 -42.71 -34.17
N UNK E 15 -24.96 -42.35 -35.42
CA UNK E 15 -24.10 -41.21 -35.73
C UNK E 15 -24.72 -39.92 -35.20
N UNK E 16 -26.01 -39.72 -35.43
CA UNK E 16 -26.74 -38.54 -34.95
C UNK E 16 -27.38 -38.80 -33.58
N UNK E 17 -26.55 -39.24 -32.63
CA UNK E 17 -27.03 -39.58 -31.29
C UNK E 17 -25.89 -39.43 -30.31
N UNK E 18 -26.24 -39.37 -29.03
CA UNK E 18 -25.29 -39.14 -27.96
C UNK E 18 -24.69 -40.44 -27.45
N UNK E 19 -23.57 -40.31 -26.73
CA UNK E 19 -22.91 -41.43 -26.09
C UNK E 19 -22.41 -40.97 -24.73
N UNK E 20 -22.34 -41.92 -23.79
CA UNK E 20 -21.95 -41.65 -22.41
C UNK E 20 -20.84 -42.61 -22.00
N UNK E 21 -19.77 -42.04 -21.41
CA UNK E 21 -18.65 -42.81 -20.89
C UNK E 21 -18.43 -42.39 -19.45
N UNK E 22 -18.72 -43.29 -18.52
CA UNK E 22 -18.64 -43.03 -17.09
C UNK E 22 -17.33 -43.56 -16.51
N UNK E 23 -16.94 -42.99 -15.37
CA UNK E 23 -15.71 -43.38 -14.68
C UNK E 23 -15.91 -43.13 -13.20
N UNK E 24 -16.03 -44.21 -12.42
CA UNK E 24 -16.13 -44.08 -10.98
C UNK E 24 -14.79 -43.67 -10.39
N UNK E 25 -14.83 -42.73 -9.45
CA UNK E 25 -13.61 -42.26 -8.82
C UNK E 25 -13.05 -43.32 -7.88
N UNK E 26 -11.75 -43.21 -7.61
CA UNK E 26 -11.07 -44.17 -6.76
C UNK E 26 -11.51 -43.97 -5.31
N UNK E 27 -10.90 -44.76 -4.41
CA UNK E 27 -11.21 -44.66 -2.99
C UNK E 27 -10.83 -43.29 -2.45
N UNK E 28 -9.68 -42.76 -2.88
CA UNK E 28 -9.25 -41.41 -2.51
C UNK E 28 -9.93 -40.43 -3.45
N UNK E 29 -11.00 -39.79 -2.98
CA UNK E 29 -11.74 -38.85 -3.80
C UNK E 29 -10.90 -37.60 -4.07
N UNK E 30 -10.98 -37.12 -5.32
CA UNK E 30 -10.28 -35.91 -5.76
C UNK E 30 -11.30 -34.94 -6.35
N UNK E 31 -11.23 -33.69 -5.91
CA UNK E 31 -12.20 -32.68 -6.31
C UNK E 31 -11.73 -31.95 -7.56
N UNK E 32 -12.49 -32.08 -8.65
CA UNK E 32 -12.22 -31.37 -9.90
C UNK E 32 -10.86 -31.73 -10.48
N UNK E 33 -10.39 -32.95 -10.21
CA UNK E 33 -9.07 -33.39 -10.64
C UNK E 33 -9.08 -34.15 -11.96
N UNK E 34 -10.14 -34.92 -12.22
CA UNK E 34 -10.17 -35.81 -13.37
C UNK E 34 -10.13 -35.03 -14.68
N UNK E 35 -9.50 -35.63 -15.69
CA UNK E 35 -9.42 -35.09 -17.03
C UNK E 35 -9.72 -36.19 -18.03
N UNK E 36 -10.22 -35.79 -19.20
CA UNK E 36 -10.66 -36.70 -20.25
C UNK E 36 -9.87 -36.44 -21.52
N UNK E 37 -9.29 -37.49 -22.10
CA UNK E 37 -8.48 -37.41 -23.31
C UNK E 37 -8.94 -38.45 -24.30
N UNK E 38 -9.24 -38.01 -25.52
CA UNK E 38 -9.73 -38.89 -26.58
C UNK E 38 -8.57 -39.30 -27.47
N UNK E 39 -8.30 -40.60 -27.53
CA UNK E 39 -7.25 -41.18 -28.36
C UNK E 39 -7.89 -42.07 -29.41
N UNK E 40 -7.52 -41.87 -30.67
CA UNK E 40 -7.99 -42.72 -31.74
C UNK E 40 -7.31 -44.08 -31.66
N UNK E 41 -7.63 -44.96 -32.63
CA UNK E 41 -7.11 -46.32 -32.59
C UNK E 41 -5.59 -46.35 -32.74
N UNK E 42 -5.05 -45.56 -33.67
CA UNK E 42 -3.62 -45.57 -33.99
C UNK E 42 -3.11 -44.14 -34.16
N UNK E 43 -3.44 -43.27 -33.20
CA UNK E 43 -2.98 -41.90 -33.22
C UNK E 43 -2.71 -41.44 -31.79
N UNK E 44 -1.97 -40.35 -31.67
CA UNK E 44 -1.58 -39.83 -30.37
C UNK E 44 -2.80 -39.36 -29.59
N UNK E 45 -2.76 -39.58 -28.27
CA UNK E 45 -3.84 -39.13 -27.41
C UNK E 45 -3.90 -37.61 -27.37
N UNK E 46 -5.12 -37.06 -27.41
CA UNK E 46 -5.37 -35.63 -27.36
C UNK E 46 -6.32 -35.34 -26.22
N UNK E 47 -5.94 -34.39 -25.36
CA UNK E 47 -6.79 -34.01 -24.24
C UNK E 47 -8.06 -33.36 -24.75
N UNK E 48 -9.18 -33.69 -24.09
CA UNK E 48 -10.50 -33.15 -24.41
C UNK E 48 -11.01 -32.22 -23.33
N UNK E 49 -11.06 -32.67 -22.08
CA UNK E 49 -11.49 -31.89 -20.93
C UNK E 49 -10.36 -31.83 -19.92
N UNK E 50 -9.87 -30.62 -19.65
CA UNK E 50 -8.77 -30.47 -18.70
C UNK E 50 -9.24 -30.62 -17.26
N UNK E 51 -10.13 -29.73 -16.82
CA UNK E 51 -10.75 -29.85 -15.52
C UNK E 51 -11.91 -30.84 -15.59
N UNK E 52 -12.59 -31.03 -14.47
CA UNK E 52 -13.72 -31.96 -14.43
C UNK E 52 -14.87 -31.51 -15.34
N UNK E 53 -14.98 -30.22 -15.63
CA UNK E 53 -16.01 -29.68 -16.50
C UNK E 53 -15.50 -28.79 -17.62
N UNK E 54 -14.29 -28.23 -17.50
CA UNK E 54 -13.77 -27.37 -18.56
C UNK E 54 -13.44 -28.18 -19.80
N UNK E 55 -13.47 -27.51 -20.94
CA UNK E 55 -13.16 -28.09 -22.24
C UNK E 55 -11.96 -27.37 -22.84
N UNK E 56 -11.00 -28.14 -23.34
CA UNK E 56 -9.80 -27.57 -23.92
C UNK E 56 -10.14 -26.77 -25.18
N UNK E 57 -9.31 -25.77 -25.47
CA UNK E 57 -9.50 -24.95 -26.64
C UNK E 57 -9.37 -25.79 -27.90
N UNK E 58 -10.20 -25.48 -28.91
CA UNK E 58 -10.34 -26.16 -30.19
C UNK E 58 -11.11 -27.47 -30.08
N UNK E 59 -11.50 -27.89 -28.88
CA UNK E 59 -12.32 -29.09 -28.73
C UNK E 59 -13.77 -28.75 -29.05
N UNK E 60 -14.45 -29.68 -29.73
CA UNK E 60 -15.84 -29.47 -30.10
C UNK E 60 -16.73 -29.40 -28.86
N UNK E 61 -17.77 -28.57 -28.95
CA UNK E 61 -18.71 -28.42 -27.85
C UNK E 61 -19.62 -29.63 -27.67
N UNK E 62 -19.60 -30.60 -28.60
CA UNK E 62 -20.42 -31.80 -28.44
C UNK E 62 -20.00 -32.59 -27.21
N UNK E 63 -18.70 -32.64 -26.92
CA UNK E 63 -18.18 -33.37 -25.77
C UNK E 63 -18.40 -32.54 -24.50
N UNK E 64 -19.67 -32.43 -24.11
CA UNK E 64 -20.06 -31.66 -22.93
C UNK E 64 -19.92 -32.52 -21.68
N UNK E 65 -18.66 -32.78 -21.32
CA UNK E 65 -18.37 -33.62 -20.18
C UNK E 65 -18.58 -32.85 -18.87
N UNK E 66 -18.62 -33.59 -17.77
CA UNK E 66 -18.80 -33.03 -16.43
C UNK E 66 -18.52 -34.14 -15.43
N UNK E 67 -18.60 -33.80 -14.15
CA UNK E 67 -18.39 -34.78 -13.10
C UNK E 67 -18.96 -34.23 -11.79
N UNK E 68 -19.28 -35.15 -10.88
CA UNK E 68 -19.79 -34.78 -9.57
C UNK E 68 -19.80 -35.96 -8.61
N UNK E 69 -19.33 -35.74 -7.38
CA UNK E 69 -19.48 -36.68 -6.27
C UNK E 69 -18.80 -38.02 -6.57
N UNK E 70 -17.49 -37.97 -6.78
CA UNK E 70 -16.65 -39.16 -6.90
C UNK E 70 -17.05 -40.04 -8.09
N UNK E 71 -17.56 -39.43 -9.15
CA UNK E 71 -17.92 -40.17 -10.36
C UNK E 71 -18.07 -39.18 -11.51
N UNK E 72 -17.28 -39.37 -12.56
CA UNK E 72 -17.29 -38.49 -13.73
C UNK E 72 -17.99 -39.19 -14.89
N UNK E 73 -18.42 -38.38 -15.86
CA UNK E 73 -19.15 -38.91 -17.01
C UNK E 73 -19.01 -37.94 -18.18
N UNK E 74 -18.37 -38.38 -19.25
CA UNK E 74 -18.27 -37.61 -20.49
C UNK E 74 -19.44 -37.97 -21.39
N UNK E 75 -20.21 -36.97 -21.80
CA UNK E 75 -21.42 -37.14 -22.59
C UNK E 75 -21.24 -36.44 -23.93
N UNK E 76 -20.89 -37.20 -24.96
CA UNK E 76 -20.82 -36.66 -26.31
C UNK E 76 -22.23 -36.57 -26.89
N UNK E 77 -22.47 -35.51 -27.65
CA UNK E 77 -23.80 -35.18 -28.19
C UNK E 77 -23.74 -35.13 -29.70
N UNK E 78 -24.12 -36.23 -30.35
CA UNK E 78 -24.28 -36.30 -31.80
C UNK E 78 -22.97 -36.01 -32.52
N UNK E 79 -21.96 -36.84 -32.25
CA UNK E 79 -20.67 -36.77 -32.91
C UNK E 79 -20.68 -37.74 -34.08
N UNK E 80 -20.71 -37.19 -35.30
CA UNK E 80 -20.80 -38.01 -36.51
C UNK E 80 -19.45 -38.49 -37.02
N UNK E 81 -18.40 -37.66 -36.86
CA UNK E 81 -17.06 -37.96 -37.35
C UNK E 81 -16.07 -37.99 -36.20
N UNK E 82 -15.17 -38.98 -36.24
CA UNK E 82 -14.14 -39.15 -35.22
C UNK E 82 -14.74 -39.35 -33.83
N UNK E 83 -15.89 -40.00 -33.75
CA UNK E 83 -16.52 -40.32 -32.48
C UNK E 83 -16.06 -41.66 -31.93
N UNK E 84 -15.64 -42.59 -32.79
CA UNK E 84 -15.17 -43.90 -32.36
C UNK E 84 -13.69 -43.84 -31.99
N UNK E 85 -13.43 -43.18 -30.87
CA UNK E 85 -12.10 -43.07 -30.30
C UNK E 85 -12.21 -43.19 -28.78
N UNK E 86 -11.29 -43.94 -28.19
CA UNK E 86 -11.39 -44.25 -26.77
C UNK E 86 -11.15 -43.01 -25.93
N UNK E 87 -12.07 -42.74 -25.01
CA UNK E 87 -11.99 -41.59 -24.11
C UNK E 87 -11.44 -42.05 -22.77
N UNK E 88 -10.13 -41.88 -22.57
CA UNK E 88 -9.47 -42.28 -21.35
C UNK E 88 -9.57 -41.19 -20.30
N UNK E 89 -9.67 -41.62 -19.04
CA UNK E 89 -9.81 -40.72 -17.89
C UNK E 89 -8.52 -40.76 -17.07
N UNK E 90 -7.93 -39.58 -16.86
CA UNK E 90 -6.71 -39.42 -16.08
C UNK E 90 -7.04 -38.75 -14.75
N UNK E 91 -6.39 -39.24 -13.68
CA UNK E 91 -6.70 -38.74 -12.35
C UNK E 91 -6.24 -37.31 -12.17
N UNK E 92 -4.93 -37.06 -12.30
CA UNK E 92 -4.34 -35.73 -12.07
C UNK E 92 -4.67 -35.22 -10.68
N UNK E 93 -4.43 -36.06 -9.67
CA UNK E 93 -4.81 -35.71 -8.30
C UNK E 93 -4.03 -34.51 -7.78
N UNK E 94 -2.72 -34.48 -8.03
CA UNK E 94 -1.88 -33.42 -7.50
C UNK E 94 -0.65 -33.26 -8.39
N UNK E 95 0.05 -32.15 -8.20
CA UNK E 95 1.26 -31.85 -8.95
C UNK E 95 2.47 -32.41 -8.22
N UNK E 96 3.55 -32.59 -8.99
CA UNK E 96 4.79 -33.12 -8.44
C UNK E 96 5.56 -32.11 -7.59
N UNK E 97 5.17 -30.84 -7.59
CA UNK E 97 5.87 -29.82 -6.83
C UNK E 97 5.63 -29.90 -5.34
N UNK E 98 4.64 -30.66 -4.88
CA UNK E 98 4.33 -30.81 -3.46
C UNK E 98 5.02 -32.04 -2.89
N UNK E 99 5.00 -32.14 -1.55
CA UNK E 99 5.52 -33.33 -0.89
C UNK E 99 4.69 -34.55 -1.24
N UNK E 100 3.37 -34.39 -1.33
CA UNK E 100 2.51 -35.50 -1.73
C UNK E 100 2.78 -35.87 -3.19
N UNK E 101 2.82 -37.18 -3.46
CA UNK E 101 3.13 -37.65 -4.79
C UNK E 101 2.00 -37.33 -5.75
N UNK E 102 2.36 -37.19 -7.03
CA UNK E 102 1.40 -36.87 -8.08
C UNK E 102 0.86 -38.16 -8.69
N UNK E 103 -0.46 -38.33 -8.66
CA UNK E 103 -1.12 -39.47 -9.26
C UNK E 103 -1.55 -39.20 -10.70
N UNK E 104 -0.89 -38.25 -11.39
CA UNK E 104 -1.28 -37.93 -12.75
C UNK E 104 -1.03 -39.10 -13.70
N UNK E 105 -0.08 -39.98 -13.37
CA UNK E 105 0.25 -41.10 -14.24
C UNK E 105 -0.83 -42.18 -14.26
N UNK E 106 -1.85 -42.10 -13.39
CA UNK E 106 -2.90 -43.12 -13.33
C UNK E 106 -3.97 -42.80 -14.37
N UNK E 107 -3.66 -43.14 -15.62
CA UNK E 107 -4.61 -43.00 -16.72
C UNK E 107 -5.43 -44.28 -16.82
N UNK E 108 -6.73 -44.17 -16.54
CA UNK E 108 -7.59 -45.35 -16.47
C UNK E 108 -7.91 -45.88 -17.86
N UNK E 109 -8.36 -47.13 -17.90
CA UNK E 109 -8.68 -47.77 -19.17
C UNK E 109 -9.90 -47.12 -19.82
N UNK E 110 -10.95 -46.86 -19.05
CA UNK E 110 -12.18 -46.20 -19.52
C UNK E 110 -12.84 -47.13 -20.54
N UNK E 111 -13.43 -46.58 -21.61
CA UNK E 111 -14.18 -47.35 -22.61
C UNK E 111 -13.61 -47.06 -23.99
N UNK E 112 -14.24 -47.66 -25.00
CA UNK E 112 -13.87 -47.46 -26.40
C UNK E 112 -15.15 -47.49 -27.22
N UNK E 113 -15.60 -46.32 -27.65
CA UNK E 113 -16.82 -46.22 -28.45
C UNK E 113 -16.60 -46.89 -29.80
N UNK E 114 -17.53 -47.74 -30.19
CA UNK E 114 -17.46 -48.41 -31.48
C UNK E 114 -17.85 -47.45 -32.60
N UNK E 115 -17.86 -47.95 -33.83
CA UNK E 115 -18.21 -47.13 -34.99
C UNK E 115 -19.65 -46.63 -34.89
N GLY F 1 -4.27 9.78 7.58
CA GLY F 1 -4.15 11.22 7.55
C GLY F 1 -5.02 11.86 6.48
N THR F 2 -6.07 12.53 6.92
CA THR F 2 -7.03 13.18 6.04
C THR F 2 -6.86 14.69 6.10
N PHE F 3 -7.44 15.36 5.10
CA PHE F 3 -7.51 16.82 5.11
C PHE F 3 -8.25 17.29 6.35
N THR F 4 -7.69 18.31 7.02
CA THR F 4 -8.29 18.87 8.22
C THR F 4 -7.96 20.36 8.23
N TRP F 5 -8.88 21.17 7.71
CA TRP F 5 -8.68 22.61 7.64
C TRP F 5 -10.03 23.28 7.43
N THR F 6 -10.36 24.22 8.32
CA THR F 6 -11.61 24.95 8.24
C THR F 6 -11.48 26.15 7.32
N LEU F 7 -12.63 26.67 6.90
CA LEU F 7 -12.73 27.83 6.02
C LEU F 7 -13.65 28.85 6.67
N SER F 8 -13.23 30.11 6.68
CA SER F 8 -14.00 31.18 7.30
C SER F 8 -13.70 32.49 6.57
N ASP F 9 -14.65 33.42 6.68
CA ASP F 9 -14.55 34.72 6.02
C ASP F 9 -15.26 35.80 6.83
N GLY F 18 -19.80 31.48 4.16
CA GLY F 18 -19.58 31.19 2.76
C GLY F 18 -18.32 31.84 2.23
N TYR F 19 -17.32 31.01 1.92
CA TYR F 19 -16.06 31.52 1.41
C TYR F 19 -16.27 32.16 0.04
N CYS F 20 -15.67 33.33 -0.15
CA CYS F 20 -15.77 34.10 -1.38
C CYS F 20 -14.37 34.39 -1.89
N LEU F 21 -14.10 34.02 -3.14
CA LEU F 21 -12.79 34.25 -3.72
C LEU F 21 -12.61 35.74 -4.00
N THR F 22 -11.48 36.30 -3.58
CA THR F 22 -11.22 37.71 -3.77
C THR F 22 -10.66 37.96 -5.17
N ARG F 23 -10.34 39.22 -5.45
CA ARG F 23 -9.89 39.61 -6.79
C ARG F 23 -8.56 38.96 -7.16
N TRP F 24 -7.67 38.80 -6.19
CA TRP F 24 -6.31 38.32 -6.45
C TRP F 24 -6.21 36.81 -6.56
N MET F 25 -7.28 36.07 -6.26
CA MET F 25 -7.30 34.62 -6.33
C MET F 25 -7.86 34.10 -7.66
N LEU F 26 -8.11 34.98 -8.63
CA LEU F 26 -8.62 34.55 -9.93
C LEU F 26 -8.40 35.69 -10.92
N ILE F 27 -8.11 35.31 -12.16
CA ILE F 27 -7.60 36.24 -13.17
C ILE F 27 -8.75 36.91 -13.90
N GLU F 28 -8.68 38.24 -14.01
CA GLU F 28 -9.61 39.13 -14.71
C GLU F 28 -11.08 38.75 -14.49
N ALA F 29 -11.51 38.81 -13.24
CA ALA F 29 -12.91 38.61 -12.91
C ALA F 29 -13.18 39.10 -11.50
N GLU F 30 -14.46 39.27 -11.20
CA GLU F 30 -14.93 39.85 -9.95
C GLU F 30 -15.01 38.77 -8.88
N LEU F 31 -15.24 39.19 -7.63
CA LEU F 31 -15.41 38.27 -6.52
C LEU F 31 -16.53 37.29 -6.80
N LYS F 32 -16.28 36.02 -6.47
CA LYS F 32 -17.19 34.90 -6.75
C LYS F 32 -17.58 34.28 -5.42
N CYS F 33 -18.61 34.83 -4.78
CA CYS F 33 -19.06 34.37 -3.48
C CYS F 33 -20.03 33.19 -3.62
N PHE F 34 -19.83 32.18 -2.79
CA PHE F 34 -20.58 30.93 -2.83
C PHE F 34 -21.40 30.76 -1.56
N GLY F 35 -22.54 30.11 -1.71
CA GLY F 35 -23.36 29.80 -0.56
C GLY F 35 -22.68 28.82 0.38
N ASN F 36 -23.12 28.83 1.64
CA ASN F 36 -22.52 27.98 2.65
C ASN F 36 -22.79 26.49 2.40
N THR F 37 -23.78 26.16 1.57
CA THR F 37 -24.03 24.75 1.25
C THR F 37 -22.85 24.13 0.53
N ALA F 38 -22.22 24.87 -0.39
CA ALA F 38 -21.06 24.35 -1.09
C ALA F 38 -19.90 24.11 -0.14
N VAL F 39 -19.69 25.00 0.83
CA VAL F 39 -18.61 24.82 1.79
C VAL F 39 -18.90 23.64 2.70
N ALA F 40 -20.16 23.48 3.09
CA ALA F 40 -20.54 22.31 3.89
C ALA F 40 -20.30 21.03 3.12
N LYS F 41 -20.56 21.05 1.80
CA LYS F 41 -20.24 19.89 0.97
C LYS F 41 -18.74 19.66 0.88
N CYS F 42 -17.96 20.74 0.82
CA CYS F 42 -16.51 20.61 0.82
C CYS F 42 -16.01 19.98 2.11
N ASN F 43 -16.71 20.23 3.23
CA ASN F 43 -16.32 19.64 4.50
C ASN F 43 -16.34 18.12 4.44
N GLU F 44 -17.29 17.54 3.71
CA GLU F 44 -17.44 16.09 3.61
C GLU F 44 -16.73 15.51 2.40
N LYS F 45 -16.85 16.14 1.23
CA LYS F 45 -16.34 15.54 0.00
C LYS F 45 -14.81 15.52 0.00
N HIS F 46 -14.25 14.37 -0.34
CA HIS F 46 -12.81 14.16 -0.38
C HIS F 46 -12.23 14.35 -1.78
N ASP F 47 -12.81 13.67 -2.78
CA ASP F 47 -12.28 13.71 -4.15
C ASP F 47 -12.82 14.93 -4.92
N GLU F 48 -12.45 16.10 -4.40
CA GLU F 48 -12.79 17.38 -5.00
C GLU F 48 -11.57 18.29 -4.97
N GLU F 49 -11.26 18.90 -6.12
CA GLU F 49 -10.08 19.74 -6.24
C GLU F 49 -10.34 21.20 -5.86
N PHE F 50 -11.53 21.71 -6.14
CA PHE F 50 -11.82 23.11 -5.83
C PHE F 50 -11.82 23.34 -4.31
N CYS F 51 -12.28 22.36 -3.54
CA CYS F 51 -12.24 22.48 -2.10
C CYS F 51 -10.79 22.54 -1.62
N ASP F 52 -9.91 21.76 -2.24
CA ASP F 52 -8.49 21.82 -1.90
C ASP F 52 -7.90 23.18 -2.23
N MET F 53 -8.28 23.75 -3.38
CA MET F 53 -7.78 25.09 -3.70
C MET F 53 -8.33 26.14 -2.76
N LEU F 54 -9.57 25.98 -2.31
CA LEU F 54 -10.09 26.87 -1.26
C LEU F 54 -9.25 26.75 0.01
N ARG F 55 -8.89 25.53 0.39
CA ARG F 55 -8.05 25.34 1.56
C ARG F 55 -6.68 25.99 1.37
N LEU F 56 -6.08 25.83 0.19
CA LEU F 56 -4.77 26.40 -0.06
C LEU F 56 -4.82 27.92 -0.04
N PHE F 57 -5.84 28.52 -0.65
CA PHE F 57 -5.96 29.98 -0.65
C PHE F 57 -6.21 30.50 0.76
N ASP F 58 -7.06 29.81 1.53
CA ASP F 58 -7.27 30.20 2.93
C ASP F 58 -5.99 30.10 3.74
N PHE F 59 -5.21 29.04 3.50
CA PHE F 59 -3.95 28.88 4.22
C PHE F 59 -2.97 29.98 3.86
N ASN F 60 -2.89 30.34 2.57
CA ASN F 60 -2.02 31.44 2.16
C ASN F 60 -2.46 32.74 2.82
N LYS F 61 -3.77 33.01 2.84
CA LYS F 61 -4.28 34.23 3.45
C LYS F 61 -3.93 34.28 4.94
N GLN F 62 -4.16 33.17 5.65
CA GLN F 62 -3.83 33.14 7.06
C GLN F 62 -2.33 33.21 7.28
N ALA F 63 -1.53 32.72 6.34
CA ALA F 63 -0.09 32.82 6.47
C ALA F 63 0.38 34.27 6.39
N ILE F 64 -0.15 35.03 5.43
CA ILE F 64 0.22 36.45 5.35
C ILE F 64 -0.28 37.20 6.58
N GLN F 65 -1.54 36.97 6.99
CA GLN F 65 -2.09 37.76 8.08
C GLN F 65 -1.47 37.39 9.42
N ARG F 66 -1.63 36.14 9.86
CA ARG F 66 -1.28 35.75 11.22
C ARG F 66 0.20 35.42 11.41
N LEU F 67 1.02 35.48 10.36
CA LEU F 67 2.46 35.22 10.48
C LEU F 67 3.22 36.24 9.65
N LYS F 68 4.47 36.47 10.05
CA LYS F 68 5.35 37.45 9.41
C LYS F 68 6.61 36.78 8.88
N MET F 73 13.13 33.94 3.36
CA MET F 73 11.76 33.46 3.13
C MET F 73 11.80 31.94 3.03
N SER F 74 11.47 31.28 4.13
CA SER F 74 11.45 29.82 4.17
C SER F 74 10.12 29.30 3.60
N ILE F 75 10.14 28.01 3.23
CA ILE F 75 8.97 27.29 2.75
C ILE F 75 8.74 26.05 3.59
N GLN F 76 9.18 26.08 4.86
CA GLN F 76 9.10 24.90 5.71
C GLN F 76 7.69 24.67 6.26
N LEU F 77 6.92 25.74 6.48
CA LEU F 77 5.59 25.59 7.07
C LEU F 77 4.68 24.77 6.18
N ILE F 78 4.60 25.13 4.89
CA ILE F 78 3.85 24.31 3.95
C ILE F 78 4.50 22.94 3.78
N ASN F 79 5.82 22.87 3.93
CA ASN F 79 6.53 21.60 3.80
C ASN F 79 6.03 20.60 4.83
N LYS F 80 5.65 21.09 6.02
CA LYS F 80 5.01 20.24 7.01
C LYS F 80 3.52 20.07 6.72
N ALA F 81 2.81 21.16 6.42
CA ALA F 81 1.35 21.19 6.42
C ALA F 81 0.72 20.82 5.08
N VAL F 82 1.51 20.29 4.13
CA VAL F 82 0.95 19.89 2.84
C VAL F 82 -0.12 18.81 3.02
N ASN F 83 0.15 17.80 3.85
CA ASN F 83 -0.81 16.70 4.00
C ASN F 83 -2.10 17.17 4.64
N ALA F 84 -2.09 18.31 5.33
CA ALA F 84 -3.31 18.87 5.88
C ALA F 84 -4.04 19.71 4.85
N LEU F 85 -3.31 20.42 3.99
CA LEU F 85 -3.91 21.38 3.07
C LEU F 85 -4.03 20.89 1.62
N ILE F 86 -3.65 19.64 1.32
CA ILE F 86 -3.95 19.03 0.03
C ILE F 86 -4.41 17.61 0.28
N ASN F 87 -5.37 17.16 -0.52
CA ASN F 87 -5.89 15.80 -0.36
C ASN F 87 -4.78 14.80 -0.70
N ASP F 88 -3.90 15.16 -1.63
CA ASP F 88 -2.58 14.59 -1.90
C ASP F 88 -2.68 13.36 -2.81
N GLN F 89 -3.87 12.79 -3.01
CA GLN F 89 -4.08 11.74 -3.99
C GLN F 89 -4.94 12.19 -5.16
N LEU F 90 -5.60 13.35 -5.06
CA LEU F 90 -6.18 13.98 -6.24
C LEU F 90 -5.09 14.36 -7.23
N ILE F 91 -3.95 14.85 -6.72
CA ILE F 91 -2.80 15.08 -7.60
C ILE F 91 -2.33 13.75 -8.17
N MET F 92 -2.26 12.72 -7.34
CA MET F 92 -1.83 11.41 -7.82
C MET F 92 -2.85 10.83 -8.82
N LYS F 93 -4.14 11.00 -8.55
CA LYS F 93 -5.16 10.51 -9.48
C LYS F 93 -5.07 11.24 -10.81
N ASN F 94 -4.90 12.57 -10.78
CA ASN F 94 -4.81 13.34 -12.01
C ASN F 94 -3.54 12.99 -12.78
N HIS F 95 -2.44 12.76 -12.07
CA HIS F 95 -1.20 12.33 -12.72
C HIS F 95 -1.38 10.96 -13.37
N LEU F 96 -2.03 10.03 -12.67
CA LEU F 96 -2.28 8.71 -13.24
C LEU F 96 -3.17 8.81 -14.47
N ARG F 97 -4.15 9.70 -14.44
CA ARG F 97 -4.96 9.94 -15.64
C ARG F 97 -4.13 10.53 -16.77
N ASP F 98 -3.25 11.47 -16.45
CA ASP F 98 -2.48 12.18 -17.47
C ASP F 98 -1.51 11.24 -18.17
N ILE F 99 -0.81 10.39 -17.41
CA ILE F 99 0.16 9.48 -18.02
C ILE F 99 -0.53 8.49 -18.94
N MET F 100 -1.76 8.09 -18.61
CA MET F 100 -2.54 7.17 -19.43
C MET F 100 -3.24 7.86 -20.60
N CYS F 101 -2.95 9.14 -20.86
CA CYS F 101 -3.59 9.90 -21.94
C CYS F 101 -5.10 10.02 -21.73
N ILE F 102 -5.55 9.95 -20.48
CA ILE F 102 -6.95 10.10 -20.11
C ILE F 102 -7.11 11.59 -19.82
N PRO F 103 -8.30 12.19 -19.99
CA PRO F 103 -8.46 13.58 -19.52
C PRO F 103 -8.24 13.71 -18.02
N TYR F 104 -7.64 14.82 -17.63
CA TYR F 104 -7.29 15.09 -16.25
C TYR F 104 -7.56 16.57 -15.97
N CYS F 105 -7.17 17.00 -14.77
CA CYS F 105 -7.36 18.36 -14.29
C CYS F 105 -6.03 18.94 -13.87
N ASN F 106 -5.70 20.13 -14.37
CA ASN F 106 -4.53 20.88 -13.92
C ASN F 106 -4.91 22.06 -13.05
N TYR F 107 -6.01 21.93 -12.31
CA TYR F 107 -6.38 22.84 -11.22
C TYR F 107 -6.51 24.28 -11.69
N SER F 108 -7.19 24.47 -12.82
CA SER F 108 -7.41 25.80 -13.36
C SER F 108 -8.69 25.79 -14.18
N LYS F 109 -9.34 26.95 -14.25
CA LYS F 109 -10.57 27.12 -15.02
C LYS F 109 -11.69 26.24 -14.48
N TYR F 110 -11.87 26.25 -13.16
CA TYR F 110 -12.97 25.51 -12.55
C TYR F 110 -14.30 26.08 -13.03
N TRP F 111 -15.26 25.19 -13.26
CA TRP F 111 -16.59 25.54 -13.74
C TRP F 111 -17.63 25.18 -12.68
N TYR F 112 -18.74 25.91 -12.70
CA TYR F 112 -19.83 25.70 -11.76
C TYR F 112 -21.15 25.99 -12.47
N LEU F 113 -22.23 26.12 -11.70
CA LEU F 113 -23.56 26.40 -12.22
C LEU F 113 -24.26 27.30 -11.21
N ASN F 114 -24.37 28.59 -11.53
CA ASN F 114 -25.04 29.56 -10.67
C ASN F 114 -26.44 29.86 -11.20
N HIS F 115 -27.39 29.98 -10.27
CA HIS F 115 -28.80 30.19 -10.61
C HIS F 115 -29.05 31.67 -10.78
N THR F 116 -29.52 32.07 -11.96
CA THR F 116 -29.75 33.49 -12.22
C THR F 116 -30.93 34.03 -11.43
N THR F 117 -31.98 33.21 -11.24
CA THR F 117 -33.18 33.70 -10.59
C THR F 117 -32.94 33.95 -9.11
N THR F 118 -32.33 32.99 -8.41
CA THR F 118 -32.15 33.05 -6.97
C THR F 118 -30.73 33.42 -6.54
N GLY F 119 -29.75 33.38 -7.45
CA GLY F 119 -28.37 33.60 -7.08
C GLY F 119 -27.70 32.41 -6.45
N ARG F 120 -28.37 31.26 -6.38
CA ARG F 120 -27.76 30.05 -5.84
C ARG F 120 -26.55 29.66 -6.69
N THR F 121 -25.61 28.94 -6.05
CA THR F 121 -24.34 28.59 -6.66
C THR F 121 -24.03 27.12 -6.40
N SER F 122 -23.49 26.45 -7.40
CA SER F 122 -23.09 25.05 -7.27
C SER F 122 -21.71 24.96 -6.63
N LEU F 123 -21.29 23.73 -6.36
CA LEU F 123 -19.91 23.45 -6.02
C LEU F 123 -19.07 23.43 -7.31
N PRO F 124 -18.06 24.27 -7.46
CA PRO F 124 -17.27 24.21 -8.70
C PRO F 124 -16.47 22.91 -8.81
N LYS F 125 -16.71 22.19 -9.90
CA LYS F 125 -15.91 21.03 -10.28
C LYS F 125 -14.96 21.43 -11.40
N CYS F 126 -13.84 20.71 -11.50
CA CYS F 126 -12.79 21.09 -12.42
C CYS F 126 -13.20 20.90 -13.87
N TRP F 127 -12.64 21.75 -14.72
CA TRP F 127 -12.77 21.62 -16.17
C TRP F 127 -11.61 20.75 -16.66
N LEU F 128 -11.94 19.60 -17.24
CA LEU F 128 -10.92 18.64 -17.62
C LEU F 128 -10.09 19.17 -18.77
N VAL F 129 -8.85 18.67 -18.86
CA VAL F 129 -7.90 19.05 -19.90
C VAL F 129 -7.31 17.77 -20.50
N SER F 130 -7.11 17.79 -21.81
CA SER F 130 -6.54 16.66 -22.53
C SER F 130 -5.76 17.18 -23.74
N ASN F 131 -4.71 16.45 -24.09
CA ASN F 131 -3.85 16.77 -25.24
C ASN F 131 -3.17 18.13 -25.09
N GLY F 132 -3.00 18.62 -23.86
CA GLY F 132 -2.40 19.93 -23.67
C GLY F 132 -3.29 21.08 -24.06
N SER F 133 -4.59 20.87 -24.13
CA SER F 133 -5.54 21.93 -24.48
C SER F 133 -6.83 21.67 -23.73
N TYR F 134 -7.62 22.73 -23.55
CA TYR F 134 -8.84 22.63 -22.76
C TYR F 134 -9.87 21.77 -23.47
N LEU F 135 -10.56 20.94 -22.69
CA LEU F 135 -11.47 19.93 -23.22
C LEU F 135 -12.85 20.55 -23.43
N ASN F 136 -13.42 20.32 -24.61
CA ASN F 136 -14.61 21.03 -25.04
C ASN F 136 -15.81 20.74 -24.14
N GLU F 137 -16.84 21.57 -24.26
CA GLU F 137 -18.01 21.45 -23.38
C GLU F 137 -18.85 20.25 -23.77
N THR F 138 -18.94 19.94 -25.06
CA THR F 138 -19.81 18.87 -25.52
C THR F 138 -19.32 17.51 -25.04
N HIS F 139 -17.99 17.35 -24.90
CA HIS F 139 -17.43 16.05 -24.62
C HIS F 139 -17.81 15.54 -23.23
N PHE F 140 -17.92 16.45 -22.24
CA PHE F 140 -18.32 16.09 -20.88
C PHE F 140 -19.64 16.74 -20.48
N SER F 141 -20.49 17.08 -21.45
CA SER F 141 -21.74 17.76 -21.15
C SER F 141 -22.67 16.89 -20.32
N ASP F 142 -22.56 15.56 -20.48
CA ASP F 142 -23.38 14.66 -19.67
C ASP F 142 -23.06 14.78 -18.19
N ASP F 143 -21.80 15.08 -17.85
CA ASP F 143 -21.45 15.32 -16.45
C ASP F 143 -22.13 16.57 -15.91
N ILE F 144 -22.21 17.62 -16.73
CA ILE F 144 -22.93 18.83 -16.34
C ILE F 144 -24.40 18.52 -16.14
N GLU F 145 -24.98 17.71 -17.03
CA GLU F 145 -26.38 17.34 -16.90
C GLU F 145 -26.61 16.49 -15.65
N GLN F 146 -25.66 15.63 -15.31
CA GLN F 146 -25.76 14.86 -14.06
C GLN F 146 -25.71 15.76 -12.84
N GLN F 147 -24.84 16.79 -12.87
CA GLN F 147 -24.80 17.75 -11.78
C GLN F 147 -26.13 18.49 -11.66
N ALA F 148 -26.72 18.88 -12.79
CA ALA F 148 -28.01 19.56 -12.77
C ALA F 148 -29.10 18.64 -12.24
N ASP F 149 -29.08 17.37 -12.65
CA ASP F 149 -30.07 16.41 -12.18
C ASP F 149 -29.93 16.19 -10.68
N ASN F 150 -28.70 16.14 -10.17
CA ASN F 150 -28.49 16.08 -8.74
C ASN F 150 -29.01 17.33 -8.05
N MET F 151 -28.83 18.50 -8.67
CA MET F 151 -29.17 19.75 -8.02
C MET F 151 -30.68 20.01 -8.00
N ILE F 152 -31.44 19.48 -8.96
CA ILE F 152 -32.90 19.59 -8.84
C ILE F 152 -33.42 18.78 -7.67
N THR F 153 -32.74 17.71 -7.27
CA THR F 153 -33.10 16.97 -6.07
C THR F 153 -32.80 17.75 -4.79
N GLU F 154 -31.99 18.81 -4.86
CA GLU F 154 -31.70 19.64 -3.69
C GLU F 154 -32.90 20.46 -3.23
N MET F 155 -33.91 20.65 -4.08
CA MET F 155 -35.15 21.28 -3.66
C MET F 155 -35.78 20.54 -2.48
N GLY G 1 -2.39 10.18 1.47
CA GLY G 1 -3.18 10.83 2.48
C GLY G 1 -4.55 10.22 2.63
N THR G 2 -5.38 10.42 1.61
CA THR G 2 -6.74 9.90 1.56
C THR G 2 -6.98 9.27 0.20
N PHE G 3 -7.69 8.15 0.19
CA PHE G 3 -8.04 7.48 -1.05
C PHE G 3 -8.92 8.39 -1.93
N THR G 4 -8.65 8.38 -3.25
CA THR G 4 -9.37 9.24 -4.20
C THR G 4 -9.76 8.60 -5.54
N TRP G 5 -9.30 7.40 -5.89
CA TRP G 5 -9.53 6.88 -7.24
C TRP G 5 -11.02 6.61 -7.49
N THR G 6 -11.43 6.82 -8.74
CA THR G 6 -12.82 6.72 -9.17
C THR G 6 -12.97 5.63 -10.23
N LEU G 7 -14.17 5.07 -10.32
CA LEU G 7 -14.42 3.91 -11.16
C LEU G 7 -14.41 4.31 -12.64
N SER G 8 -14.30 3.30 -13.49
CA SER G 8 -14.51 3.43 -14.93
C SER G 8 -15.96 3.12 -15.26
N ASP G 9 -16.42 3.66 -16.40
CA ASP G 9 -17.79 3.43 -16.84
C ASP G 9 -17.96 2.01 -17.35
N SER G 10 -19.18 1.49 -17.19
CA SER G 10 -19.51 0.15 -17.68
C SER G 10 -21.01 0.00 -17.87
N TYR G 19 -18.56 0.21 -13.67
CA TYR G 19 -17.63 -0.89 -13.38
C TYR G 19 -18.28 -2.03 -12.63
N CYS G 20 -18.05 -3.25 -13.10
CA CYS G 20 -18.59 -4.43 -12.45
C CYS G 20 -17.70 -5.63 -12.77
N LEU G 21 -17.64 -6.56 -11.83
CA LEU G 21 -16.72 -7.67 -11.92
C LEU G 21 -17.16 -8.65 -13.00
N THR G 22 -16.19 -9.43 -13.50
CA THR G 22 -16.39 -10.36 -14.62
C THR G 22 -15.72 -11.69 -14.29
N ARG G 23 -15.79 -12.63 -15.25
CA ARG G 23 -15.17 -13.94 -15.07
C ARG G 23 -13.66 -13.86 -14.96
N TRP G 24 -13.04 -12.77 -15.40
CA TRP G 24 -11.62 -12.57 -15.22
C TRP G 24 -11.24 -12.29 -13.77
N MET G 25 -12.21 -12.05 -12.89
CA MET G 25 -11.99 -11.57 -11.53
C MET G 25 -12.64 -12.45 -10.47
N LEU G 26 -13.67 -13.22 -10.81
CA LEU G 26 -14.30 -14.16 -9.90
C LEU G 26 -13.64 -15.53 -10.00
N ILE G 27 -13.95 -16.38 -9.01
CA ILE G 27 -13.46 -17.77 -9.03
C ILE G 27 -14.35 -18.63 -9.91
N GLU G 28 -15.63 -18.76 -9.57
CA GLU G 28 -16.57 -19.64 -10.27
C GLU G 28 -17.60 -18.90 -11.11
N ALA G 29 -18.05 -17.73 -10.67
CA ALA G 29 -19.17 -17.07 -11.33
C ALA G 29 -18.73 -16.49 -12.68
N GLU G 30 -19.72 -16.28 -13.54
CA GLU G 30 -19.53 -15.73 -14.89
C GLU G 30 -20.32 -14.44 -15.01
N LEU G 31 -19.61 -13.32 -15.06
CA LEU G 31 -20.20 -11.99 -15.26
C LEU G 31 -21.20 -11.67 -14.13
N LYS G 32 -20.69 -11.76 -12.90
CA LYS G 32 -21.47 -11.35 -11.72
C LYS G 32 -21.42 -9.83 -11.64
N CYS G 33 -22.21 -9.20 -12.49
CA CYS G 33 -22.13 -7.75 -12.74
C CYS G 33 -23.15 -7.02 -11.87
N PHE G 34 -22.65 -6.12 -11.03
CA PHE G 34 -23.52 -5.20 -10.30
C PHE G 34 -24.19 -4.23 -11.29
N GLY G 35 -25.17 -3.50 -10.78
CA GLY G 35 -25.93 -2.57 -11.60
C GLY G 35 -25.27 -1.24 -11.86
N ASN G 36 -24.06 -1.00 -11.34
CA ASN G 36 -23.34 0.26 -11.49
C ASN G 36 -24.10 1.46 -10.94
N THR G 37 -25.01 1.23 -10.00
CA THR G 37 -25.74 2.28 -9.30
C THR G 37 -25.89 1.86 -7.85
N ALA G 38 -26.04 2.85 -6.97
CA ALA G 38 -25.97 2.63 -5.52
C ALA G 38 -24.65 1.96 -5.13
N VAL G 39 -23.58 2.37 -5.81
CA VAL G 39 -22.22 1.95 -5.51
C VAL G 39 -21.34 3.12 -5.08
N ALA G 40 -21.88 4.34 -5.04
CA ALA G 40 -21.16 5.49 -4.52
C ALA G 40 -21.01 5.47 -3.01
N LYS G 41 -21.58 4.47 -2.31
CA LYS G 41 -21.28 4.28 -0.89
C LYS G 41 -19.79 4.07 -0.67
N CYS G 42 -19.10 3.48 -1.65
CA CYS G 42 -17.64 3.34 -1.56
C CYS G 42 -16.96 4.71 -1.47
N ASN G 43 -17.44 5.69 -2.23
CA ASN G 43 -16.85 7.03 -2.16
C ASN G 43 -17.06 7.66 -0.79
N GLU G 44 -18.15 7.30 -0.11
CA GLU G 44 -18.44 7.83 1.22
C GLU G 44 -17.74 7.03 2.32
N LYS G 45 -17.85 5.71 2.28
CA LYS G 45 -17.30 4.86 3.32
C LYS G 45 -15.83 4.56 3.03
N HIS G 46 -15.05 4.41 4.10
CA HIS G 46 -13.62 4.11 4.02
C HIS G 46 -13.22 2.81 4.70
N ASP G 47 -14.10 2.22 5.52
CA ASP G 47 -13.83 0.95 6.18
C ASP G 47 -14.14 -0.26 5.30
N GLU G 48 -14.63 -0.07 4.08
CA GLU G 48 -15.04 -1.18 3.24
C GLU G 48 -13.84 -1.81 2.54
N GLU G 49 -13.79 -3.14 2.55
CA GLU G 49 -12.71 -3.89 1.91
C GLU G 49 -13.00 -4.15 0.44
N PHE G 50 -14.27 -4.42 0.10
CA PHE G 50 -14.63 -4.72 -1.28
C PHE G 50 -14.38 -3.52 -2.19
N CYS G 51 -14.57 -2.30 -1.67
CA CYS G 51 -14.39 -1.11 -2.48
C CYS G 51 -12.94 -0.97 -2.93
N ASP G 52 -11.98 -1.26 -2.03
CA ASP G 52 -10.58 -1.18 -2.40
C ASP G 52 -10.24 -2.18 -3.49
N MET G 53 -10.82 -3.38 -3.43
CA MET G 53 -10.59 -4.36 -4.47
C MET G 53 -11.21 -3.94 -5.79
N LEU G 54 -12.40 -3.32 -5.74
CA LEU G 54 -12.99 -2.79 -6.97
C LEU G 54 -12.07 -1.77 -7.63
N ARG G 55 -11.56 -0.82 -6.84
CA ARG G 55 -10.69 0.20 -7.41
C ARG G 55 -9.36 -0.39 -7.88
N LEU G 56 -8.82 -1.35 -7.13
CA LEU G 56 -7.55 -1.96 -7.52
C LEU G 56 -7.68 -2.74 -8.82
N PHE G 57 -8.77 -3.50 -8.98
CA PHE G 57 -8.96 -4.25 -10.22
C PHE G 57 -9.28 -3.32 -11.38
N ASP G 58 -10.00 -2.22 -11.14
CA ASP G 58 -10.23 -1.25 -12.20
C ASP G 58 -8.91 -0.62 -12.65
N PHE G 59 -8.04 -0.33 -11.69
CA PHE G 59 -6.72 0.20 -12.03
C PHE G 59 -5.90 -0.81 -12.81
N ASN G 60 -5.97 -2.09 -12.43
CA ASN G 60 -5.31 -3.13 -13.20
C ASN G 60 -5.85 -3.18 -14.63
N LYS G 61 -7.16 -3.03 -14.78
CA LYS G 61 -7.76 -3.02 -16.11
C LYS G 61 -7.20 -1.90 -16.98
N GLN G 62 -7.18 -0.67 -16.45
CA GLN G 62 -6.57 0.41 -17.21
C GLN G 62 -5.07 0.21 -17.41
N ALA G 63 -4.40 -0.43 -16.45
CA ALA G 63 -2.96 -0.67 -16.60
C ALA G 63 -2.69 -1.60 -17.77
N ILE G 64 -3.51 -2.64 -17.93
CA ILE G 64 -3.35 -3.52 -19.08
C ILE G 64 -3.67 -2.77 -20.37
N GLN G 65 -4.82 -2.09 -20.43
CA GLN G 65 -5.19 -1.47 -21.70
C GLN G 65 -4.34 -0.24 -22.02
N ARG G 66 -4.18 0.67 -21.06
CA ARG G 66 -3.58 1.96 -21.38
C ARG G 66 -2.08 1.82 -21.67
N LEU G 67 -1.32 1.35 -20.68
CA LEU G 67 0.12 1.17 -20.84
C LEU G 67 0.42 -0.20 -21.43
N LYS G 68 1.70 -0.48 -21.64
CA LYS G 68 2.12 -1.75 -22.23
C LYS G 68 1.81 -2.92 -21.30
N MET G 73 9.52 -5.18 -17.41
CA MET G 73 8.68 -5.22 -16.22
C MET G 73 9.19 -4.31 -15.11
N SER G 74 8.26 -3.63 -14.46
CA SER G 74 8.56 -2.76 -13.33
C SER G 74 7.31 -2.57 -12.50
N ILE G 75 7.48 -2.50 -11.19
CA ILE G 75 6.37 -2.34 -10.24
C ILE G 75 6.41 -0.93 -9.64
N GLN G 76 6.94 0.04 -10.40
CA GLN G 76 6.93 1.42 -9.94
C GLN G 76 5.50 1.96 -9.88
N LEU G 77 4.66 1.56 -10.83
CA LEU G 77 3.34 2.15 -10.96
C LEU G 77 2.46 1.86 -9.75
N ILE G 78 2.42 0.60 -9.32
CA ILE G 78 1.65 0.27 -8.11
C ILE G 78 2.29 0.92 -6.90
N ASN G 79 3.62 1.07 -6.89
CA ASN G 79 4.28 1.72 -5.76
C ASN G 79 3.83 3.17 -5.63
N LYS G 80 3.63 3.84 -6.76
CA LYS G 80 3.13 5.22 -6.72
C LYS G 80 1.63 5.27 -6.39
N ALA G 81 0.86 4.32 -6.90
CA ALA G 81 -0.60 4.40 -6.84
C ALA G 81 -1.22 3.66 -5.65
N VAL G 82 -0.42 3.05 -4.77
CA VAL G 82 -0.99 2.28 -3.66
C VAL G 82 -1.83 3.17 -2.75
N ASN G 83 -1.37 4.40 -2.49
CA ASN G 83 -2.12 5.30 -1.61
C ASN G 83 -3.33 5.90 -2.31
N ALA G 84 -3.24 6.14 -3.63
CA ALA G 84 -4.36 6.70 -4.36
C ALA G 84 -5.48 5.68 -4.55
N LEU G 85 -5.14 4.39 -4.64
CA LEU G 85 -6.12 3.38 -5.01
C LEU G 85 -6.83 2.77 -3.80
N ILE G 86 -6.11 2.48 -2.74
CA ILE G 86 -6.61 1.70 -1.62
C ILE G 86 -6.27 2.38 -0.30
N ASN G 87 -7.20 2.28 0.65
CA ASN G 87 -6.96 2.72 2.02
C ASN G 87 -6.02 1.70 2.65
N ASP G 88 -4.72 1.98 2.60
CA ASP G 88 -3.74 1.07 3.17
C ASP G 88 -3.92 0.91 4.68
N GLN G 89 -4.44 1.95 5.34
CA GLN G 89 -4.65 1.84 6.78
C GLN G 89 -5.75 0.85 7.11
N LEU G 90 -6.68 0.59 6.18
CA LEU G 90 -7.65 -0.49 6.42
C LEU G 90 -6.94 -1.84 6.41
N ILE G 91 -5.95 -2.01 5.53
CA ILE G 91 -5.11 -3.21 5.58
C ILE G 91 -4.38 -3.29 6.91
N MET G 92 -3.84 -2.15 7.37
CA MET G 92 -3.12 -2.14 8.64
C MET G 92 -4.05 -2.53 9.79
N LYS G 93 -5.30 -2.04 9.77
CA LYS G 93 -6.23 -2.28 10.85
C LYS G 93 -6.74 -3.72 10.85
N ASN G 94 -7.02 -4.28 9.67
CA ASN G 94 -7.37 -5.69 9.60
C ASN G 94 -6.18 -6.56 9.97
N HIS G 95 -4.96 -6.10 9.72
CA HIS G 95 -3.80 -6.87 10.16
C HIS G 95 -3.67 -6.81 11.68
N LEU G 96 -3.98 -5.66 12.28
CA LEU G 96 -4.06 -5.56 13.73
C LEU G 96 -5.08 -6.53 14.30
N ARG G 97 -6.22 -6.67 13.62
CA ARG G 97 -7.16 -7.73 14.00
C ARG G 97 -6.49 -9.10 13.88
N ASP G 98 -5.64 -9.28 12.86
CA ASP G 98 -4.92 -10.54 12.70
C ASP G 98 -3.98 -10.83 13.86
N ILE G 99 -3.33 -9.79 14.41
CA ILE G 99 -2.48 -9.98 15.59
C ILE G 99 -3.31 -10.56 16.72
N MET G 100 -4.44 -9.95 17.00
CA MET G 100 -5.32 -10.44 18.04
C MET G 100 -6.08 -11.66 17.53
N CYS G 101 -6.78 -12.33 18.45
CA CYS G 101 -7.58 -13.50 18.13
C CYS G 101 -8.94 -13.13 17.54
N ILE G 102 -9.22 -11.86 17.28
CA ILE G 102 -10.53 -11.39 16.84
C ILE G 102 -10.70 -11.89 15.41
N PRO G 103 -11.91 -12.13 14.91
CA PRO G 103 -12.08 -12.45 13.48
C PRO G 103 -11.58 -11.32 12.60
N TYR G 104 -10.88 -11.69 11.52
CA TYR G 104 -10.25 -10.76 10.59
C TYR G 104 -10.74 -11.06 9.17
N CYS G 105 -10.27 -10.23 8.23
CA CYS G 105 -10.52 -10.38 6.81
C CYS G 105 -9.21 -10.48 6.06
N ASN G 106 -9.11 -11.47 5.16
CA ASN G 106 -7.97 -11.63 4.27
C ASN G 106 -8.33 -11.32 2.81
N TYR G 107 -9.35 -10.48 2.60
CA TYR G 107 -9.63 -9.83 1.31
C TYR G 107 -10.04 -10.82 0.22
N SER G 108 -10.41 -12.06 0.59
CA SER G 108 -10.67 -13.10 -0.40
C SER G 108 -12.15 -13.17 -0.80
N LYS G 109 -13.03 -13.40 0.18
CA LYS G 109 -14.44 -13.65 -0.07
C LYS G 109 -15.29 -12.58 0.60
N TYR G 110 -16.45 -12.31 0.00
CA TYR G 110 -17.35 -11.26 0.44
C TYR G 110 -18.78 -11.77 0.39
N TRP G 111 -19.69 -11.02 1.01
CA TRP G 111 -21.11 -11.35 1.05
C TRP G 111 -21.93 -10.10 0.85
N TYR G 112 -23.11 -10.26 0.26
CA TYR G 112 -24.02 -9.16 0.04
C TYR G 112 -25.45 -9.69 0.03
N LEU G 113 -26.39 -8.85 0.46
CA LEU G 113 -27.81 -9.19 0.46
C LEU G 113 -28.41 -8.74 -0.87
N ASN G 114 -28.85 -9.70 -1.67
CA ASN G 114 -29.50 -9.46 -2.95
C ASN G 114 -31.01 -9.56 -2.76
N HIS G 115 -31.72 -8.47 -3.07
CA HIS G 115 -33.17 -8.48 -3.01
C HIS G 115 -33.73 -9.43 -4.06
N THR G 116 -34.88 -10.03 -3.76
CA THR G 116 -35.45 -11.04 -4.64
C THR G 116 -36.09 -10.41 -5.87
N THR G 117 -37.12 -9.59 -5.67
CA THR G 117 -37.92 -9.12 -6.79
C THR G 117 -37.17 -8.07 -7.61
N THR G 118 -36.84 -6.93 -6.98
CA THR G 118 -36.19 -5.85 -7.71
C THR G 118 -34.77 -6.20 -8.11
N GLY G 119 -34.11 -7.09 -7.36
CA GLY G 119 -32.77 -7.53 -7.68
C GLY G 119 -31.65 -6.64 -7.19
N ARG G 120 -31.95 -5.57 -6.45
CA ARG G 120 -30.91 -4.70 -5.93
C ARG G 120 -30.04 -5.44 -4.93
N THR G 121 -28.75 -5.10 -4.93
CA THR G 121 -27.74 -5.71 -4.08
C THR G 121 -27.11 -4.67 -3.18
N SER G 122 -26.90 -5.04 -1.92
CA SER G 122 -26.18 -4.18 -0.99
C SER G 122 -24.71 -4.12 -1.38
N LEU G 123 -24.01 -3.15 -0.81
CA LEU G 123 -22.57 -3.09 -1.00
C LEU G 123 -21.94 -4.31 -0.31
N PRO G 124 -21.11 -5.10 -0.99
CA PRO G 124 -20.55 -6.29 -0.33
C PRO G 124 -19.63 -5.93 0.83
N LYS G 125 -19.61 -6.82 1.82
CA LYS G 125 -18.73 -6.75 2.96
C LYS G 125 -17.96 -8.06 3.07
N CYS G 126 -16.78 -7.98 3.67
CA CYS G 126 -15.92 -9.15 3.77
C CYS G 126 -16.52 -10.21 4.69
N TRP G 127 -16.39 -11.47 4.29
CA TRP G 127 -16.69 -12.58 5.18
C TRP G 127 -15.50 -12.80 6.09
N LEU G 128 -15.71 -12.63 7.39
CA LEU G 128 -14.62 -12.67 8.35
C LEU G 128 -14.06 -14.08 8.46
N VAL G 129 -12.81 -14.18 8.90
CA VAL G 129 -12.05 -15.42 8.93
C VAL G 129 -11.51 -15.63 10.34
N SER G 130 -11.65 -16.86 10.85
CA SER G 130 -11.07 -17.24 12.13
C SER G 130 -10.67 -18.70 12.08
N ASN G 131 -9.56 -19.02 12.74
CA ASN G 131 -9.05 -20.38 12.82
C ASN G 131 -8.76 -20.96 11.43
N GLY G 132 -8.32 -20.11 10.50
CA GLY G 132 -8.04 -20.57 9.16
C GLY G 132 -9.24 -20.99 8.35
N SER G 133 -10.44 -20.59 8.76
CA SER G 133 -11.66 -20.95 8.06
C SER G 133 -12.67 -19.81 8.20
N TYR G 134 -13.62 -19.76 7.27
CA TYR G 134 -14.61 -18.70 7.30
C TYR G 134 -15.59 -18.90 8.45
N LEU G 135 -16.12 -17.78 8.95
CA LEU G 135 -16.99 -17.82 10.11
C LEU G 135 -18.32 -18.47 9.79
N ASN G 136 -18.90 -19.13 10.80
CA ASN G 136 -20.27 -19.60 10.69
C ASN G 136 -21.24 -18.42 10.84
N GLU G 137 -22.50 -18.67 10.49
CA GLU G 137 -23.50 -17.61 10.53
C GLU G 137 -23.74 -17.14 11.97
N THR G 138 -23.75 -18.07 12.92
CA THR G 138 -23.87 -17.67 14.32
C THR G 138 -22.66 -16.87 14.75
N HIS G 139 -22.89 -15.87 15.61
CA HIS G 139 -21.95 -14.85 16.08
C HIS G 139 -21.64 -13.81 15.00
N PHE G 140 -22.19 -13.93 13.79
CA PHE G 140 -21.95 -13.00 12.69
C PHE G 140 -23.23 -12.57 11.97
N SER G 141 -24.30 -13.36 12.03
CA SER G 141 -25.56 -13.03 11.37
C SER G 141 -26.24 -11.80 11.96
N ASP G 142 -25.84 -11.35 13.15
CA ASP G 142 -26.38 -10.10 13.68
C ASP G 142 -26.01 -8.93 12.77
N ASP G 143 -24.80 -8.97 12.19
CA ASP G 143 -24.42 -7.96 11.21
C ASP G 143 -25.32 -8.03 9.98
N ILE G 144 -25.69 -9.26 9.57
CA ILE G 144 -26.60 -9.41 8.44
C ILE G 144 -27.97 -8.82 8.78
N GLU G 145 -28.43 -9.03 10.01
CA GLU G 145 -29.71 -8.47 10.43
C GLU G 145 -29.67 -6.94 10.44
N GLN G 146 -28.56 -6.37 10.93
CA GLN G 146 -28.42 -4.91 10.93
C GLN G 146 -28.39 -4.39 9.49
N GLN G 147 -27.70 -5.09 8.60
CA GLN G 147 -27.67 -4.67 7.20
C GLN G 147 -29.05 -4.73 6.58
N ALA G 148 -29.81 -5.80 6.86
CA ALA G 148 -31.15 -5.92 6.32
C ALA G 148 -32.05 -4.81 6.86
N ASP G 149 -31.91 -4.47 8.14
CA ASP G 149 -32.65 -3.35 8.71
C ASP G 149 -32.27 -2.05 8.01
N ASN G 150 -31.00 -1.91 7.62
CA ASN G 150 -30.58 -0.74 6.84
C ASN G 150 -31.28 -0.72 5.48
N MET G 151 -31.41 -1.87 4.84
CA MET G 151 -32.14 -1.92 3.57
C MET G 151 -33.60 -1.53 3.75
N ILE G 152 -34.24 -2.01 4.83
CA ILE G 152 -35.62 -1.61 5.09
C ILE G 152 -35.70 -0.12 5.41
N THR G 153 -34.62 0.46 5.96
CA THR G 153 -34.58 1.88 6.30
C THR G 153 -34.40 2.78 5.07
N GLU G 154 -34.18 2.21 3.88
CA GLU G 154 -33.75 2.99 2.72
C GLU G 154 -34.79 4.02 2.31
N MET G 155 -36.07 3.67 2.36
CA MET G 155 -37.13 4.59 1.93
C MET G 155 -37.47 5.57 3.05
N GLY H 1 -3.05 6.56 4.85
CA GLY H 1 -4.48 6.47 4.63
C GLY H 1 -5.28 7.07 5.77
N THR H 2 -6.58 6.84 5.77
CA THR H 2 -7.49 7.37 6.77
C THR H 2 -7.59 6.44 7.96
N PHE H 3 -8.06 6.97 9.08
CA PHE H 3 -8.33 6.14 10.25
C PHE H 3 -9.47 5.18 9.93
N THR H 4 -9.37 3.96 10.46
CA THR H 4 -10.33 2.89 10.19
C THR H 4 -10.76 2.08 11.40
N TRP H 5 -10.12 2.24 12.56
CA TRP H 5 -10.41 1.37 13.69
C TRP H 5 -11.82 1.60 14.20
N THR H 6 -12.56 0.50 14.38
CA THR H 6 -13.95 0.54 14.83
C THR H 6 -14.01 0.45 16.35
N LEU H 7 -15.04 1.10 16.91
CA LEU H 7 -15.23 1.13 18.35
C LEU H 7 -15.95 -0.13 18.80
N SER H 8 -15.41 -0.78 19.83
CA SER H 8 -16.00 -2.01 20.36
C SER H 8 -17.22 -1.68 21.22
N GLY H 18 -22.67 2.65 20.50
CA GLY H 18 -22.63 3.30 21.79
C GLY H 18 -21.44 2.87 22.62
N TYR H 19 -20.61 3.84 23.01
CA TYR H 19 -19.39 3.60 23.76
C TYR H 19 -19.51 4.30 25.11
N CYS H 20 -19.21 3.57 26.18
CA CYS H 20 -19.21 4.09 27.54
C CYS H 20 -17.79 4.06 28.08
N LEU H 21 -17.35 5.19 28.64
CA LEU H 21 -15.98 5.37 29.09
C LEU H 21 -15.90 5.10 30.59
N THR H 22 -15.09 4.13 30.98
CA THR H 22 -14.99 3.73 32.37
C THR H 22 -14.41 4.89 33.20
N ARG H 23 -14.67 4.83 34.51
CA ARG H 23 -14.21 5.89 35.43
C ARG H 23 -12.70 6.05 35.41
N TRP H 24 -11.96 4.99 35.05
CA TRP H 24 -10.50 5.08 34.99
C TRP H 24 -10.05 6.10 33.95
N MET H 25 -10.72 6.12 32.79
CA MET H 25 -10.29 6.90 31.64
C MET H 25 -11.00 8.24 31.51
N LEU H 26 -11.47 8.81 32.63
CA LEU H 26 -11.94 10.18 32.64
C LEU H 26 -11.97 10.69 34.08
N ILE H 27 -11.91 12.01 34.20
CA ILE H 27 -11.92 12.64 35.52
C ILE H 27 -13.36 12.77 36.01
N GLU H 28 -13.50 12.86 37.34
CA GLU H 28 -14.74 12.99 38.11
C GLU H 28 -15.49 11.68 38.27
N ALA H 29 -15.03 10.57 37.67
CA ALA H 29 -15.50 9.22 37.98
C ALA H 29 -17.00 9.07 37.68
N GLU H 30 -17.33 9.17 36.40
CA GLU H 30 -18.68 8.96 35.90
C GLU H 30 -18.64 8.04 34.70
N LEU H 31 -19.75 7.31 34.49
CA LEU H 31 -19.82 6.37 33.37
C LEU H 31 -19.76 7.09 32.03
N LYS H 32 -20.52 8.18 31.88
CA LYS H 32 -20.53 8.98 30.65
C LYS H 32 -20.91 8.15 29.44
N CYS H 33 -21.88 7.24 29.61
CA CYS H 33 -22.31 6.38 28.51
C CYS H 33 -23.01 7.23 27.46
N PHE H 34 -22.50 7.19 26.23
CA PHE H 34 -23.05 7.94 25.11
C PHE H 34 -24.04 7.07 24.33
N GLY H 35 -24.89 7.75 23.55
CA GLY H 35 -25.86 7.06 22.74
C GLY H 35 -25.26 6.46 21.49
N ASN H 36 -26.09 5.68 20.77
CA ASN H 36 -25.64 5.04 19.55
C ASN H 36 -25.36 6.06 18.45
N THR H 37 -26.11 7.16 18.42
CA THR H 37 -25.94 8.15 17.36
C THR H 37 -24.57 8.81 17.44
N ALA H 38 -24.08 9.06 18.66
CA ALA H 38 -22.75 9.66 18.82
C ALA H 38 -21.67 8.79 18.22
N VAL H 39 -21.72 7.48 18.48
CA VAL H 39 -20.76 6.58 17.86
C VAL H 39 -20.99 6.48 16.36
N ALA H 40 -22.25 6.62 15.92
CA ALA H 40 -22.53 6.59 14.49
C ALA H 40 -21.87 7.76 13.76
N LYS H 41 -21.83 8.93 14.41
CA LYS H 41 -21.16 10.07 13.78
C LYS H 41 -19.65 9.86 13.64
N CYS H 42 -19.05 8.96 14.42
CA CYS H 42 -17.60 8.83 14.43
C CYS H 42 -17.07 8.32 13.09
N ASN H 43 -17.74 7.35 12.48
CA ASN H 43 -17.20 6.71 11.29
C ASN H 43 -17.15 7.67 10.11
N GLU H 44 -18.17 8.52 9.96
CA GLU H 44 -18.21 9.42 8.82
C GLU H 44 -17.34 10.66 9.05
N LYS H 45 -17.51 11.32 10.19
CA LYS H 45 -16.81 12.57 10.43
C LYS H 45 -15.31 12.33 10.61
N HIS H 46 -14.52 13.22 10.01
CA HIS H 46 -13.06 13.17 10.05
C HIS H 46 -12.44 14.30 10.85
N ASP H 47 -12.98 15.51 10.74
CA ASP H 47 -12.36 16.73 11.26
C ASP H 47 -12.91 17.10 12.63
N GLU H 48 -13.20 16.10 13.46
CA GLU H 48 -13.73 16.31 14.81
C GLU H 48 -12.78 15.63 15.78
N GLU H 49 -12.38 16.37 16.83
CA GLU H 49 -11.32 15.89 17.71
C GLU H 49 -11.77 14.68 18.52
N PHE H 50 -13.00 14.69 19.03
CA PHE H 50 -13.53 13.48 19.64
C PHE H 50 -13.82 12.44 18.57
N CYS H 51 -14.00 11.20 19.01
CA CYS H 51 -13.97 9.97 18.22
C CYS H 51 -12.55 9.62 17.78
N ASP H 52 -11.54 10.41 18.15
CA ASP H 52 -10.13 10.14 17.95
C ASP H 52 -9.52 9.53 19.21
N MET H 53 -9.82 10.14 20.35
CA MET H 53 -9.42 9.57 21.63
C MET H 53 -10.22 8.31 21.95
N LEU H 54 -11.47 8.21 21.48
CA LEU H 54 -12.23 6.99 21.68
C LEU H 54 -11.54 5.80 21.03
N ARG H 55 -11.03 5.99 19.81
CA ARG H 55 -10.30 4.92 19.15
C ARG H 55 -9.03 4.56 19.94
N LEU H 56 -8.33 5.57 20.45
CA LEU H 56 -7.11 5.29 21.20
C LEU H 56 -7.41 4.51 22.48
N PHE H 57 -8.47 4.89 23.20
CA PHE H 57 -8.80 4.20 24.45
C PHE H 57 -9.32 2.79 24.16
N ASP H 58 -10.10 2.62 23.10
CA ASP H 58 -10.55 1.28 22.73
C ASP H 58 -9.37 0.40 22.37
N PHE H 59 -8.41 0.94 21.62
CA PHE H 59 -7.23 0.17 21.25
C PHE H 59 -6.39 -0.13 22.48
N ASN H 60 -6.33 0.80 23.43
CA ASN H 60 -5.70 0.56 24.72
C ASN H 60 -6.31 -0.65 25.42
N LYS H 61 -7.64 -0.66 25.54
CA LYS H 61 -8.31 -1.74 26.26
C LYS H 61 -8.11 -3.07 25.54
N GLN H 62 -8.23 -3.07 24.21
CA GLN H 62 -8.06 -4.30 23.45
C GLN H 62 -6.63 -4.82 23.54
N ALA H 63 -5.64 -3.93 23.47
CA ALA H 63 -4.25 -4.36 23.58
C ALA H 63 -3.94 -4.89 24.96
N ILE H 64 -4.49 -4.26 26.01
CA ILE H 64 -4.23 -4.74 27.37
C ILE H 64 -4.84 -6.12 27.56
N GLN H 65 -6.13 -6.27 27.22
CA GLN H 65 -6.84 -7.48 27.61
C GLN H 65 -6.54 -8.65 26.67
N ARG H 66 -6.36 -8.38 25.37
CA ARG H 66 -6.19 -9.41 24.36
C ARG H 66 -4.73 -9.56 23.92
N LEU H 67 -3.78 -9.20 24.79
CA LEU H 67 -2.37 -9.46 24.52
C LEU H 67 -1.63 -9.49 25.85
N LYS H 68 -0.80 -10.51 26.04
CA LYS H 68 -0.05 -10.66 27.27
C LYS H 68 1.01 -9.56 27.37
N MET H 73 7.09 -4.26 27.48
CA MET H 73 6.58 -2.92 27.22
C MET H 73 7.32 -2.32 26.02
N SER H 74 6.66 -2.34 24.87
CA SER H 74 7.24 -1.89 23.60
C SER H 74 6.29 -0.92 22.92
N ILE H 75 6.87 0.11 22.31
CA ILE H 75 6.10 1.12 21.58
C ILE H 75 6.10 0.85 20.07
N GLN H 76 6.39 -0.39 19.65
CA GLN H 76 6.32 -0.73 18.24
C GLN H 76 4.89 -0.90 17.76
N LEU H 77 4.03 -1.43 18.62
CA LEU H 77 2.62 -1.60 18.27
C LEU H 77 1.96 -0.26 17.94
N ILE H 78 2.15 0.75 18.78
CA ILE H 78 1.55 2.05 18.50
C ILE H 78 2.20 2.67 17.28
N ASN H 79 3.49 2.41 17.06
CA ASN H 79 4.15 2.90 15.85
C ASN H 79 3.50 2.32 14.60
N LYS H 80 3.17 1.03 14.64
CA LYS H 80 2.47 0.42 13.51
C LYS H 80 1.08 1.03 13.34
N ALA H 81 0.34 1.18 14.44
CA ALA H 81 -1.09 1.44 14.39
C ALA H 81 -1.49 2.90 14.53
N VAL H 82 -0.53 3.84 14.55
CA VAL H 82 -0.88 5.25 14.76
C VAL H 82 -1.77 5.76 13.63
N ASN H 83 -1.37 5.55 12.38
CA ASN H 83 -2.13 6.13 11.27
C ASN H 83 -3.47 5.42 11.09
N ALA H 84 -3.53 4.13 11.41
CA ALA H 84 -4.80 3.43 11.35
C ALA H 84 -5.75 3.86 12.46
N LEU H 85 -5.21 4.22 13.62
CA LEU H 85 -6.05 4.60 14.75
C LEU H 85 -6.52 6.03 14.62
N ILE H 86 -5.58 6.98 14.57
CA ILE H 86 -5.88 8.40 14.68
C ILE H 86 -5.60 9.12 13.37
N ASN H 87 -6.28 10.25 13.21
CA ASN H 87 -5.95 11.22 12.16
C ASN H 87 -4.81 12.07 12.68
N ASP H 88 -3.59 11.76 12.22
CA ASP H 88 -2.44 12.57 12.60
C ASP H 88 -2.59 14.02 12.14
N GLN H 89 -3.25 14.23 11.01
CA GLN H 89 -3.32 15.57 10.46
C GLN H 89 -4.31 16.44 11.22
N LEU H 90 -5.23 15.85 11.99
CA LEU H 90 -6.01 16.64 12.93
C LEU H 90 -5.12 17.23 14.02
N ILE H 91 -4.18 16.43 14.53
CA ILE H 91 -3.20 16.93 15.48
C ILE H 91 -2.37 18.02 14.82
N MET H 92 -2.06 17.86 13.54
CA MET H 92 -1.29 18.90 12.86
C MET H 92 -2.11 20.18 12.70
N LYS H 93 -3.41 20.06 12.44
CA LYS H 93 -4.25 21.25 12.36
C LYS H 93 -4.28 21.97 13.70
N ASN H 94 -4.35 21.21 14.79
CA ASN H 94 -4.33 21.82 16.11
C ASN H 94 -2.99 22.52 16.36
N HIS H 95 -1.88 21.93 15.92
CA HIS H 95 -0.59 22.60 16.07
C HIS H 95 -0.51 23.86 15.21
N LEU H 96 -1.06 23.81 13.98
CA LEU H 96 -1.07 24.99 13.14
C LEU H 96 -1.90 26.11 13.76
N ARG H 97 -2.98 25.74 14.44
CA ARG H 97 -3.75 26.73 15.20
C ARG H 97 -2.94 27.25 16.37
N ASP H 98 -2.13 26.40 17.00
CA ASP H 98 -1.28 26.83 18.11
C ASP H 98 -0.28 27.89 17.66
N ILE H 99 0.44 27.64 16.56
CA ILE H 99 1.50 28.56 16.18
C ILE H 99 0.92 29.89 15.69
N MET H 100 -0.24 29.86 15.04
CA MET H 100 -0.87 31.06 14.49
C MET H 100 -1.62 31.89 15.53
N CYS H 101 -1.56 31.52 16.82
CA CYS H 101 -2.34 32.19 17.86
C CYS H 101 -3.84 32.11 17.60
N ILE H 102 -4.28 31.02 16.96
CA ILE H 102 -5.70 30.69 16.79
C ILE H 102 -6.02 29.80 17.99
N PRO H 103 -7.21 29.86 18.58
CA PRO H 103 -7.53 28.88 19.63
C PRO H 103 -7.57 27.47 19.05
N TYR H 104 -7.09 26.52 19.85
CA TYR H 104 -6.89 25.15 19.40
C TYR H 104 -7.33 24.21 20.52
N CYS H 105 -7.15 22.92 20.28
CA CYS H 105 -7.56 21.85 21.20
C CYS H 105 -6.37 20.95 21.49
N ASN H 106 -5.97 20.89 22.76
CA ASN H 106 -4.96 19.94 23.20
C ASN H 106 -5.58 18.64 23.72
N TYR H 107 -6.81 18.31 23.29
CA TYR H 107 -7.42 17.00 23.49
C TYR H 107 -7.58 16.66 24.97
N SER H 108 -7.80 17.68 25.80
CA SER H 108 -7.89 17.50 27.24
C SER H 108 -9.32 17.40 27.73
N LYS H 109 -10.14 18.42 27.42
CA LYS H 109 -11.51 18.53 27.92
C LYS H 109 -12.46 18.74 26.74
N TYR H 110 -13.63 18.11 26.84
CA TYR H 110 -14.66 18.14 25.81
C TYR H 110 -16.00 18.44 26.46
N TRP H 111 -16.94 18.94 25.67
CA TRP H 111 -18.26 19.34 26.14
C TRP H 111 -19.35 18.82 25.21
N TYR H 112 -20.45 18.34 25.80
CA TYR H 112 -21.61 17.88 25.08
C TYR H 112 -22.87 18.54 25.64
N LEU H 113 -23.90 18.58 24.81
CA LEU H 113 -25.22 19.08 25.21
C LEU H 113 -26.06 17.90 25.67
N ASN H 114 -26.31 17.83 26.97
CA ASN H 114 -27.11 16.76 27.56
C ASN H 114 -28.57 17.18 27.57
N HIS H 115 -29.43 16.32 27.02
CA HIS H 115 -30.88 16.55 27.00
C HIS H 115 -31.47 15.86 28.22
N THR H 116 -31.79 16.66 29.25
CA THR H 116 -32.17 16.10 30.54
C THR H 116 -33.53 15.40 30.53
N THR H 117 -34.38 15.69 29.54
CA THR H 117 -35.70 15.06 29.53
C THR H 117 -35.61 13.57 29.27
N THR H 118 -34.73 13.17 28.34
CA THR H 118 -34.53 11.78 27.96
C THR H 118 -33.09 11.30 28.07
N GLY H 119 -32.15 12.17 28.46
CA GLY H 119 -30.78 11.75 28.69
C GLY H 119 -29.92 11.67 27.44
N ARG H 120 -30.48 11.87 26.26
CA ARG H 120 -29.70 11.80 25.03
C ARG H 120 -28.73 12.97 24.98
N THR H 121 -27.52 12.71 24.50
CA THR H 121 -26.46 13.71 24.42
C THR H 121 -25.83 13.69 23.03
N SER H 122 -25.38 14.86 22.59
CA SER H 122 -24.70 14.98 21.32
C SER H 122 -23.26 14.48 21.45
N LEU H 123 -22.62 14.30 20.30
CA LEU H 123 -21.20 13.95 20.31
C LEU H 123 -20.41 15.14 20.86
N PRO H 124 -19.55 14.95 21.86
CA PRO H 124 -18.91 16.12 22.47
C PRO H 124 -17.88 16.75 21.55
N LYS H 125 -17.81 18.08 21.60
CA LYS H 125 -16.79 18.85 20.91
C LYS H 125 -15.72 19.29 21.91
N CYS H 126 -14.51 19.46 21.42
CA CYS H 126 -13.40 19.79 22.31
C CYS H 126 -13.49 21.23 22.78
N TRP H 127 -13.08 21.44 24.03
CA TRP H 127 -13.03 22.78 24.60
C TRP H 127 -11.74 23.44 24.17
N LEU H 128 -11.85 24.50 23.38
CA LEU H 128 -10.68 25.15 22.83
C LEU H 128 -9.92 25.89 23.92
N VAL H 129 -8.62 26.10 23.69
CA VAL H 129 -7.72 26.70 24.67
C VAL H 129 -6.96 27.85 24.01
N SER H 130 -6.41 28.71 24.85
CA SER H 130 -5.60 29.84 24.40
C SER H 130 -4.91 30.47 25.60
N ASN H 131 -3.62 30.80 25.44
CA ASN H 131 -2.82 31.46 26.46
C ASN H 131 -2.79 30.63 27.75
N GLY H 132 -2.71 29.31 27.58
CA GLY H 132 -2.64 28.41 28.73
C GLY H 132 -3.87 28.44 29.60
N SER H 133 -5.04 28.61 29.01
CA SER H 133 -6.29 28.67 29.76
C SER H 133 -7.43 28.19 28.87
N TYR H 134 -8.38 27.47 29.48
CA TYR H 134 -9.54 27.01 28.75
C TYR H 134 -10.38 28.20 28.31
N LEU H 135 -10.86 28.15 27.07
CA LEU H 135 -11.50 29.31 26.47
C LEU H 135 -12.84 29.60 27.15
N ASN H 136 -13.20 30.88 27.13
CA ASN H 136 -14.44 31.32 27.78
C ASN H 136 -15.63 30.75 27.01
N GLU H 137 -16.59 30.18 27.73
CA GLU H 137 -17.70 29.49 27.07
C GLU H 137 -18.56 30.45 26.25
N THR H 138 -18.62 31.72 26.65
CA THR H 138 -19.42 32.69 25.91
C THR H 138 -18.79 33.07 24.58
N HIS H 139 -17.47 32.84 24.42
CA HIS H 139 -16.80 33.26 23.19
C HIS H 139 -17.29 32.47 21.98
N PHE H 140 -17.50 31.16 22.16
CA PHE H 140 -17.95 30.27 21.08
C PHE H 140 -19.39 29.81 21.30
N SER H 141 -20.22 30.64 21.94
CA SER H 141 -21.60 30.26 22.22
C SER H 141 -22.41 30.07 20.93
N ASP H 142 -22.00 30.72 19.84
CA ASP H 142 -22.67 30.52 18.56
C ASP H 142 -22.56 29.07 18.11
N ASP H 143 -21.40 28.45 18.32
CA ASP H 143 -21.24 27.05 17.97
C ASP H 143 -22.16 26.19 18.84
N ILE H 144 -22.37 26.59 20.09
CA ILE H 144 -23.26 25.85 20.99
C ILE H 144 -24.68 25.93 20.46
N GLU H 145 -25.10 27.12 20.02
CA GLU H 145 -26.44 27.27 19.44
C GLU H 145 -26.58 26.47 18.16
N GLN H 146 -25.53 26.42 17.34
CA GLN H 146 -25.58 25.60 16.13
C GLN H 146 -25.73 24.12 16.46
N GLN H 147 -25.01 23.63 17.48
CA GLN H 147 -25.16 22.24 17.88
C GLN H 147 -26.56 21.97 18.42
N ALA H 148 -27.13 22.92 19.17
CA ALA H 148 -28.51 22.80 19.61
C ALA H 148 -29.45 22.68 18.42
N ASP H 149 -29.30 23.56 17.44
CA ASP H 149 -30.17 23.56 16.27
C ASP H 149 -30.04 22.26 15.48
N ASN H 150 -28.82 21.75 15.34
CA ASN H 150 -28.64 20.47 14.65
C ASN H 150 -29.27 19.33 15.43
N MET H 151 -29.25 19.41 16.76
CA MET H 151 -29.82 18.32 17.56
C MET H 151 -31.35 18.37 17.56
N ILE H 152 -31.94 19.56 17.39
CA ILE H 152 -33.40 19.65 17.28
C ILE H 152 -33.91 18.91 16.04
N THR H 153 -33.09 18.77 15.01
CA THR H 153 -33.44 17.95 13.85
C THR H 153 -33.27 16.47 14.19
N GLU H 154 -34.15 16.00 15.08
CA GLU H 154 -34.05 14.63 15.58
C GLU H 154 -34.56 13.62 14.56
N MET H 155 -35.66 13.95 13.88
CA MET H 155 -36.33 13.03 12.96
C MET H 155 -35.98 13.38 11.52
C1 NAG I . 21.71 16.14 -27.99
C2 NAG I . 20.96 16.68 -29.20
C3 NAG I . 20.05 15.59 -29.76
C4 NAG I . 20.82 14.31 -30.05
C5 NAG I . 21.57 13.91 -28.77
C6 NAG I . 22.43 12.67 -28.89
C7 NAG I . 20.31 19.07 -29.40
C8 NAG I . 19.36 20.12 -28.87
N2 NAG I . 20.16 17.84 -28.86
O3 NAG I . 19.42 16.10 -30.90
O4 NAG I . 19.79 13.40 -30.41
O5 NAG I . 22.41 14.99 -28.37
O6 NAG I . 23.31 12.77 -29.98
O7 NAG I . 21.13 19.34 -30.25
C1 NAG I . 19.95 12.45 -31.53
C2 NAG I . 20.51 13.07 -32.83
C3 NAG I . 20.44 12.02 -33.92
C4 NAG I . 21.20 10.77 -33.50
C5 NAG I . 20.75 10.32 -32.11
C6 NAG I . 21.53 9.14 -31.56
C7 NAG I . 20.41 15.39 -33.67
C8 NAG I . 19.47 16.53 -34.01
N2 NAG I . 19.81 14.27 -33.21
O3 NAG I . 20.95 12.57 -35.11
O4 NAG I . 20.97 9.78 -34.47
O5 NAG I . 20.87 11.41 -31.20
O6 NAG I . 21.32 8.03 -32.40
O7 NAG I . 21.61 15.52 -33.80
C1 NAG J . 34.68 18.16 -2.51
C2 NAG J . 35.14 16.81 -1.97
C3 NAG J . 36.67 16.76 -2.04
C4 NAG J . 37.19 17.13 -3.42
C5 NAG J . 36.49 18.39 -3.95
C6 NAG J . 36.85 18.72 -5.38
C7 NAG J . 33.57 15.93 -0.28
C8 NAG J . 33.30 15.82 1.20
N2 NAG J . 34.69 16.59 -0.63
O3 NAG J . 37.09 15.47 -1.66
O4 NAG J . 38.57 17.35 -3.27
O5 NAG J . 35.09 18.23 -3.86
O6 NAG J . 36.48 20.05 -5.67
O7 NAG J . 32.80 15.43 -1.10
C1 NAG J . 39.31 16.39 -4.05
C2 NAG J . 40.80 16.78 -4.03
C3 NAG J . 41.67 15.70 -4.66
C4 NAG J . 41.29 14.30 -4.19
C5 NAG J . 39.79 14.12 -4.32
C6 NAG J . 39.28 12.75 -3.95
C7 NAG J . 42.10 18.77 -4.71
C8 NAG J . 42.06 20.04 -5.51
N2 NAG J . 40.97 18.03 -4.72
O3 NAG J . 43.02 15.98 -4.35
O4 NAG J . 42.00 13.39 -5.00
O5 NAG J . 39.15 15.09 -3.52
O6 NAG J . 39.73 11.80 -4.90
O7 NAG J . 43.11 18.44 -4.10
C1 FUC J . 37.51 20.64 -6.49
C2 FUC J . 36.95 21.92 -7.11
C3 FUC J . 36.68 22.95 -6.02
C4 FUC J . 37.96 23.22 -5.24
C5 FUC J . 38.49 21.89 -4.70
C6 FUC J . 39.82 22.02 -3.99
O2 FUC J . 35.80 21.60 -7.84
O3 FUC J . 36.16 24.10 -6.64
O4 FUC J . 38.88 23.85 -6.09
O5 FUC J . 38.66 20.94 -5.75
C1 NAG K . 2.86 37.45 -4.44
C2 NAG K . 2.51 38.46 -5.48
C3 NAG K . 2.03 39.72 -4.78
C4 NAG K . 0.90 39.38 -3.84
C5 NAG K . 1.34 38.31 -2.87
C6 NAG K . 0.19 37.87 -1.99
C7 NAG K . 4.12 37.85 -7.18
C8 NAG K . 3.75 38.10 -8.61
N2 NAG K . 3.68 38.72 -6.28
O3 NAG K . 1.55 40.63 -5.76
O4 NAG K . 0.66 40.53 -3.05
O5 NAG K . 1.79 37.17 -3.56
O6 NAG K . 0.70 36.89 -1.08
O7 NAG K . 4.80 36.88 -6.87
C1 NAG K . -0.50 41.27 -3.45
C2 NAG K . -0.78 42.34 -2.41
C3 NAG K . -2.01 43.13 -2.82
C4 NAG K . -1.73 43.73 -4.18
C5 NAG K . -1.43 42.62 -5.17
C6 NAG K . -1.14 43.17 -6.56
C7 NAG K . 0.00 41.56 -0.26
C8 NAG K . -0.36 40.87 1.03
N2 NAG K . -0.99 41.75 -1.11
O3 NAG K . -2.26 44.16 -1.88
O4 NAG K . -2.88 44.49 -4.60
O5 NAG K . -0.29 41.89 -4.72
O6 NAG K . -2.30 43.81 -7.07
O7 NAG K . 1.12 41.94 -0.49
C1 NAG L . 27.78 10.90 -18.81
C2 NAG L . 29.15 11.57 -18.94
C3 NAG L . 29.79 11.13 -20.26
C4 NAG L . 29.85 9.61 -20.33
C5 NAG L . 28.45 9.03 -20.09
C6 NAG L . 28.42 7.52 -20.08
C7 NAG L . 29.16 13.88 -17.89
C8 NAG L . 29.43 13.36 -16.49
N2 NAG L . 29.03 13.01 -18.92
O3 NAG L . 31.06 11.71 -20.33
O4 NAG L . 30.33 9.30 -21.62
O5 NAG L . 27.95 9.50 -18.85
O6 NAG L . 27.14 7.07 -19.70
O7 NAG L . 29.04 15.08 -18.06
C1 NAG L . 31.67 8.77 -21.54
C2 NAG L . 32.20 8.59 -22.96
C3 NAG L . 33.57 7.92 -22.89
C4 NAG L . 34.50 8.75 -22.00
C5 NAG L . 33.83 9.04 -20.65
C6 NAG L . 34.64 9.95 -19.76
C7 NAG L . 30.49 8.34 -24.72
C8 NAG L . 29.61 7.33 -25.44
N2 NAG L . 31.29 7.82 -23.76
O3 NAG L . 34.07 7.79 -24.20
O4 NAG L . 35.69 8.03 -21.85
O5 NAG L . 32.56 9.63 -20.87
O6 NAG L . 34.93 11.15 -20.43
O7 NAG L . 30.44 9.53 -25.00
C1 NAG M . 23.18 31.41 -6.83
C2 NAG M . 23.25 32.64 -7.76
C3 NAG M . 24.63 33.27 -7.66
C4 NAG M . 25.08 33.50 -6.22
C5 NAG M . 24.86 32.23 -5.40
C6 NAG M . 25.15 32.41 -3.92
C7 NAG M . 22.54 33.15 -10.06
C8 NAG M . 22.35 32.58 -11.45
N2 NAG M . 23.00 32.28 -9.13
O3 NAG M . 24.61 34.47 -8.38
O4 NAG M . 26.45 33.85 -6.27
O5 NAG M . 23.51 31.83 -5.53
O6 NAG M . 24.22 33.30 -3.35
O7 NAG M . 22.28 34.31 -9.81
C1 NAG M . 26.64 35.19 -5.79
C2 NAG M . 28.12 35.61 -5.78
C3 NAG M . 28.18 36.97 -5.09
C4 NAG M . 27.37 37.98 -5.88
C5 NAG M . 25.95 37.44 -6.15
C6 NAG M . 25.19 38.28 -7.15
C7 NAG M . 29.07 33.39 -5.01
C8 NAG M . 30.26 32.84 -4.28
N2 NAG M . 29.08 34.73 -5.13
O3 NAG M . 29.53 37.34 -4.97
O4 NAG M . 27.34 39.16 -5.14
O5 NAG M . 26.00 36.12 -6.63
O6 NAG M . 25.90 38.32 -8.37
O7 NAG M . 28.18 32.67 -5.43
C1 NAG N . -2.73 -12.94 -14.66
C2 NAG N . -2.83 -11.75 -15.60
C3 NAG N . -3.30 -12.14 -16.97
C4 NAG N . -2.52 -13.31 -17.53
C5 NAG N . -2.44 -14.44 -16.54
C6 NAG N . -1.39 -15.44 -17.00
C7 NAG N . -4.35 -9.82 -15.81
C8 NAG N . -5.72 -10.07 -16.37
N2 NAG N . -3.81 -10.82 -15.10
O3 NAG N . -3.09 -11.04 -17.86
O4 NAG N . -3.14 -13.73 -18.76
O5 NAG N . -2.03 -14.00 -15.25
O6 NAG N . -0.11 -14.82 -16.83
O7 NAG N . -3.78 -8.76 -15.98
C1 NAG N . -4.57 -14.00 -18.78
C2 NAG N . -5.34 -13.12 -19.76
C3 NAG N . -6.82 -13.30 -19.49
C4 NAG N . -7.16 -14.76 -19.62
C5 NAG N . -6.32 -15.57 -18.65
C6 NAG N . -6.63 -17.06 -18.76
C7 NAG N . -4.36 -11.04 -20.55
C8 NAG N . -5.20 -10.57 -21.70
N2 NAG N . -5.01 -11.72 -19.61
O3 NAG N . -7.55 -12.54 -20.44
O4 NAG N . -8.54 -14.97 -19.29
O5 NAG N . -4.94 -15.36 -18.92
O6 NAG N . -8.01 -17.28 -18.49
O7 NAG N . -3.17 -10.79 -20.48
C1 BMA N . -9.40 -15.51 -20.32
C2 BMA N . -9.65 -14.60 -21.51
C3 BMA N . -10.74 -15.17 -22.36
C4 BMA N . -10.37 -16.58 -22.76
C5 BMA N . -10.11 -17.43 -21.54
C6 BMA N . -9.67 -18.83 -21.94
O2 BMA N . -8.46 -14.49 -22.29
O3 BMA N . -10.84 -14.40 -23.55
O4 BMA N . -11.47 -17.13 -23.49
O5 BMA N . -9.09 -16.83 -20.75
O6 BMA N . -10.61 -19.80 -21.46
C1 MAN N . -11.66 -19.89 -22.42
C2 MAN N . -12.98 -19.34 -21.91
C3 MAN N . -13.66 -20.34 -21.01
C4 MAN N . -13.78 -21.69 -21.71
C5 MAN N . -12.44 -22.16 -22.21
C6 MAN N . -12.70 -23.41 -23.04
O2 MAN N . -13.84 -19.04 -23.01
O3 MAN N . -14.97 -19.84 -20.74
O4 MAN N . -14.25 -22.70 -20.81
O5 MAN N . -11.82 -21.18 -23.03
O6 MAN N . -13.73 -23.14 -23.99
C1 NAG O . 3.62 -14.03 -19.22
C2 NAG O . 3.95 -14.99 -20.36
C3 NAG O . 4.11 -14.20 -21.66
C4 NAG O . 2.90 -13.31 -21.91
C5 NAG O . 2.46 -12.57 -20.63
C6 NAG O . 1.13 -11.86 -20.78
C7 NAG O . 5.15 -17.00 -19.57
C8 NAG O . 6.51 -17.60 -19.34
N2 NAG O . 5.13 -15.75 -20.07
O3 NAG O . 4.33 -15.14 -22.66
O4 NAG O . 3.24 -12.33 -22.89
O5 NAG O . 2.38 -13.46 -19.54
O6 NAG O . 0.13 -12.78 -21.13
O7 NAG O . 4.13 -17.65 -19.32
C1 NAG O . 3.25 -12.89 -24.22
C2 NAG O . 2.82 -11.79 -25.21
C3 NAG O . 3.01 -12.26 -26.65
C4 NAG O . 4.40 -12.82 -26.86
C5 NAG O . 4.65 -13.92 -25.82
C6 NAG O . 6.00 -14.59 -25.95
C7 NAG O . 1.01 -10.15 -24.81
C8 NAG O . -0.48 -10.01 -24.61
N2 NAG O . 1.46 -11.40 -25.00
O3 NAG O . 2.75 -11.17 -27.49
O4 NAG O . 4.47 -13.33 -28.17
O5 NAG O . 4.54 -13.35 -24.54
O6 NAG O . 6.16 -15.53 -24.91
O7 NAG O . 1.74 -9.16 -24.79
C1 NAG P . 16.85 -25.83 13.68
C2 NAG P . 15.88 -26.88 14.22
C3 NAG P . 15.63 -26.66 15.70
C4 NAG P . 16.96 -26.61 16.46
C5 NAG P . 17.92 -25.65 15.76
C6 NAG P . 19.30 -25.61 16.38
C7 NAG P . 14.30 -27.70 12.51
C8 NAG P . 12.94 -27.47 11.90
N2 NAG P . 14.64 -26.85 13.49
O3 NAG P . 14.78 -27.73 16.07
O4 NAG P . 16.83 -26.15 17.80
O5 NAG P . 18.06 -25.98 14.39
O6 NAG P . 20.15 -24.78 15.63
O7 NAG P . 15.02 -28.60 12.11
C1 NAG P . 15.75 -26.68 18.61
C2 NAG P . 16.19 -27.98 19.30
C3 NAG P . 15.15 -28.43 20.32
C4 NAG P . 14.82 -27.30 21.28
C5 NAG P . 14.35 -26.10 20.45
C6 NAG P . 13.95 -24.90 21.28
C7 NAG P . 17.50 -29.75 18.14
C8 NAG P . 17.43 -30.82 17.08
N2 NAG P . 16.37 -29.06 18.34
O3 NAG P . 15.67 -29.55 21.00
O4 NAG P . 13.82 -27.76 22.15
O5 NAG P . 15.39 -25.72 19.57
O6 NAG P . 12.85 -25.24 22.09
O7 NAG P . 18.55 -29.54 18.75
C1 NAG Q . 32.96 -8.03 -0.78
C2 NAG Q . 33.57 -9.18 -1.57
C3 NAG Q . 34.91 -9.54 -0.95
C4 NAG Q . 35.80 -8.30 -0.84
C5 NAG Q . 35.03 -7.18 -0.12
C6 NAG Q . 35.78 -5.88 0.02
C7 NAG Q . 31.85 -10.81 -2.52
C8 NAG Q . 31.77 -10.14 -3.88
N2 NAG Q . 32.67 -10.32 -1.56
O3 NAG Q . 35.49 -10.55 -1.75
O4 NAG Q . 36.94 -8.64 -0.11
O5 NAG Q . 33.83 -6.93 -0.82
O6 NAG Q . 36.09 -5.35 -1.25
O7 NAG Q . 31.16 -11.79 -2.32
C1 NAG Q . 37.96 -9.05 -1.03
C2 NAG Q . 39.31 -8.90 -0.32
C3 NAG Q . 40.43 -9.45 -1.20
C4 NAG Q . 40.09 -10.87 -1.63
C5 NAG Q . 38.72 -10.88 -2.31
C6 NAG Q . 38.27 -12.24 -2.78
C7 NAG Q . 39.21 -6.92 1.16
C8 NAG Q . 39.54 -5.46 1.27
N2 NAG Q . 39.54 -7.51 0.00
O3 NAG Q . 41.62 -9.38 -0.47
O4 NAG Q . 41.11 -11.29 -2.52
O5 NAG Q . 37.77 -10.40 -1.39
O6 NAG Q . 38.26 -13.15 -1.70
O7 NAG Q . 38.66 -7.51 2.08
C1 FUC Q . 36.02 -3.92 -1.17
C2 FUC Q . 36.75 -3.34 -2.40
C3 FUC Q . 36.00 -3.68 -3.68
C4 FUC Q . 34.55 -3.19 -3.58
C5 FUC Q . 33.93 -3.81 -2.32
C6 FUC Q . 32.51 -3.34 -2.07
O2 FUC Q . 38.06 -3.84 -2.40
O3 FUC Q . 36.71 -3.10 -4.74
O4 FUC Q . 34.55 -1.78 -3.55
O5 FUC Q . 34.69 -3.47 -1.17
C1 NAG R . 24.32 -16.38 12.74
C2 NAG R . 25.71 -16.57 12.21
C3 NAG R . 26.34 -17.71 12.99
C4 NAG R . 26.35 -17.34 14.46
C5 NAG R . 24.93 -17.13 14.90
C6 NAG R . 24.94 -16.71 16.34
C7 NAG R . 26.19 -17.79 10.18
C8 NAG R . 26.96 -17.31 9.01
N2 NAG R . 25.51 -16.86 10.83
O3 NAG R . 27.66 -17.88 12.52
O4 NAG R . 26.89 -18.37 15.28
O5 NAG R . 24.38 -16.08 14.13
O6 NAG R . 25.66 -15.50 16.38
O7 NAG R . 26.17 -18.94 10.51
C1 NAG R . 28.21 -17.96 15.63
C2 NAG R . 28.77 -18.76 16.78
C3 NAG R . 30.13 -18.21 17.16
C4 NAG R . 31.02 -18.32 15.95
C5 NAG R . 30.39 -17.53 14.82
C6 NAG R . 31.24 -17.65 13.57
C7 NAG R . 27.07 -19.73 18.14
C8 NAG R . 26.53 -19.81 19.54
N2 NAG R . 27.89 -18.72 17.93
O3 NAG R . 30.70 -18.93 18.24
O4 NAG R . 32.32 -17.82 16.28
O5 NAG R . 29.10 -18.07 14.53
O6 NAG R . 31.25 -19.03 13.19
O7 NAG R . 26.79 -20.52 17.27
C1 NAG S . -1.87 3.44 33.74
C2 NAG S . -2.07 1.94 33.45
C3 NAG S . -3.37 1.52 34.13
C4 NAG S . -3.33 1.89 35.61
C5 NAG S . -2.93 3.37 35.79
C6 NAG S . -2.82 3.82 37.22
C7 NAG S . -2.93 1.32 31.14
C8 NAG S . -2.35 1.19 29.75
N2 NAG S . -1.99 1.68 32.03
O3 NAG S . -3.54 0.15 33.92
O4 NAG S . -4.62 1.67 36.14
O5 NAG S . -1.70 3.60 35.13
O6 NAG S . -2.56 5.21 37.27
O7 NAG S . -4.12 1.11 31.35
C1 NAG S . -4.71 0.35 36.71
C2 NAG S . -6.04 0.26 37.47
C3 NAG S . -6.29 -1.15 37.99
C4 NAG S . -6.14 -2.15 36.85
C5 NAG S . -4.78 -1.96 36.19
C6 NAG S . -4.49 -2.91 35.05
C7 NAG S . -5.15 1.30 39.56
C8 NAG S . -5.41 2.37 40.58
N2 NAG S . -6.07 1.21 38.57
O3 NAG S . -7.56 -1.19 38.57
O4 NAG S . -6.28 -3.45 37.39
O5 NAG S . -4.70 -0.64 35.71
O6 NAG S . -3.23 -2.62 34.50
O7 NAG S . -4.17 0.57 39.64
C1 NAG T . 21.84 31.31 29.34
C2 NAG T . 21.19 32.26 30.34
C3 NAG T . 20.53 33.44 29.62
C4 NAG T . 21.49 34.10 28.64
C5 NAG T . 22.02 33.01 27.70
C6 NAG T . 22.99 33.47 26.63
C7 NAG T . 20.45 31.02 32.34
C8 NAG T . 19.27 30.33 32.98
N2 NAG T . 20.21 31.56 31.13
O3 NAG T . 20.07 34.33 30.59
O4 NAG T . 20.68 35.09 28.01
O5 NAG T . 22.69 32.04 28.49
O6 NAG T . 23.99 34.29 27.18
O7 NAG T . 21.52 31.07 32.91
C1 NAG T . 21.22 36.40 27.63
C2 NAG T . 21.93 37.14 28.80
C3 NAG T . 22.31 38.54 28.33
C4 NAG T . 23.14 38.46 27.05
C5 NAG T . 22.43 37.58 26.02
C6 NAG T . 23.21 37.38 24.75
C7 NAG T . 21.40 36.96 31.29
C8 NAG T . 22.82 36.57 31.69
N2 NAG T . 21.10 37.19 29.97
O3 NAG T . 23.00 39.17 29.38
O4 NAG T . 23.32 39.78 26.59
O5 NAG T . 22.17 36.31 26.59
O6 NAG T . 22.49 36.54 23.87
O7 NAG T . 20.55 37.05 32.16
C1 NAG U . 28.73 24.32 21.40
C2 NAG U . 30.17 23.79 21.37
C3 NAG U . 31.14 24.87 21.85
C4 NAG U . 30.96 26.11 21.00
C5 NAG U . 29.50 26.56 21.10
C6 NAG U . 29.17 27.79 20.29
C7 NAG U . 30.01 22.49 23.47
C8 NAG U . 30.24 21.13 24.08
N2 NAG U . 30.30 22.59 22.16
O3 NAG U . 32.44 24.35 21.77
O4 NAG U . 31.89 27.05 21.52
O5 NAG U . 28.66 25.52 20.65
O6 NAG U . 29.47 27.56 18.93
O7 NAG U . 29.59 23.42 24.15
C1 NAG U . 32.45 27.91 20.51
C2 NAG U . 33.47 28.83 21.20
C3 NAG U . 34.04 29.81 20.17
C4 NAG U . 34.61 29.04 18.99
C5 NAG U . 33.57 28.06 18.45
C6 NAG U . 34.06 27.21 17.30
C7 NAG U . 33.22 29.36 23.61
C8 NAG U . 32.46 30.20 24.60
N2 NAG U . 32.88 29.52 22.31
O3 NAG U . 35.00 30.60 20.81
O4 NAG U . 34.99 29.99 18.02
O5 NAG U . 33.15 27.22 19.50
O6 NAG U . 35.25 26.56 17.66
O7 NAG U . 34.11 28.60 23.99
C1 NAG V . 19.74 5.39 32.40
C2 NAG V . 19.44 4.95 33.84
C3 NAG V . 20.72 4.45 34.49
C4 NAG V . 21.33 3.34 33.65
C5 NAG V . 21.44 3.78 32.19
C6 NAG V . 21.89 2.65 31.28
C7 NAG V . 19.43 7.22 34.85
C8 NAG V . 18.65 8.15 35.74
N2 NAG V . 18.87 6.01 34.65
O3 NAG V . 20.41 4.01 35.78
O4 NAG V . 22.60 3.08 34.19
O5 NAG V . 20.20 4.26 31.71
O6 NAG V . 20.98 1.58 31.36
O7 NAG V . 20.50 7.55 34.36
C1 NAG V . 22.59 1.82 34.90
C2 NAG V . 24.04 1.44 35.21
C3 NAG V . 24.07 0.17 36.05
C4 NAG V . 23.17 0.30 37.27
C5 NAG V . 21.77 0.72 36.81
C6 NAG V . 20.79 0.89 37.94
C7 NAG V . 25.58 2.23 33.46
C8 NAG V . 26.29 1.83 32.20
N2 NAG V . 24.81 1.28 34.02
O3 NAG V . 25.41 -0.07 36.41
O4 NAG V . 23.16 -0.96 37.91
O5 NAG V . 21.86 1.93 36.10
O6 NAG V . 21.31 1.82 38.87
O7 NAG V . 25.71 3.36 33.91
C1 NAG W . -3.91 23.87 -17.87
C2 NAG W . -2.97 25.08 -17.74
C3 NAG W . -3.39 26.17 -18.71
C4 NAG W . -3.39 25.62 -20.13
C5 NAG W . -4.21 24.33 -20.19
C6 NAG W . -4.11 23.67 -21.54
C7 NAG W . -1.97 25.32 -15.48
C8 NAG W . -2.16 25.94 -14.13
N2 NAG W . -2.95 25.56 -16.38
O3 NAG W . -2.50 27.24 -18.57
O4 NAG W . -3.98 26.61 -20.95
O5 NAG W . -3.78 23.41 -19.20
O6 NAG W . -2.75 23.35 -21.81
O7 NAG W . -0.98 24.64 -15.73
C1 NAG W . -2.97 27.44 -21.55
C2 NAG W . -3.60 28.14 -22.76
C3 NAG W . -2.61 29.11 -23.40
C4 NAG W . -2.09 30.06 -22.34
C5 NAG W . -1.50 29.26 -21.17
C6 NAG W . -0.97 30.13 -20.06
C7 NAG W . -5.34 26.90 -24.01
C8 NAG W . -5.57 25.83 -25.07
N2 NAG W . -4.06 27.17 -23.72
O3 NAG W . -3.27 29.77 -24.44
O4 NAG W . -1.11 30.88 -22.96
O5 NAG W . -2.49 28.40 -20.65
O6 NAG W . -1.99 30.99 -19.61
O7 NAG W . -6.30 27.44 -23.47
C1 NAG X . -8.47 -16.49 3.37
C2 NAG X . -7.78 -17.21 2.26
C3 NAG X . -8.58 -18.39 1.78
C4 NAG X . -8.93 -19.30 2.92
C5 NAG X . -9.58 -18.51 4.01
C6 NAG X . -9.82 -19.42 5.22
C7 NAG X . -6.59 -15.60 0.93
C8 NAG X . -6.51 -14.92 -0.38
N2 NAG X . -7.68 -16.32 1.14
O3 NAG X . -7.72 -19.12 0.93
O4 NAG X . -9.89 -20.23 2.43
O5 NAG X . -8.79 -17.39 4.41
O6 NAG X . -8.62 -19.56 5.97
O7 NAG X . -5.73 -15.51 1.77
C1 NAG X . -9.33 -21.53 2.18
C2 NAG X . -10.40 -22.40 1.56
C3 NAG X . -9.87 -23.78 1.26
C4 NAG X . -8.69 -23.67 0.35
C5 NAG X . -7.66 -22.78 0.99
C6 NAG X . -6.54 -22.47 0.01
C7 NAG X . -12.70 -22.00 1.93
C8 NAG X . -13.94 -22.30 2.70
N2 NAG X . -11.57 -22.50 2.40
O3 NAG X . -10.89 -24.53 0.62
O4 NAG X . -8.18 -25.01 0.21
O5 NAG X . -8.22 -21.50 1.28
O6 NAG X . -7.07 -21.63 -1.01
O7 NAG X . -12.72 -21.35 0.90
C1 BMA X . -8.50 -25.52 -1.09
C2 BMA X . -7.45 -26.51 -1.60
C3 BMA X . -7.73 -26.75 -3.08
C4 BMA X . -9.13 -27.34 -3.19
C5 BMA X . -10.10 -26.32 -2.62
C6 BMA X . -11.53 -26.82 -2.76
O2 BMA X . -7.53 -27.72 -0.85
O3 BMA X . -6.71 -27.58 -3.68
O4 BMA X . -9.42 -27.58 -4.56
O5 BMA X . -9.80 -26.09 -1.25
O6 BMA X . -11.91 -26.93 -4.13
C1 MAN X . -6.96 -28.99 -3.59
C2 MAN X . -5.70 -29.79 -3.41
C3 MAN X . -4.87 -29.66 -4.67
C4 MAN X . -5.72 -30.24 -5.79
C5 MAN X . -6.99 -29.41 -5.90
C6 MAN X . -7.88 -29.84 -7.06
O2 MAN X . -6.05 -31.17 -3.29
O3 MAN X . -3.64 -30.37 -4.55
O4 MAN X . -4.96 -30.24 -7.01
O5 MAN X . -7.70 -29.54 -4.67
O6 MAN X . -8.96 -28.92 -7.24
C1 MAN X . -6.14 -31.59 -1.92
C2 MAN X . -4.74 -31.53 -1.35
C3 MAN X . -3.82 -32.42 -2.18
C4 MAN X . -4.36 -33.84 -2.13
C5 MAN X . -5.78 -33.82 -2.67
C6 MAN X . -6.38 -35.21 -2.66
O2 MAN X . -4.80 -31.99 0.01
O3 MAN X . -2.48 -32.38 -1.71
O4 MAN X . -3.53 -34.70 -2.91
O5 MAN X . -6.58 -32.94 -1.86
O6 MAN X . -5.50 -36.11 -3.33
C1 NAG Y . -29.31 -10.69 -7.79
C2 NAG Y . -28.10 -11.19 -8.54
C3 NAG Y . -28.30 -10.88 -10.01
C4 NAG Y . -29.58 -11.53 -10.44
C5 NAG Y . -30.73 -11.01 -9.60
C6 NAG Y . -32.03 -11.65 -10.03
C7 NAG Y . -25.74 -10.56 -8.56
C8 NAG Y . -25.10 -11.90 -8.67
N2 NAG Y . -26.93 -10.56 -7.97
O3 NAG Y . -27.26 -11.43 -10.80
O4 NAG Y . -29.82 -11.09 -11.77
O5 NAG Y . -30.49 -11.30 -8.23
O6 NAG Y . -32.10 -12.94 -9.43
O7 NAG Y . -25.23 -9.54 -8.98
C1 NAG Y . -29.71 -12.20 -12.67
C2 NAG Y . -30.58 -11.91 -13.90
C3 NAG Y . -30.52 -13.06 -14.88
C4 NAG Y . -29.07 -13.35 -15.22
C5 NAG Y . -28.26 -13.59 -13.95
C6 NAG Y . -26.81 -13.80 -14.33
C7 NAG Y . -32.33 -10.44 -13.15
C8 NAG Y . -33.81 -10.26 -12.99
N2 NAG Y . -31.94 -11.66 -13.50
O3 NAG Y . -31.19 -12.70 -16.09
O4 NAG Y . -29.03 -14.53 -16.02
O5 NAG Y . -28.37 -12.49 -13.05
O6 NAG Y . -26.74 -14.88 -15.26
O7 NAG Y . -31.53 -9.54 -12.99
C1 NAG Z . -4.52 21.48 27.92
C2 NAG Z . -3.80 20.70 29.02
C3 NAG Z . -4.37 21.07 30.39
C4 NAG Z . -4.38 22.58 30.60
C5 NAG Z . -5.01 23.26 29.37
C6 NAG Z . -4.97 24.78 29.44
C7 NAG Z . -3.04 18.52 28.16
C8 NAG Z . -3.40 17.05 28.07
N2 NAG Z . -3.92 19.29 28.81
O3 NAG Z . -3.61 20.41 31.36
O4 NAG Z . -5.15 22.82 31.75
O5 NAG Z . -4.36 22.85 28.19
O6 NAG Z . -3.63 25.22 29.49
O7 NAG Z . -2.01 18.95 27.65
C1 NAG Z . -4.33 22.91 32.94
C2 NAG Z . -5.23 23.39 34.09
C3 NAG Z . -4.45 23.45 35.39
C4 NAG Z . -3.80 22.09 35.66
C5 NAG Z . -2.96 21.68 34.45
C6 NAG Z . -2.33 20.32 34.63
C7 NAG Z . -7.12 24.96 33.82
C8 NAG Z . -7.48 26.38 33.48
N2 NAG Z . -5.80 24.67 33.80
O3 NAG Z . -5.33 23.82 36.41
O4 NAG Z . -3.00 22.23 36.81
O5 NAG Z . -3.78 21.66 33.29
O6 NAG Z . -1.51 20.33 35.77
O7 NAG Z . -8.00 24.15 34.08
C1 NAG AA . 14.21 28.16 -24.17
C2 NAG AA . 15.10 28.01 -25.41
C3 NAG AA . 16.54 28.42 -25.07
C4 NAG AA . 16.56 29.81 -24.45
C5 NAG AA . 15.61 29.82 -23.25
C6 NAG AA . 15.56 31.17 -22.55
C7 NAG AA . 14.48 26.22 -27.01
C8 NAG AA . 14.62 24.76 -27.29
N2 NAG AA . 15.08 26.65 -25.88
O3 NAG AA . 17.28 28.36 -26.25
O4 NAG AA . 17.89 30.07 -24.07
O5 NAG AA . 14.32 29.48 -23.68
O6 NAG AA . 16.83 31.49 -22.04
O7 NAG AA . 13.87 26.96 -27.77
C1 NAG BA . 9.88 40.79 -3.22
C2 NAG BA . 9.87 42.17 -3.90
C3 NAG BA . 10.13 43.26 -2.86
C4 NAG BA . 9.12 43.14 -1.74
C5 NAG BA . 9.16 41.72 -1.16
C6 NAG BA . 8.17 41.50 -0.04
C7 NAG BA . 10.62 42.44 -6.26
C8 NAG BA . 11.83 42.44 -7.15
N2 NAG BA . 10.86 42.22 -4.94
O3 NAG BA . 10.06 44.50 -3.52
O4 NAG BA . 9.45 44.11 -0.77
O5 NAG BA . 8.91 40.79 -2.19
O6 NAG BA . 8.45 42.38 1.01
O7 NAG BA . 9.50 42.61 -6.71
C1 NAG CA . 9.15 -28.34 2.13
C2 NAG CA . 10.20 -28.29 1.02
C3 NAG CA . 11.11 -29.52 1.04
C4 NAG CA . 11.66 -29.74 2.43
C5 NAG CA . 10.48 -29.85 3.40
C6 NAG CA . 10.89 -30.13 4.83
C7 NAG CA . 9.99 -27.35 -1.26
C8 NAG CA . 9.18 -27.39 -2.53
N2 NAG CA . 9.58 -28.17 -0.27
O3 NAG CA . 12.12 -29.32 0.10
O4 NAG CA . 12.43 -30.93 2.41
O5 NAG CA . 9.74 -28.65 3.37
O6 NAG CA . 9.76 -30.06 5.67
O7 NAG CA . 10.96 -26.60 -1.16
C1 NAG DA . 18.82 -15.14 -10.54
C2 NAG DA . 18.89 -16.64 -10.59
C3 NAG DA . 20.30 -17.00 -10.95
C4 NAG DA . 20.60 -16.36 -12.29
C5 NAG DA . 20.46 -14.87 -12.17
C6 NAG DA . 20.76 -14.21 -13.50
C7 NAG DA . 18.63 -18.32 -8.88
C8 NAG DA . 17.63 -19.27 -9.47
N2 NAG DA . 18.50 -17.08 -9.28
O3 NAG DA . 20.48 -18.40 -11.06
O4 NAG DA . 21.94 -16.67 -12.67
O5 NAG DA . 19.13 -14.58 -11.80
O6 NAG DA . 22.01 -14.71 -13.97
O7 NAG DA . 19.46 -18.66 -8.06
C1 NAG EA . 4.41 -1.10 36.58
C2 NAG EA . 4.95 -1.35 37.99
C3 NAG EA . 5.17 -2.84 38.21
C4 NAG EA . 3.90 -3.61 37.87
C5 NAG EA . 3.44 -3.23 36.47
C6 NAG EA . 2.19 -3.94 36.03
C7 NAG EA . 6.44 0.23 39.19
C8 NAG EA . 7.82 0.86 39.19
N2 NAG EA . 6.20 -0.64 38.19
O3 NAG EA . 5.56 -3.04 39.55
O4 NAG EA . 4.20 -4.99 37.97
O5 NAG EA . 3.23 -1.83 36.40
O6 NAG EA . 2.42 -5.33 36.01
O7 NAG EA . 5.63 0.53 40.06
C1 NAG FA . 33.28 7.37 19.46
C2 NAG FA . 34.10 7.10 20.76
C3 NAG FA . 35.52 7.65 20.63
C4 NAG FA . 36.18 7.14 19.37
C5 NAG FA . 35.30 7.52 18.18
C6 NAG FA . 35.87 7.10 16.86
C7 NAG FA . 33.64 7.25 23.19
C8 NAG FA . 32.92 8.03 24.26
N2 NAG FA . 33.50 7.71 21.93
O3 NAG FA . 36.25 7.28 21.77
O4 NAG FA . 37.46 7.71 19.29
O5 NAG FA . 34.02 6.93 18.36
O6 NAG FA . 37.14 7.69 16.68
O7 NAG FA . 34.30 6.26 23.47
C1 NAG GA . 12.75 22.81 37.17
C2 NAG GA . 13.66 23.90 37.73
C3 NAG GA . 15.06 23.32 37.94
C4 NAG GA . 14.95 22.14 38.89
C5 NAG GA . 13.93 21.13 38.35
C6 NAG GA . 13.70 19.96 39.29
C7 NAG GA . 12.97 26.17 37.06
C8 NAG GA . 13.19 27.27 36.03
N2 NAG GA . 13.70 25.05 36.87
O3 NAG GA . 15.88 24.33 38.45
O4 NAG GA . 16.24 21.56 38.98
O5 NAG GA . 12.69 21.77 38.11
O6 NAG GA . 14.94 19.34 39.55
O7 NAG GA . 12.20 26.33 37.99
C1 NAG HA . -24.36 33.89 -10.78
C2 NAG HA . -23.04 34.38 -10.14
C3 NAG HA . -23.33 35.53 -9.16
C4 NAG HA . -24.16 36.61 -9.82
C5 NAG HA . -25.44 35.97 -10.33
C6 NAG HA . -26.40 36.96 -10.97
C7 NAG HA . -21.71 33.12 -8.34
C8 NAG HA . -21.07 31.77 -8.13
N2 NAG HA . -22.33 33.25 -9.56
O3 NAG HA . -22.10 36.06 -8.72
O4 NAG HA . -24.42 37.59 -8.84
O5 NAG HA . -25.10 34.99 -11.27
O6 NAG HA . -26.68 38.00 -10.06
O7 NAG HA . -21.62 33.94 -7.46
C1 NAG IA . -4.35 14.19 -29.34
C2 NAG IA . -5.44 13.20 -29.76
C3 NAG IA . -4.90 12.23 -30.83
C4 NAG IA . -4.29 13.03 -31.97
C5 NAG IA . -3.24 13.99 -31.39
C6 NAG IA . -2.50 14.82 -32.43
C7 NAG IA . -5.57 11.69 -27.69
C8 NAG IA . -4.13 11.22 -27.71
N2 NAG IA . -6.06 12.55 -28.63
O3 NAG IA . -5.97 11.43 -31.27
O4 NAG IA . -3.71 12.10 -32.87
O5 NAG IA . -3.86 14.86 -30.48
O6 NAG IA . -1.61 15.70 -31.80
O7 NAG IA . -6.30 11.27 -26.81
C1 NAG JA . -15.11 22.83 -29.59
C2 NAG JA . -16.34 22.93 -30.51
C3 NAG JA . -16.08 23.95 -31.62
C4 NAG JA . -15.65 25.28 -31.01
C5 NAG JA . -14.47 25.06 -30.05
C6 NAG JA . -14.01 26.31 -29.35
C7 NAG JA . -17.68 20.86 -30.66
C8 NAG JA . -17.84 19.55 -31.41
N2 NAG JA . -16.68 21.66 -31.08
O3 NAG JA . -17.23 24.07 -32.39
O4 NAG JA . -15.30 26.14 -32.07
O5 NAG JA . -14.84 24.11 -29.07
O6 NAG JA . -13.54 27.25 -30.31
O7 NAG JA . -18.42 21.13 -29.72
C1 NAG KA . -22.01 -23.07 10.70
C2 NAG KA . -22.28 -22.69 9.24
C3 NAG KA . -23.75 -22.84 8.93
C4 NAG KA . -24.14 -24.29 9.20
C5 NAG KA . -23.83 -24.63 10.64
C6 NAG KA . -24.14 -26.10 10.93
C7 NAG KA . -21.00 -21.11 7.97
C8 NAG KA . -21.59 -21.05 6.60
N2 NAG KA . -21.87 -21.34 8.95
O3 NAG KA . -24.01 -22.47 7.57
O4 NAG KA . -25.54 -24.48 8.94
O5 NAG KA . -22.44 -24.42 10.88
O6 NAG KA . -23.71 -26.43 12.25
O7 NAG KA . -19.81 -20.96 8.16
C1 NAG LA . -11.89 -20.84 16.84
C2 NAG LA . -13.36 -21.14 17.04
C3 NAG LA . -13.76 -20.89 18.49
C4 NAG LA . -12.86 -21.69 19.41
C5 NAG LA . -11.40 -21.38 19.14
C6 NAG LA . -10.49 -22.25 20.01
C7 NAG LA . -15.31 -19.86 16.28
C8 NAG LA . -16.39 -20.90 16.30
N2 NAG LA . -14.08 -20.31 16.10
O3 NAG LA . -15.09 -21.31 18.76
O4 NAG LA . -13.22 -21.42 20.76
O5 NAG LA . -11.10 -21.60 17.77
O6 NAG LA . -9.13 -21.81 19.91
O7 NAG LA . -15.55 -18.68 16.42
C1 NAG MA . -27.07 13.41 31.19
C2 NAG MA . -25.95 12.44 31.57
C3 NAG MA . -26.50 11.27 32.38
C4 NAG MA . -27.34 11.77 33.54
C5 NAG MA . -28.42 12.70 33.00
C6 NAG MA . -29.33 13.26 34.06
C7 NAG MA . -23.99 12.19 30.08
C8 NAG MA . -23.51 11.55 28.80
N2 NAG MA . -25.27 11.94 30.40
O3 NAG MA . -25.42 10.49 32.82
O4 NAG MA . -27.89 10.64 34.17
O5 NAG MA . -27.80 13.77 32.33
O6 NAG MA . -30.03 12.22 34.70
O7 NAG MA . -23.23 12.88 30.76
C1 NAG NA . -2.28 35.75 27.06
C2 NAG NA . -0.83 35.63 27.54
C3 NAG NA . -0.71 36.31 28.89
C4 NAG NA . -1.12 37.77 28.76
C5 NAG NA . -2.51 37.85 28.15
C6 NAG NA . -2.97 39.27 27.86
C7 NAG NA . 0.68 33.73 26.98
C8 NAG NA . 0.94 32.26 27.23
N2 NAG NA . -0.39 34.25 27.63
O3 NAG NA . 0.62 36.16 29.33
O4 NAG NA . -1.06 38.34 30.04
O5 NAG NA . -2.57 37.13 26.94
O6 NAG NA . -4.15 39.25 27.09
O7 NAG NA . 1.42 34.37 26.25
C1 NAG OA . -15.51 33.49 31.45
C2 NAG OA . -16.69 32.95 32.27
C3 NAG OA . -16.67 33.42 33.73
C4 NAG OA . -15.28 33.48 34.33
C5 NAG OA . -14.39 34.27 33.38
C6 NAG OA . -13.00 34.55 33.90
C7 NAG OA . -19.17 33.14 32.10
C8 NAG OA . -20.29 33.73 31.28
N2 NAG OA . -17.92 33.39 31.65
O3 NAG OA . -17.49 32.56 34.48
O4 NAG OA . -15.40 34.10 35.59
O5 NAG OA . -14.31 33.52 32.20
O6 NAG OA . -12.26 35.23 32.91
O7 NAG OA . -19.42 32.47 33.09
#